data_2IFR
# 
_entry.id   2IFR 
# 
_audit_conform.dict_name       mmcif_pdbx.dic 
_audit_conform.dict_version    5.398 
_audit_conform.dict_location   http://mmcif.pdb.org/dictionaries/ascii/mmcif_pdbx.dic 
# 
loop_
_database_2.database_id 
_database_2.database_code 
_database_2.pdbx_database_accession 
_database_2.pdbx_DOI 
PDB   2IFR         pdb_00002ifr 10.2210/pdb2ifr/pdb 
RCSB  RCSB039521   ?            ?                   
WWPDB D_1000039521 ?            ?                   
# 
loop_
_pdbx_audit_revision_history.ordinal 
_pdbx_audit_revision_history.data_content_type 
_pdbx_audit_revision_history.major_revision 
_pdbx_audit_revision_history.minor_revision 
_pdbx_audit_revision_history.revision_date 
1 'Structure model' 1 0 2006-10-03 
2 'Structure model' 1 1 2008-05-01 
3 'Structure model' 1 2 2011-07-13 
4 'Structure model' 1 3 2023-08-30 
5 'Structure model' 1 4 2023-11-15 
6 'Structure model' 2 0 2024-07-10 
7 'Structure model' 2 1 2024-11-06 
# 
_pdbx_audit_revision_details.ordinal             1 
_pdbx_audit_revision_details.revision_ordinal    1 
_pdbx_audit_revision_details.data_content_type   'Structure model' 
_pdbx_audit_revision_details.provider            repository 
_pdbx_audit_revision_details.type                'Initial release' 
_pdbx_audit_revision_details.description         ? 
_pdbx_audit_revision_details.details             ? 
# 
loop_
_pdbx_audit_revision_group.ordinal 
_pdbx_audit_revision_group.revision_ordinal 
_pdbx_audit_revision_group.data_content_type 
_pdbx_audit_revision_group.group 
1  2 'Structure model' 'Version format compliance' 
2  3 'Structure model' 'Atomic model'              
3  3 'Structure model' 'Database references'       
4  3 'Structure model' 'Derived calculations'      
5  3 'Structure model' 'Non-polymer description'   
6  3 'Structure model' 'Structure summary'         
7  3 'Structure model' 'Version format compliance' 
8  4 'Structure model' 'Data collection'           
9  4 'Structure model' 'Database references'       
10 4 'Structure model' 'Derived calculations'      
11 4 'Structure model' 'Refinement description'    
12 5 'Structure model' 'Data collection'           
13 5 'Structure model' 'Derived calculations'      
14 6 'Structure model' 'Data collection'           
15 6 'Structure model' 'Derived calculations'      
16 6 'Structure model' 'Non-polymer description'   
17 6 'Structure model' 'Structure summary'         
18 7 'Structure model' 'Structure summary'         
# 
loop_
_pdbx_audit_revision_category.ordinal 
_pdbx_audit_revision_category.revision_ordinal 
_pdbx_audit_revision_category.data_content_type 
_pdbx_audit_revision_category.category 
1  4 'Structure model' chem_comp_atom                
2  4 'Structure model' chem_comp_bond                
3  4 'Structure model' database_2                    
4  4 'Structure model' pdbx_initial_refinement_model 
5  4 'Structure model' struct_conn                   
6  4 'Structure model' struct_site                   
7  5 'Structure model' chem_comp_atom                
8  5 'Structure model' chem_comp_bond                
9  5 'Structure model' struct_conn                   
10 6 'Structure model' chem_comp                     
11 6 'Structure model' chem_comp_atom                
12 6 'Structure model' chem_comp_bond                
13 6 'Structure model' entity                        
14 6 'Structure model' struct_conn                   
15 7 'Structure model' pdbx_entry_details            
16 7 'Structure model' pdbx_modification_feature     
# 
loop_
_pdbx_audit_revision_item.ordinal 
_pdbx_audit_revision_item.revision_ordinal 
_pdbx_audit_revision_item.data_content_type 
_pdbx_audit_revision_item.item 
1  4 'Structure model' '_database_2.pdbx_DOI'                
2  4 'Structure model' '_database_2.pdbx_database_accession' 
3  4 'Structure model' '_struct_conn.pdbx_dist_value'        
4  4 'Structure model' '_struct_conn.pdbx_leaving_atom_flag' 
5  4 'Structure model' '_struct_conn.ptnr1_auth_comp_id'     
6  4 'Structure model' '_struct_conn.ptnr1_auth_seq_id'      
7  4 'Structure model' '_struct_conn.ptnr1_label_comp_id'    
8  4 'Structure model' '_struct_conn.ptnr1_label_seq_id'     
9  4 'Structure model' '_struct_conn.ptnr2_auth_comp_id'     
10 4 'Structure model' '_struct_conn.ptnr2_auth_seq_id'      
11 4 'Structure model' '_struct_conn.ptnr2_label_comp_id'    
12 4 'Structure model' '_struct_conn.ptnr2_label_seq_id'     
13 4 'Structure model' '_struct_site.pdbx_auth_asym_id'      
14 4 'Structure model' '_struct_site.pdbx_auth_comp_id'      
15 4 'Structure model' '_struct_site.pdbx_auth_seq_id'       
16 5 'Structure model' '_chem_comp_atom.atom_id'             
17 5 'Structure model' '_chem_comp_bond.atom_id_2'           
18 5 'Structure model' '_struct_conn.pdbx_leaving_atom_flag' 
19 6 'Structure model' '_chem_comp.formula'                  
20 6 'Structure model' '_chem_comp.formula_weight'           
21 6 'Structure model' '_entity.formula_weight'              
22 6 'Structure model' '_struct_conn.pdbx_leaving_atom_flag' 
# 
_pdbx_database_status.status_code                     REL 
_pdbx_database_status.entry_id                        2IFR 
_pdbx_database_status.recvd_initial_deposition_date   2006-09-21 
_pdbx_database_status.deposit_site                    RCSB 
_pdbx_database_status.process_site                    RCSB 
_pdbx_database_status.status_code_sf                  REL 
_pdbx_database_status.status_code_mr                  ? 
_pdbx_database_status.SG_entry                        ? 
_pdbx_database_status.status_code_cs                  ? 
_pdbx_database_status.pdb_format_compatible           Y 
_pdbx_database_status.status_code_nmr_data            ? 
_pdbx_database_status.methods_development_category    ? 
# 
loop_
_pdbx_database_related.db_name 
_pdbx_database_related.db_id 
_pdbx_database_related.details 
_pdbx_database_related.content_type 
PDB 1S2B . unspecified 
PDB 1S2K . unspecified 
# 
loop_
_audit_author.name 
_audit_author.pdbx_ordinal 
'Pillai, B.'    1 
'Cherney, M.M.' 2 
'Hiraga, K.'    3 
'Takada, K.'    4 
'Oda, K.'       5 
'James, M.N.'   6 
# 
_citation.id                        primary 
_citation.title                     
;Crystal structure of scytalidoglutamic peptidase with its first potent inhibitor provides insights into substrate specificity and catalysis.
;
_citation.journal_abbrev            J.Mol.Biol. 
_citation.journal_volume            365 
_citation.page_first                343 
_citation.page_last                 361 
_citation.year                      2007 
_citation.journal_id_ASTM           JMOBAK 
_citation.country                   UK 
_citation.journal_id_ISSN           0022-2836 
_citation.journal_id_CSD            0070 
_citation.book_publisher            ? 
_citation.pdbx_database_id_PubMed   17069854 
_citation.pdbx_database_id_DOI      10.1016/j.jmb.2006.09.058 
# 
loop_
_citation_author.citation_id 
_citation_author.name 
_citation_author.ordinal 
_citation_author.identifier_ORCID 
primary 'Pillai, B.'    1 ? 
primary 'Cherney, M.M.' 2 ? 
primary 'Hiraga, K.'    3 ? 
primary 'Takada, K.'    4 ? 
primary 'Oda, K.'       5 ? 
primary 'James, M.N.'   6 ? 
# 
loop_
_entity.id 
_entity.type 
_entity.src_method 
_entity.pdbx_description 
_entity.formula_weight 
_entity.pdbx_number_of_molecules 
_entity.pdbx_ec 
_entity.pdbx_mutation 
_entity.pdbx_fragment 
_entity.details 
1 polymer     man 'Scytalidopepsin B' 21553.812 1   3.4.23.32 ? ? ? 
2 polymer     syn Octapeptide         970.191   1   ?         ? ? ? 
3 non-polymer syn 'ACETIC ACID'       60.052    1   ?         ? ? ? 
4 water       nat water               18.015    137 ?         ? ? ? 
# 
_entity_name_com.entity_id   1 
_entity_name_com.name        'Acid protease B, SLB' 
# 
loop_
_entity_poly.entity_id 
_entity_poly.type 
_entity_poly.nstd_linkage 
_entity_poly.nstd_monomer 
_entity_poly.pdbx_seq_one_letter_code 
_entity_poly.pdbx_seq_one_letter_code_can 
_entity_poly.pdbx_strand_id 
_entity_poly.pdbx_target_identifier 
1 'polypeptide(L)' no no  
;TVESNWGGAILIGSDFDTVSATANVPSASGGSSAAGTAWVGIDGDTCQTAILQTGFDWYGDGTYDAWYEWYPEVSDDFSG
ITISEGDSIQMSVTATSDTSGSATLENLTTGQKVSKSFSNESSGSLCRTNAEFIIEDFEECNSNGSDCEFVPFASFSPAV
EFTDCSVTSDGESVSLDDAQITQVIINNQDVTDCSVSGTTVSCSYV
;
;TVESNWGGAILIGSDFDTVSATANVPSASGGSSAAGTAWVGIDGDTCQTAILQTGFDWYGDGTYDAWYEWYPEVSDDFSG
ITISEGDSIQMSVTATSDTSGSATLENLTTGQKVSKSFSNESSGSLCRTNAEFIIEDFEECNSNGSDCEFVPFASFSPAV
EFTDCSVTSDGESVSLDDAQITQVIINNQDVTDCSVSGTTVSCSYV
;
A ? 
2 'polypeptide(L)' no yes '(ACE)FKF(TA2)ALR(NH2)' XFKFXALRX B ? 
# 
loop_
_pdbx_entity_nonpoly.entity_id 
_pdbx_entity_nonpoly.name 
_pdbx_entity_nonpoly.comp_id 
3 'ACETIC ACID' ACY 
4 water         HOH 
# 
loop_
_entity_poly_seq.entity_id 
_entity_poly_seq.num 
_entity_poly_seq.mon_id 
_entity_poly_seq.hetero 
1 1   THR n 
1 2   VAL n 
1 3   GLU n 
1 4   SER n 
1 5   ASN n 
1 6   TRP n 
1 7   GLY n 
1 8   GLY n 
1 9   ALA n 
1 10  ILE n 
1 11  LEU n 
1 12  ILE n 
1 13  GLY n 
1 14  SER n 
1 15  ASP n 
1 16  PHE n 
1 17  ASP n 
1 18  THR n 
1 19  VAL n 
1 20  SER n 
1 21  ALA n 
1 22  THR n 
1 23  ALA n 
1 24  ASN n 
1 25  VAL n 
1 26  PRO n 
1 27  SER n 
1 28  ALA n 
1 29  SER n 
1 30  GLY n 
1 31  GLY n 
1 32  SER n 
1 33  SER n 
1 34  ALA n 
1 35  ALA n 
1 36  GLY n 
1 37  THR n 
1 38  ALA n 
1 39  TRP n 
1 40  VAL n 
1 41  GLY n 
1 42  ILE n 
1 43  ASP n 
1 44  GLY n 
1 45  ASP n 
1 46  THR n 
1 47  CYS n 
1 48  GLN n 
1 49  THR n 
1 50  ALA n 
1 51  ILE n 
1 52  LEU n 
1 53  GLN n 
1 54  THR n 
1 55  GLY n 
1 56  PHE n 
1 57  ASP n 
1 58  TRP n 
1 59  TYR n 
1 60  GLY n 
1 61  ASP n 
1 62  GLY n 
1 63  THR n 
1 64  TYR n 
1 65  ASP n 
1 66  ALA n 
1 67  TRP n 
1 68  TYR n 
1 69  GLU n 
1 70  TRP n 
1 71  TYR n 
1 72  PRO n 
1 73  GLU n 
1 74  VAL n 
1 75  SER n 
1 76  ASP n 
1 77  ASP n 
1 78  PHE n 
1 79  SER n 
1 80  GLY n 
1 81  ILE n 
1 82  THR n 
1 83  ILE n 
1 84  SER n 
1 85  GLU n 
1 86  GLY n 
1 87  ASP n 
1 88  SER n 
1 89  ILE n 
1 90  GLN n 
1 91  MET n 
1 92  SER n 
1 93  VAL n 
1 94  THR n 
1 95  ALA n 
1 96  THR n 
1 97  SER n 
1 98  ASP n 
1 99  THR n 
1 100 SER n 
1 101 GLY n 
1 102 SER n 
1 103 ALA n 
1 104 THR n 
1 105 LEU n 
1 106 GLU n 
1 107 ASN n 
1 108 LEU n 
1 109 THR n 
1 110 THR n 
1 111 GLY n 
1 112 GLN n 
1 113 LYS n 
1 114 VAL n 
1 115 SER n 
1 116 LYS n 
1 117 SER n 
1 118 PHE n 
1 119 SER n 
1 120 ASN n 
1 121 GLU n 
1 122 SER n 
1 123 SER n 
1 124 GLY n 
1 125 SER n 
1 126 LEU n 
1 127 CYS n 
1 128 ARG n 
1 129 THR n 
1 130 ASN n 
1 131 ALA n 
1 132 GLU n 
1 133 PHE n 
1 134 ILE n 
1 135 ILE n 
1 136 GLU n 
1 137 ASP n 
1 138 PHE n 
1 139 GLU n 
1 140 GLU n 
1 141 CYS n 
1 142 ASN n 
1 143 SER n 
1 144 ASN n 
1 145 GLY n 
1 146 SER n 
1 147 ASP n 
1 148 CYS n 
1 149 GLU n 
1 150 PHE n 
1 151 VAL n 
1 152 PRO n 
1 153 PHE n 
1 154 ALA n 
1 155 SER n 
1 156 PHE n 
1 157 SER n 
1 158 PRO n 
1 159 ALA n 
1 160 VAL n 
1 161 GLU n 
1 162 PHE n 
1 163 THR n 
1 164 ASP n 
1 165 CYS n 
1 166 SER n 
1 167 VAL n 
1 168 THR n 
1 169 SER n 
1 170 ASP n 
1 171 GLY n 
1 172 GLU n 
1 173 SER n 
1 174 VAL n 
1 175 SER n 
1 176 LEU n 
1 177 ASP n 
1 178 ASP n 
1 179 ALA n 
1 180 GLN n 
1 181 ILE n 
1 182 THR n 
1 183 GLN n 
1 184 VAL n 
1 185 ILE n 
1 186 ILE n 
1 187 ASN n 
1 188 ASN n 
1 189 GLN n 
1 190 ASP n 
1 191 VAL n 
1 192 THR n 
1 193 ASP n 
1 194 CYS n 
1 195 SER n 
1 196 VAL n 
1 197 SER n 
1 198 GLY n 
1 199 THR n 
1 200 THR n 
1 201 VAL n 
1 202 SER n 
1 203 CYS n 
1 204 SER n 
1 205 TYR n 
1 206 VAL n 
2 1   ACE n 
2 2   PHE n 
2 3   LYS n 
2 4   PHE n 
2 5   TA2 n 
2 6   ALA n 
2 7   LEU n 
2 8   ARG n 
2 9   NH2 n 
# 
_entity_src_gen.entity_id                          1 
_entity_src_gen.pdbx_src_id                        1 
_entity_src_gen.pdbx_alt_source_flag               sample 
_entity_src_gen.pdbx_seq_type                      ? 
_entity_src_gen.pdbx_beg_seq_num                   ? 
_entity_src_gen.pdbx_end_seq_num                   ? 
_entity_src_gen.gene_src_common_name               ? 
_entity_src_gen.gene_src_genus                     Scytalidium 
_entity_src_gen.pdbx_gene_src_gene                 ? 
_entity_src_gen.gene_src_species                   ? 
_entity_src_gen.gene_src_strain                    ? 
_entity_src_gen.gene_src_tissue                    ? 
_entity_src_gen.gene_src_tissue_fraction           ? 
_entity_src_gen.gene_src_details                   ? 
_entity_src_gen.pdbx_gene_src_fragment             ? 
_entity_src_gen.pdbx_gene_src_scientific_name      'Scytalidium lignicola' 
_entity_src_gen.pdbx_gene_src_ncbi_taxonomy_id     5539 
_entity_src_gen.pdbx_gene_src_variant              ? 
_entity_src_gen.pdbx_gene_src_cell_line            ? 
_entity_src_gen.pdbx_gene_src_atcc                 ? 
_entity_src_gen.pdbx_gene_src_organ                ? 
_entity_src_gen.pdbx_gene_src_organelle            ? 
_entity_src_gen.pdbx_gene_src_cell                 ? 
_entity_src_gen.pdbx_gene_src_cellular_location    ? 
_entity_src_gen.host_org_common_name               ? 
_entity_src_gen.pdbx_host_org_scientific_name      'Escherichia coli' 
_entity_src_gen.pdbx_host_org_ncbi_taxonomy_id     562 
_entity_src_gen.host_org_genus                     Escherichia 
_entity_src_gen.pdbx_host_org_gene                 ? 
_entity_src_gen.pdbx_host_org_organ                ? 
_entity_src_gen.host_org_species                   ? 
_entity_src_gen.pdbx_host_org_tissue               ? 
_entity_src_gen.pdbx_host_org_tissue_fraction      ? 
_entity_src_gen.pdbx_host_org_strain               ? 
_entity_src_gen.pdbx_host_org_variant              ? 
_entity_src_gen.pdbx_host_org_cell_line            ? 
_entity_src_gen.pdbx_host_org_atcc                 ? 
_entity_src_gen.pdbx_host_org_culture_collection   ? 
_entity_src_gen.pdbx_host_org_cell                 ? 
_entity_src_gen.pdbx_host_org_organelle            ? 
_entity_src_gen.pdbx_host_org_cellular_location    ? 
_entity_src_gen.pdbx_host_org_vector_type          ? 
_entity_src_gen.pdbx_host_org_vector               ? 
_entity_src_gen.host_org_details                   ? 
_entity_src_gen.expression_system_id               ? 
_entity_src_gen.plasmid_name                       ? 
_entity_src_gen.plasmid_details                    ? 
_entity_src_gen.pdbx_description                   ? 
# 
loop_
_chem_comp.id 
_chem_comp.type 
_chem_comp.mon_nstd_flag 
_chem_comp.name 
_chem_comp.pdbx_synonyms 
_chem_comp.formula 
_chem_comp.formula_weight 
ACE non-polymer         . 'ACETYL GROUP'                             ? 'C2 H4 O'        44.053  
ACY non-polymer         . 'ACETIC ACID'                              ? 'C2 H4 O2'       60.052  
ALA 'L-peptide linking' y ALANINE                                    ? 'C3 H7 N O2'     89.093  
ARG 'L-peptide linking' y ARGININE                                   ? 'C6 H15 N4 O2 1' 175.209 
ASN 'L-peptide linking' y ASPARAGINE                                 ? 'C4 H8 N2 O3'    132.118 
ASP 'L-peptide linking' y 'ASPARTIC ACID'                            ? 'C4 H7 N O4'     133.103 
CYS 'L-peptide linking' y CYSTEINE                                   ? 'C3 H7 N O2 S'   121.158 
GLN 'L-peptide linking' y GLUTAMINE                                  ? 'C5 H10 N2 O3'   146.144 
GLU 'L-peptide linking' y 'GLUTAMIC ACID'                            ? 'C5 H9 N O4'     147.129 
GLY 'peptide linking'   y GLYCINE                                    ? 'C2 H5 N O2'     75.067  
HOH non-polymer         . WATER                                      ? 'H2 O'           18.015  
ILE 'L-peptide linking' y ISOLEUCINE                                 ? 'C6 H13 N O2'    131.173 
LEU 'L-peptide linking' y LEUCINE                                    ? 'C6 H13 N O2'    131.173 
LYS 'L-peptide linking' y LYSINE                                     ? 'C6 H15 N2 O2 1' 147.195 
MET 'L-peptide linking' y METHIONINE                                 ? 'C5 H11 N O2 S'  149.211 
NH2 non-polymer         . 'AMINO GROUP'                              ? 'H2 N'           16.023  
PHE 'L-peptide linking' y PHENYLALANINE                              ? 'C9 H11 N O2'    165.189 
PRO 'L-peptide linking' y PROLINE                                    ? 'C5 H9 N O2'     115.130 
SER 'L-peptide linking' y SERINE                                     ? 'C3 H7 N O3'     105.093 
TA2 non-polymer         . '(2R,3S)-3-AMINO-3-PHENYLPROPANE-1,2-DIOL' ? 'C9 H11 N O3'    181.189 
THR 'L-peptide linking' y THREONINE                                  ? 'C4 H9 N O3'     119.119 
TRP 'L-peptide linking' y TRYPTOPHAN                                 ? 'C11 H12 N2 O2'  204.225 
TYR 'L-peptide linking' y TYROSINE                                   ? 'C9 H11 N O3'    181.189 
VAL 'L-peptide linking' y VALINE                                     ? 'C5 H11 N O2'    117.146 
# 
loop_
_pdbx_poly_seq_scheme.asym_id 
_pdbx_poly_seq_scheme.entity_id 
_pdbx_poly_seq_scheme.seq_id 
_pdbx_poly_seq_scheme.mon_id 
_pdbx_poly_seq_scheme.ndb_seq_num 
_pdbx_poly_seq_scheme.pdb_seq_num 
_pdbx_poly_seq_scheme.auth_seq_num 
_pdbx_poly_seq_scheme.pdb_mon_id 
_pdbx_poly_seq_scheme.auth_mon_id 
_pdbx_poly_seq_scheme.pdb_strand_id 
_pdbx_poly_seq_scheme.pdb_ins_code 
_pdbx_poly_seq_scheme.hetero 
A 1 1   THR 1   1   1   THR THR A . n 
A 1 2   VAL 2   2   2   VAL VAL A . n 
A 1 3   GLU 3   3   3   GLU GLU A . n 
A 1 4   SER 4   4   4   SER SER A . n 
A 1 5   ASN 5   5   5   ASN ASN A . n 
A 1 6   TRP 6   6   6   TRP TRP A . n 
A 1 7   GLY 7   7   7   GLY GLY A . n 
A 1 8   GLY 8   8   8   GLY GLY A . n 
A 1 9   ALA 9   9   9   ALA ALA A . n 
A 1 10  ILE 10  10  10  ILE ILE A . n 
A 1 11  LEU 11  11  11  LEU LEU A . n 
A 1 12  ILE 12  12  12  ILE ILE A . n 
A 1 13  GLY 13  13  13  GLY GLY A . n 
A 1 14  SER 14  14  14  SER SER A . n 
A 1 15  ASP 15  15  15  ASP ASP A . n 
A 1 16  PHE 16  16  16  PHE PHE A . n 
A 1 17  ASP 17  17  17  ASP ASP A . n 
A 1 18  THR 18  18  18  THR THR A . n 
A 1 19  VAL 19  19  19  VAL VAL A . n 
A 1 20  SER 20  20  20  SER SER A . n 
A 1 21  ALA 21  21  21  ALA ALA A . n 
A 1 22  THR 22  22  22  THR THR A . n 
A 1 23  ALA 23  23  23  ALA ALA A . n 
A 1 24  ASN 24  24  24  ASN ASN A . n 
A 1 25  VAL 25  25  25  VAL VAL A . n 
A 1 26  PRO 26  26  26  PRO PRO A . n 
A 1 27  SER 27  27  27  SER SER A . n 
A 1 28  ALA 28  28  28  ALA ALA A . n 
A 1 29  SER 29  29  29  SER SER A . n 
A 1 30  GLY 30  30  30  GLY GLY A . n 
A 1 31  GLY 31  31  31  GLY GLY A . n 
A 1 32  SER 32  32  32  SER SER A . n 
A 1 33  SER 33  33  33  SER SER A . n 
A 1 34  ALA 34  34  34  ALA ALA A . n 
A 1 35  ALA 35  35  35  ALA ALA A . n 
A 1 36  GLY 36  36  36  GLY GLY A . n 
A 1 37  THR 37  37  37  THR THR A . n 
A 1 38  ALA 38  38  38  ALA ALA A . n 
A 1 39  TRP 39  39  39  TRP TRP A . n 
A 1 40  VAL 40  40  40  VAL VAL A . n 
A 1 41  GLY 41  41  41  GLY GLY A . n 
A 1 42  ILE 42  42  42  ILE ILE A . n 
A 1 43  ASP 43  43  43  ASP ASP A . n 
A 1 44  GLY 44  44  44  GLY GLY A . n 
A 1 45  ASP 45  45  45  ASP ASP A . n 
A 1 46  THR 46  46  46  THR THR A . n 
A 1 47  CYS 47  47  47  CYS CYS A . n 
A 1 48  GLN 48  48  48  GLN GLN A . n 
A 1 49  THR 49  49  49  THR THR A . n 
A 1 50  ALA 50  50  50  ALA ALA A . n 
A 1 51  ILE 51  51  51  ILE ILE A . n 
A 1 52  LEU 52  52  52  LEU LEU A . n 
A 1 53  GLN 53  53  53  GLN GLN A . n 
A 1 54  THR 54  54  54  THR THR A . n 
A 1 55  GLY 55  55  55  GLY GLY A . n 
A 1 56  PHE 56  56  56  PHE PHE A . n 
A 1 57  ASP 57  57  57  ASP ASP A . n 
A 1 58  TRP 58  58  58  TRP TRP A . n 
A 1 59  TYR 59  59  59  TYR TYR A . n 
A 1 60  GLY 60  60  60  GLY GLY A . n 
A 1 61  ASP 61  61  61  ASP ASP A . n 
A 1 62  GLY 62  62  62  GLY GLY A . n 
A 1 63  THR 63  63  63  THR THR A . n 
A 1 64  TYR 64  64  64  TYR TYR A . n 
A 1 65  ASP 65  65  65  ASP ASP A . n 
A 1 66  ALA 66  66  66  ALA ALA A . n 
A 1 67  TRP 67  67  67  TRP TRP A . n 
A 1 68  TYR 68  68  68  TYR TYR A . n 
A 1 69  GLU 69  69  69  GLU GLU A . n 
A 1 70  TRP 70  70  70  TRP TRP A . n 
A 1 71  TYR 71  71  71  TYR TYR A . n 
A 1 72  PRO 72  72  72  PRO PRO A . n 
A 1 73  GLU 73  73  73  GLU GLU A . n 
A 1 74  VAL 74  74  74  VAL VAL A . n 
A 1 75  SER 75  75  75  SER SER A . n 
A 1 76  ASP 76  76  76  ASP ASP A . n 
A 1 77  ASP 77  77  77  ASP ASP A . n 
A 1 78  PHE 78  78  78  PHE PHE A . n 
A 1 79  SER 79  79  ?   ?   ?   A . n 
A 1 80  GLY 80  80  ?   ?   ?   A . n 
A 1 81  ILE 81  81  81  ILE ILE A . n 
A 1 82  THR 82  82  82  THR THR A . n 
A 1 83  ILE 83  83  83  ILE ILE A . n 
A 1 84  SER 84  84  84  SER SER A . n 
A 1 85  GLU 85  85  85  GLU GLU A . n 
A 1 86  GLY 86  86  86  GLY GLY A . n 
A 1 87  ASP 87  87  87  ASP ASP A . n 
A 1 88  SER 88  88  88  SER SER A . n 
A 1 89  ILE 89  89  89  ILE ILE A . n 
A 1 90  GLN 90  90  90  GLN GLN A . n 
A 1 91  MET 91  91  91  MET MET A . n 
A 1 92  SER 92  92  92  SER SER A . n 
A 1 93  VAL 93  93  93  VAL VAL A . n 
A 1 94  THR 94  94  94  THR THR A . n 
A 1 95  ALA 95  95  95  ALA ALA A . n 
A 1 96  THR 96  96  96  THR THR A . n 
A 1 97  SER 97  97  97  SER SER A . n 
A 1 98  ASP 98  98  98  ASP ASP A . n 
A 1 99  THR 99  99  99  THR THR A . n 
A 1 100 SER 100 100 100 SER SER A . n 
A 1 101 GLY 101 101 101 GLY GLY A . n 
A 1 102 SER 102 102 102 SER SER A . n 
A 1 103 ALA 103 103 103 ALA ALA A . n 
A 1 104 THR 104 104 104 THR THR A . n 
A 1 105 LEU 105 105 105 LEU LEU A . n 
A 1 106 GLU 106 106 106 GLU GLU A . n 
A 1 107 ASN 107 107 107 ASN ASN A . n 
A 1 108 LEU 108 108 108 LEU LEU A . n 
A 1 109 THR 109 109 109 THR THR A . n 
A 1 110 THR 110 110 110 THR THR A . n 
A 1 111 GLY 111 111 111 GLY GLY A . n 
A 1 112 GLN 112 112 112 GLN GLN A . n 
A 1 113 LYS 113 113 113 LYS LYS A . n 
A 1 114 VAL 114 114 114 VAL VAL A . n 
A 1 115 SER 115 115 115 SER SER A . n 
A 1 116 LYS 116 116 116 LYS LYS A . n 
A 1 117 SER 117 117 117 SER SER A . n 
A 1 118 PHE 118 118 118 PHE PHE A . n 
A 1 119 SER 119 119 119 SER SER A . n 
A 1 120 ASN 120 120 120 ASN ASN A . n 
A 1 121 GLU 121 121 121 GLU GLU A . n 
A 1 122 SER 122 122 122 SER SER A . n 
A 1 123 SER 123 123 123 SER SER A . n 
A 1 124 GLY 124 124 124 GLY GLY A . n 
A 1 125 SER 125 125 125 SER SER A . n 
A 1 126 LEU 126 126 126 LEU LEU A . n 
A 1 127 CYS 127 127 127 CYS CYS A . n 
A 1 128 ARG 128 128 128 ARG ARG A . n 
A 1 129 THR 129 129 129 THR THR A . n 
A 1 130 ASN 130 130 130 ASN ASN A . n 
A 1 131 ALA 131 131 131 ALA ALA A . n 
A 1 132 GLU 132 132 132 GLU GLU A . n 
A 1 133 PHE 133 133 133 PHE PHE A . n 
A 1 134 ILE 134 134 134 ILE ILE A . n 
A 1 135 ILE 135 135 135 ILE ILE A . n 
A 1 136 GLU 136 136 136 GLU GLU A . n 
A 1 137 ASP 137 137 137 ASP ASP A . n 
A 1 138 PHE 138 138 138 PHE PHE A . n 
A 1 139 GLU 139 139 139 GLU GLU A . n 
A 1 140 GLU 140 140 140 GLU GLU A . n 
A 1 141 CYS 141 141 141 CYS CYS A . n 
A 1 142 ASN 142 142 142 ASN ASN A . n 
A 1 143 SER 143 143 143 SER SER A . n 
A 1 144 ASN 144 144 144 ASN ASN A . n 
A 1 145 GLY 145 145 145 GLY GLY A . n 
A 1 146 SER 146 146 146 SER SER A . n 
A 1 147 ASP 147 147 147 ASP ASP A . n 
A 1 148 CYS 148 148 148 CYS CYS A . n 
A 1 149 GLU 149 149 149 GLU GLU A . n 
A 1 150 PHE 150 150 150 PHE PHE A . n 
A 1 151 VAL 151 151 151 VAL VAL A . n 
A 1 152 PRO 152 152 152 PRO PRO A . n 
A 1 153 PHE 153 153 153 PHE PHE A . n 
A 1 154 ALA 154 154 154 ALA ALA A . n 
A 1 155 SER 155 155 155 SER SER A . n 
A 1 156 PHE 156 156 156 PHE PHE A . n 
A 1 157 SER 157 157 157 SER SER A . n 
A 1 158 PRO 158 158 158 PRO PRO A . n 
A 1 159 ALA 159 159 159 ALA ALA A . n 
A 1 160 VAL 160 160 160 VAL VAL A . n 
A 1 161 GLU 161 161 161 GLU GLU A . n 
A 1 162 PHE 162 162 162 PHE PHE A . n 
A 1 163 THR 163 163 163 THR THR A . n 
A 1 164 ASP 164 164 164 ASP ASP A . n 
A 1 165 CYS 165 165 165 CYS CYS A . n 
A 1 166 SER 166 166 166 SER SER A . n 
A 1 167 VAL 167 167 167 VAL VAL A . n 
A 1 168 THR 168 168 168 THR THR A . n 
A 1 169 SER 169 169 169 SER SER A . n 
A 1 170 ASP 170 170 170 ASP ASP A . n 
A 1 171 GLY 171 171 171 GLY GLY A . n 
A 1 172 GLU 172 172 172 GLU GLU A . n 
A 1 173 SER 173 173 173 SER SER A . n 
A 1 174 VAL 174 174 174 VAL VAL A . n 
A 1 175 SER 175 175 175 SER SER A . n 
A 1 176 LEU 176 176 176 LEU LEU A . n 
A 1 177 ASP 177 177 177 ASP ASP A . n 
A 1 178 ASP 178 178 178 ASP ASP A . n 
A 1 179 ALA 179 179 179 ALA ALA A . n 
A 1 180 GLN 180 180 180 GLN GLN A . n 
A 1 181 ILE 181 181 181 ILE ILE A . n 
A 1 182 THR 182 182 182 THR THR A . n 
A 1 183 GLN 183 183 183 GLN GLN A . n 
A 1 184 VAL 184 184 184 VAL VAL A . n 
A 1 185 ILE 185 185 185 ILE ILE A . n 
A 1 186 ILE 186 186 186 ILE ILE A . n 
A 1 187 ASN 187 187 187 ASN ASN A . n 
A 1 188 ASN 188 188 188 ASN ASN A . n 
A 1 189 GLN 189 189 189 GLN GLN A . n 
A 1 190 ASP 190 190 190 ASP ASP A . n 
A 1 191 VAL 191 191 191 VAL VAL A . n 
A 1 192 THR 192 192 192 THR THR A . n 
A 1 193 ASP 193 193 193 ASP ASP A . n 
A 1 194 CYS 194 194 194 CYS CYS A . n 
A 1 195 SER 195 195 195 SER SER A . n 
A 1 196 VAL 196 196 196 VAL VAL A . n 
A 1 197 SER 197 197 197 SER SER A . n 
A 1 198 GLY 198 198 198 GLY GLY A . n 
A 1 199 THR 199 199 199 THR THR A . n 
A 1 200 THR 200 200 200 THR THR A . n 
A 1 201 VAL 201 201 201 VAL VAL A . n 
A 1 202 SER 202 202 202 SER SER A . n 
A 1 203 CYS 203 203 203 CYS CYS A . n 
A 1 204 SER 204 204 204 SER SER A . n 
A 1 205 TYR 205 205 205 TYR TYR A . n 
A 1 206 VAL 206 206 206 VAL VAL A . n 
B 2 1   ACE 1   501 501 ACE ACE B . n 
B 2 2   PHE 2   502 502 PHE PHE B . n 
B 2 3   LYS 3   503 503 LYS LYS B . n 
B 2 4   PHE 4   504 504 PHE PHE B . n 
B 2 5   TA2 5   505 505 TA2 TA2 B . n 
B 2 6   ALA 6   506 506 ALA ALA B . n 
B 2 7   LEU 7   507 507 LEU LEU B . n 
B 2 8   ARG 8   508 508 ARG ARG B . n 
B 2 9   NH2 9   509 509 NH2 NH2 B . n 
# 
loop_
_pdbx_nonpoly_scheme.asym_id 
_pdbx_nonpoly_scheme.entity_id 
_pdbx_nonpoly_scheme.mon_id 
_pdbx_nonpoly_scheme.ndb_seq_num 
_pdbx_nonpoly_scheme.pdb_seq_num 
_pdbx_nonpoly_scheme.auth_seq_num 
_pdbx_nonpoly_scheme.pdb_mon_id 
_pdbx_nonpoly_scheme.auth_mon_id 
_pdbx_nonpoly_scheme.pdb_strand_id 
_pdbx_nonpoly_scheme.pdb_ins_code 
C 3 ACY 1   437 437 ACY ACY A . 
D 4 HOH 1   300 300 HOH HOH A . 
D 4 HOH 2   301 301 HOH HOH A . 
D 4 HOH 3   302 302 HOH HOH A . 
D 4 HOH 4   303 303 HOH HOH A . 
D 4 HOH 5   304 304 HOH HOH A . 
D 4 HOH 6   305 305 HOH HOH A . 
D 4 HOH 7   306 306 HOH HOH A . 
D 4 HOH 8   307 307 HOH HOH A . 
D 4 HOH 9   308 308 HOH HOH A . 
D 4 HOH 10  309 309 HOH HOH A . 
D 4 HOH 11  310 310 HOH HOH A . 
D 4 HOH 12  311 311 HOH HOH A . 
D 4 HOH 13  312 312 HOH HOH A . 
D 4 HOH 14  313 313 HOH HOH A . 
D 4 HOH 15  314 314 HOH HOH A . 
D 4 HOH 16  315 315 HOH HOH A . 
D 4 HOH 17  316 316 HOH HOH A . 
D 4 HOH 18  317 317 HOH HOH A . 
D 4 HOH 19  318 318 HOH HOH A . 
D 4 HOH 20  319 319 HOH HOH A . 
D 4 HOH 21  320 320 HOH HOH A . 
D 4 HOH 22  321 321 HOH HOH A . 
D 4 HOH 23  322 322 HOH HOH A . 
D 4 HOH 24  323 323 HOH HOH A . 
D 4 HOH 25  324 324 HOH HOH A . 
D 4 HOH 26  325 325 HOH HOH A . 
D 4 HOH 27  326 326 HOH HOH A . 
D 4 HOH 28  327 327 HOH HOH A . 
D 4 HOH 29  328 328 HOH HOH A . 
D 4 HOH 30  329 329 HOH HOH A . 
D 4 HOH 31  330 330 HOH HOH A . 
D 4 HOH 32  331 331 HOH HOH A . 
D 4 HOH 33  332 332 HOH HOH A . 
D 4 HOH 34  333 333 HOH HOH A . 
D 4 HOH 35  334 334 HOH HOH A . 
D 4 HOH 36  335 335 HOH HOH A . 
D 4 HOH 37  336 336 HOH HOH A . 
D 4 HOH 38  337 337 HOH HOH A . 
D 4 HOH 39  339 339 HOH HOH A . 
D 4 HOH 40  340 340 HOH HOH A . 
D 4 HOH 41  341 341 HOH HOH A . 
D 4 HOH 42  342 342 HOH HOH A . 
D 4 HOH 43  343 343 HOH HOH A . 
D 4 HOH 44  344 344 HOH HOH A . 
D 4 HOH 45  345 345 HOH HOH A . 
D 4 HOH 46  346 346 HOH HOH A . 
D 4 HOH 47  347 347 HOH HOH A . 
D 4 HOH 48  348 348 HOH HOH A . 
D 4 HOH 49  349 349 HOH HOH A . 
D 4 HOH 50  350 350 HOH HOH A . 
D 4 HOH 51  351 351 HOH HOH A . 
D 4 HOH 52  352 352 HOH HOH A . 
D 4 HOH 53  353 353 HOH HOH A . 
D 4 HOH 54  354 354 HOH HOH A . 
D 4 HOH 55  355 355 HOH HOH A . 
D 4 HOH 56  356 356 HOH HOH A . 
D 4 HOH 57  358 358 HOH HOH A . 
D 4 HOH 58  359 359 HOH HOH A . 
D 4 HOH 59  360 360 HOH HOH A . 
D 4 HOH 60  361 361 HOH HOH A . 
D 4 HOH 61  362 362 HOH HOH A . 
D 4 HOH 62  363 363 HOH HOH A . 
D 4 HOH 63  364 364 HOH HOH A . 
D 4 HOH 64  365 365 HOH HOH A . 
D 4 HOH 65  366 366 HOH HOH A . 
D 4 HOH 66  367 367 HOH HOH A . 
D 4 HOH 67  368 368 HOH HOH A . 
D 4 HOH 68  369 369 HOH HOH A . 
D 4 HOH 69  371 371 HOH HOH A . 
D 4 HOH 70  372 372 HOH HOH A . 
D 4 HOH 71  373 373 HOH HOH A . 
D 4 HOH 72  374 374 HOH HOH A . 
D 4 HOH 73  375 375 HOH HOH A . 
D 4 HOH 74  376 376 HOH HOH A . 
D 4 HOH 75  377 377 HOH HOH A . 
D 4 HOH 76  378 378 HOH HOH A . 
D 4 HOH 77  379 379 HOH HOH A . 
D 4 HOH 78  380 380 HOH HOH A . 
D 4 HOH 79  381 381 HOH HOH A . 
D 4 HOH 80  382 382 HOH HOH A . 
D 4 HOH 81  383 383 HOH HOH A . 
D 4 HOH 82  384 384 HOH HOH A . 
D 4 HOH 83  385 385 HOH HOH A . 
D 4 HOH 84  386 386 HOH HOH A . 
D 4 HOH 85  387 387 HOH HOH A . 
D 4 HOH 86  388 388 HOH HOH A . 
D 4 HOH 87  389 389 HOH HOH A . 
D 4 HOH 88  390 390 HOH HOH A . 
D 4 HOH 89  391 391 HOH HOH A . 
D 4 HOH 90  392 392 HOH HOH A . 
D 4 HOH 91  393 393 HOH HOH A . 
D 4 HOH 92  394 394 HOH HOH A . 
D 4 HOH 93  395 395 HOH HOH A . 
D 4 HOH 94  396 396 HOH HOH A . 
D 4 HOH 95  397 397 HOH HOH A . 
D 4 HOH 96  398 398 HOH HOH A . 
D 4 HOH 97  399 399 HOH HOH A . 
D 4 HOH 98  400 400 HOH HOH A . 
D 4 HOH 99  402 402 HOH HOH A . 
D 4 HOH 100 403 403 HOH HOH A . 
D 4 HOH 101 404 404 HOH HOH A . 
D 4 HOH 102 405 405 HOH HOH A . 
D 4 HOH 103 406 406 HOH HOH A . 
D 4 HOH 104 407 407 HOH HOH A . 
D 4 HOH 105 408 408 HOH HOH A . 
D 4 HOH 106 409 409 HOH HOH A . 
D 4 HOH 107 410 410 HOH HOH A . 
D 4 HOH 108 411 411 HOH HOH A . 
D 4 HOH 109 412 412 HOH HOH A . 
D 4 HOH 110 413 413 HOH HOH A . 
D 4 HOH 111 414 414 HOH HOH A . 
D 4 HOH 112 415 415 HOH HOH A . 
D 4 HOH 113 416 416 HOH HOH A . 
D 4 HOH 114 417 417 HOH HOH A . 
D 4 HOH 115 418 418 HOH HOH A . 
D 4 HOH 116 419 419 HOH HOH A . 
D 4 HOH 117 420 420 HOH HOH A . 
D 4 HOH 118 421 421 HOH HOH A . 
D 4 HOH 119 422 422 HOH HOH A . 
D 4 HOH 120 423 423 HOH HOH A . 
D 4 HOH 121 424 424 HOH HOH A . 
D 4 HOH 122 425 425 HOH HOH A . 
D 4 HOH 123 426 426 HOH HOH A . 
D 4 HOH 124 427 427 HOH HOH A . 
D 4 HOH 125 428 428 HOH HOH A . 
D 4 HOH 126 429 429 HOH HOH A . 
D 4 HOH 127 430 430 HOH HOH A . 
D 4 HOH 128 431 431 HOH HOH A . 
D 4 HOH 129 432 432 HOH HOH A . 
D 4 HOH 130 433 433 HOH HOH A . 
D 4 HOH 131 434 434 HOH HOH A . 
E 4 HOH 1   338 338 HOH HOH B . 
E 4 HOH 2   357 357 HOH HOH B . 
E 4 HOH 3   370 370 HOH HOH B . 
E 4 HOH 4   401 401 HOH HOH B . 
E 4 HOH 5   435 435 HOH HOH B . 
E 4 HOH 6   436 436 HOH HOH B . 
# 
loop_
_pdbx_unobs_or_zero_occ_atoms.id 
_pdbx_unobs_or_zero_occ_atoms.PDB_model_num 
_pdbx_unobs_or_zero_occ_atoms.polymer_flag 
_pdbx_unobs_or_zero_occ_atoms.occupancy_flag 
_pdbx_unobs_or_zero_occ_atoms.auth_asym_id 
_pdbx_unobs_or_zero_occ_atoms.auth_comp_id 
_pdbx_unobs_or_zero_occ_atoms.auth_seq_id 
_pdbx_unobs_or_zero_occ_atoms.PDB_ins_code 
_pdbx_unobs_or_zero_occ_atoms.auth_atom_id 
_pdbx_unobs_or_zero_occ_atoms.label_alt_id 
_pdbx_unobs_or_zero_occ_atoms.label_asym_id 
_pdbx_unobs_or_zero_occ_atoms.label_comp_id 
_pdbx_unobs_or_zero_occ_atoms.label_seq_id 
_pdbx_unobs_or_zero_occ_atoms.label_atom_id 
1 1 Y 0 A GLU 73 ? OE1 ? A GLU 73 OE1 
2 1 Y 0 A GLU 73 ? OE2 ? A GLU 73 OE2 
# 
loop_
_software.name 
_software.classification 
_software.version 
_software.citation_id 
_software.pdbx_ordinal 
Blu-Ice   'data collection' . ? 1 
CNS       refinement        . ? 2 
DENZO     'data reduction'  . ? 3 
SCALEPACK 'data scaling'    . ? 4 
CNS       phasing           . ? 5 
# 
_cell.entry_id           2IFR 
_cell.length_a           108.780 
_cell.length_b           108.780 
_cell.length_c           114.650 
_cell.angle_alpha        90.00 
_cell.angle_beta         90.00 
_cell.angle_gamma        120.00 
_cell.Z_PDB              12 
_cell.pdbx_unique_axis   ? 
_cell.length_a_esd       ? 
_cell.length_b_esd       ? 
_cell.length_c_esd       ? 
_cell.angle_alpha_esd    ? 
_cell.angle_beta_esd     ? 
_cell.angle_gamma_esd    ? 
# 
_symmetry.entry_id                         2IFR 
_symmetry.space_group_name_H-M             'P 63 2 2' 
_symmetry.pdbx_full_space_group_name_H-M   ? 
_symmetry.cell_setting                     ? 
_symmetry.Int_Tables_number                182 
_symmetry.space_group_name_Hall            ? 
# 
_exptl.entry_id          2IFR 
_exptl.method            'X-RAY DIFFRACTION' 
_exptl.crystals_number   1 
# 
_exptl_crystal.id                    1 
_exptl_crystal.density_meas          ? 
_exptl_crystal.density_Matthews      4.38 
_exptl_crystal.density_percent_sol   71.91 
_exptl_crystal.description           ? 
_exptl_crystal.F_000                 ? 
_exptl_crystal.preparation           ? 
# 
_exptl_crystal_grow.crystal_id      1 
_exptl_crystal_grow.method          'VAPOR DIFFUSION, HANGING DROP' 
_exptl_crystal_grow.temp            298 
_exptl_crystal_grow.temp_details    ? 
_exptl_crystal_grow.pH              4 
_exptl_crystal_grow.pdbx_details    
;42% saturated ammonium sulfate, 10% (vol/vol) ethylene glycol and 0.1 M sodium acetate buffer, VAPOR DIFFUSION, HANGING DROP, temperature 298K
;
_exptl_crystal_grow.pdbx_pH_range   . 
# 
_diffrn.id                     1 
_diffrn.ambient_temp           100 
_diffrn.ambient_temp_details   ? 
_diffrn.crystal_id             1 
# 
_diffrn_detector.diffrn_id              1 
_diffrn_detector.detector               CCD 
_diffrn_detector.type                   'ADSC QUANTUM 210' 
_diffrn_detector.pdbx_collection_date   2005-02-24 
_diffrn_detector.details                ? 
# 
_diffrn_radiation.diffrn_id                        1 
_diffrn_radiation.wavelength_id                    1 
_diffrn_radiation.pdbx_monochromatic_or_laue_m_l   M 
_diffrn_radiation.monochromator                    'double crystal' 
_diffrn_radiation.pdbx_diffrn_protocol             'SINGLE WAVELENGTH' 
_diffrn_radiation.pdbx_scattering_type             x-ray 
# 
_diffrn_radiation_wavelength.id           1 
_diffrn_radiation_wavelength.wavelength   1.115869 
_diffrn_radiation_wavelength.wt           1.0 
# 
_diffrn_source.diffrn_id                   1 
_diffrn_source.source                      SYNCHROTRON 
_diffrn_source.type                        'ALS BEAMLINE 8.3.1' 
_diffrn_source.pdbx_synchrotron_site       ALS 
_diffrn_source.pdbx_synchrotron_beamline   8.3.1 
_diffrn_source.pdbx_wavelength             ? 
_diffrn_source.pdbx_wavelength_list        1.115869 
# 
_reflns.entry_id                     2IFR 
_reflns.observed_criterion_sigma_F   0 
_reflns.observed_criterion_sigma_I   0 
_reflns.d_resolution_high            1.95 
_reflns.d_resolution_low             30.0 
_reflns.number_all                   28307 
_reflns.number_obs                   28307 
_reflns.percent_possible_obs         95.0 
_reflns.pdbx_Rmerge_I_obs            ? 
_reflns.pdbx_Rsym_value              ? 
_reflns.pdbx_netI_over_sigmaI        ? 
_reflns.B_iso_Wilson_estimate        ? 
_reflns.pdbx_redundancy              ? 
_reflns.R_free_details               ? 
_reflns.limit_h_max                  ? 
_reflns.limit_h_min                  ? 
_reflns.limit_k_max                  ? 
_reflns.limit_k_min                  ? 
_reflns.limit_l_max                  ? 
_reflns.limit_l_min                  ? 
_reflns.observed_criterion_F_max     ? 
_reflns.observed_criterion_F_min     ? 
_reflns.pdbx_chi_squared             ? 
_reflns.pdbx_scaling_rejects         ? 
_reflns.pdbx_ordinal                 1 
_reflns.pdbx_diffrn_id               1 
# 
_reflns_shell.d_res_high             1.95 
_reflns_shell.d_res_low              2.02 
_reflns_shell.percent_possible_all   90.7 
_reflns_shell.Rmerge_I_obs           ? 
_reflns_shell.pdbx_Rsym_value        ? 
_reflns_shell.meanI_over_sigI_obs    ? 
_reflns_shell.pdbx_redundancy        ? 
_reflns_shell.percent_possible_obs   ? 
_reflns_shell.number_unique_all      ? 
_reflns_shell.number_measured_all    ? 
_reflns_shell.number_measured_obs    ? 
_reflns_shell.number_unique_obs      ? 
_reflns_shell.pdbx_chi_squared       ? 
_reflns_shell.pdbx_ordinal           1 
_reflns_shell.pdbx_diffrn_id         1 
# 
_refine.entry_id                                 2IFR 
_refine.ls_d_res_high                            1.95 
_refine.ls_d_res_low                             30.0 
_refine.pdbx_ls_sigma_F                          0 
_refine.pdbx_ls_sigma_I                          0 
_refine.ls_number_reflns_all                     28299 
_refine.ls_number_reflns_obs                     28299 
_refine.ls_number_reflns_R_free                  1420 
_refine.ls_percent_reflns_obs                    ? 
_refine.ls_R_factor_all                          0.204 
_refine.ls_R_factor_obs                          0.204 
_refine.ls_R_factor_R_work                       0.204 
_refine.ls_R_factor_R_free                       0.222 
_refine.ls_redundancy_reflns_obs                 ? 
_refine.pdbx_data_cutoff_high_absF               ? 
_refine.pdbx_data_cutoff_low_absF                ? 
_refine.ls_number_parameters                     ? 
_refine.ls_number_restraints                     ? 
_refine.ls_percent_reflns_R_free                 ? 
_refine.ls_R_factor_R_free_error                 ? 
_refine.ls_R_factor_R_free_error_details         ? 
_refine.pdbx_method_to_determine_struct          'MOLECULAR REPLACEMENT' 
_refine.pdbx_starting_model                      'PDB entry 1S2B' 
_refine.pdbx_ls_cross_valid_method               ? 
_refine.pdbx_R_Free_selection_details            random 
_refine.pdbx_stereochem_target_val_spec_case     ? 
_refine.pdbx_stereochemistry_target_values       'Engh & Huber' 
_refine.solvent_model_details                    ? 
_refine.solvent_model_param_bsol                 ? 
_refine.solvent_model_param_ksol                 ? 
_refine.occupancy_max                            ? 
_refine.occupancy_min                            ? 
_refine.pdbx_isotropic_thermal_model             ? 
_refine.B_iso_mean                               ? 
_refine.aniso_B[1][1]                            ? 
_refine.aniso_B[1][2]                            ? 
_refine.aniso_B[1][3]                            ? 
_refine.aniso_B[2][2]                            ? 
_refine.aniso_B[2][3]                            ? 
_refine.aniso_B[3][3]                            ? 
_refine.details                                  ? 
_refine.B_iso_min                                ? 
_refine.B_iso_max                                ? 
_refine.correlation_coeff_Fo_to_Fc               ? 
_refine.correlation_coeff_Fo_to_Fc_free          ? 
_refine.pdbx_solvent_vdw_probe_radii             ? 
_refine.pdbx_solvent_ion_probe_radii             ? 
_refine.pdbx_solvent_shrinkage_radii             ? 
_refine.overall_SU_R_Cruickshank_DPI             ? 
_refine.overall_SU_R_free                        ? 
_refine.overall_SU_ML                            ? 
_refine.overall_SU_B                             ? 
_refine.pdbx_overall_ESU_R_Free                  ? 
_refine.pdbx_data_cutoff_high_rms_absF           ? 
_refine.ls_wR_factor_R_free                      ? 
_refine.ls_wR_factor_R_work                      ? 
_refine.overall_FOM_free_R_set                   ? 
_refine.overall_FOM_work_R_set                   ? 
_refine.pdbx_refine_id                           'X-RAY DIFFRACTION' 
_refine.pdbx_overall_phase_error                 ? 
_refine.pdbx_overall_ESU_R                       ? 
_refine.pdbx_diffrn_id                           1 
_refine.pdbx_TLS_residual_ADP_flag               ? 
_refine.pdbx_overall_SU_R_free_Cruickshank_DPI   ? 
_refine.pdbx_overall_SU_R_Blow_DPI               ? 
_refine.pdbx_overall_SU_R_free_Blow_DPI          ? 
# 
_refine_hist.pdbx_refine_id                   'X-RAY DIFFRACTION' 
_refine_hist.cycle_id                         LAST 
_refine_hist.pdbx_number_atoms_protein        1572 
_refine_hist.pdbx_number_atoms_nucleic_acid   0 
_refine_hist.pdbx_number_atoms_ligand         4 
_refine_hist.number_atoms_solvent             137 
_refine_hist.number_atoms_total               1713 
_refine_hist.d_res_high                       1.95 
_refine_hist.d_res_low                        30.0 
# 
loop_
_refine_ls_restr.type 
_refine_ls_restr.dev_ideal 
_refine_ls_restr.dev_ideal_target 
_refine_ls_restr.weight 
_refine_ls_restr.number 
_refine_ls_restr.pdbx_refine_id 
_refine_ls_restr.pdbx_restraint_function 
c_bond_d    0.0124 ? ? ? 'X-RAY DIFFRACTION' ? 
c_angle_deg 1.767  ? ? ? 'X-RAY DIFFRACTION' ? 
# 
_struct.entry_id                  2IFR 
_struct.title                     'Crystal structure of Scytalido-glutamic peptidase with a peptide based transition state analog' 
_struct.pdbx_model_details        ? 
_struct.pdbx_CASP_flag            ? 
_struct.pdbx_model_type_details   ? 
# 
_struct_keywords.entry_id        2IFR 
_struct_keywords.pdbx_keywords   'HYDROLASE/HYDROLASE INHIBITOR' 
_struct_keywords.text            'enzyme-transition state analog complex, HYDROLASE-HYDROLASE INHIBITOR complex' 
# 
loop_
_struct_asym.id 
_struct_asym.pdbx_blank_PDB_chainid_flag 
_struct_asym.pdbx_modified 
_struct_asym.entity_id 
_struct_asym.details 
A N N 1 ? 
B N N 2 ? 
C N N 3 ? 
D N N 4 ? 
E N N 4 ? 
# 
loop_
_struct_ref.id 
_struct_ref.db_name 
_struct_ref.db_code 
_struct_ref.pdbx_db_accession 
_struct_ref.entity_id 
_struct_ref.pdbx_seq_one_letter_code 
_struct_ref.pdbx_align_begin 
_struct_ref.pdbx_db_isoform 
1 UNP PRTB_SCYLI P15369 1 
;TVESNWGGAILIGSDFDTVSATANVPSASGGSSAAGTAWVGIDGDTCQTAILQTGFDWYGDGTYDAWYEWYPEVSDDFSG
ITISEGDSIQMSVTATSDTSGSATLENLTTGQKVSKSFSNESSGSLCRTNAEFIIEDFEECNSNGSDCEFVPFASFSPAV
EFTDCSVTSDGESVSLDDAQITQVIINNQDVTDCSVSGTTVSCSYV
;
55 ? 
2 PDB 2IFR       2IFR   2 XFKFXALRX ?  ? 
# 
loop_
_struct_ref_seq.align_id 
_struct_ref_seq.ref_id 
_struct_ref_seq.pdbx_PDB_id_code 
_struct_ref_seq.pdbx_strand_id 
_struct_ref_seq.seq_align_beg 
_struct_ref_seq.pdbx_seq_align_beg_ins_code 
_struct_ref_seq.seq_align_end 
_struct_ref_seq.pdbx_seq_align_end_ins_code 
_struct_ref_seq.pdbx_db_accession 
_struct_ref_seq.db_align_beg 
_struct_ref_seq.pdbx_db_align_beg_ins_code 
_struct_ref_seq.db_align_end 
_struct_ref_seq.pdbx_db_align_end_ins_code 
_struct_ref_seq.pdbx_auth_seq_align_beg 
_struct_ref_seq.pdbx_auth_seq_align_end 
1 1 2IFR A 1 ? 206 ? P15369 55  ? 260 ? 1   206 
2 2 2IFR B 1 ? 9   ? 2IFR   501 ? 509 ? 501 509 
# 
_pdbx_struct_assembly.id                   1 
_pdbx_struct_assembly.details              author_and_software_defined_assembly 
_pdbx_struct_assembly.method_details       PISA 
_pdbx_struct_assembly.oligomeric_details   dimeric 
_pdbx_struct_assembly.oligomeric_count     2 
# 
loop_
_pdbx_struct_assembly_prop.biol_id 
_pdbx_struct_assembly_prop.type 
_pdbx_struct_assembly_prop.value 
_pdbx_struct_assembly_prop.details 
1 'ABSA (A^2)' 2180 ? 
1 MORE         -8   ? 
1 'SSA (A^2)'  8460 ? 
# 
_pdbx_struct_assembly_gen.assembly_id       1 
_pdbx_struct_assembly_gen.oper_expression   1 
_pdbx_struct_assembly_gen.asym_id_list      A,B,C,D,E 
# 
_pdbx_struct_oper_list.id                   1 
_pdbx_struct_oper_list.type                 'identity operation' 
_pdbx_struct_oper_list.name                 1_555 
_pdbx_struct_oper_list.symmetry_operation   x,y,z 
_pdbx_struct_oper_list.matrix[1][1]         1.0000000000 
_pdbx_struct_oper_list.matrix[1][2]         0.0000000000 
_pdbx_struct_oper_list.matrix[1][3]         0.0000000000 
_pdbx_struct_oper_list.vector[1]            0.0000000000 
_pdbx_struct_oper_list.matrix[2][1]         0.0000000000 
_pdbx_struct_oper_list.matrix[2][2]         1.0000000000 
_pdbx_struct_oper_list.matrix[2][3]         0.0000000000 
_pdbx_struct_oper_list.vector[2]            0.0000000000 
_pdbx_struct_oper_list.matrix[3][1]         0.0000000000 
_pdbx_struct_oper_list.matrix[3][2]         0.0000000000 
_pdbx_struct_oper_list.matrix[3][3]         1.0000000000 
_pdbx_struct_oper_list.vector[3]            0.0000000000 
# 
_struct_biol.id        1 
_struct_biol.details   ? 
# 
loop_
_struct_conn.id 
_struct_conn.conn_type_id 
_struct_conn.pdbx_leaving_atom_flag 
_struct_conn.pdbx_PDB_id 
_struct_conn.ptnr1_label_asym_id 
_struct_conn.ptnr1_label_comp_id 
_struct_conn.ptnr1_label_seq_id 
_struct_conn.ptnr1_label_atom_id 
_struct_conn.pdbx_ptnr1_label_alt_id 
_struct_conn.pdbx_ptnr1_PDB_ins_code 
_struct_conn.pdbx_ptnr1_standard_comp_id 
_struct_conn.ptnr1_symmetry 
_struct_conn.ptnr2_label_asym_id 
_struct_conn.ptnr2_label_comp_id 
_struct_conn.ptnr2_label_seq_id 
_struct_conn.ptnr2_label_atom_id 
_struct_conn.pdbx_ptnr2_label_alt_id 
_struct_conn.pdbx_ptnr2_PDB_ins_code 
_struct_conn.ptnr1_auth_asym_id 
_struct_conn.ptnr1_auth_comp_id 
_struct_conn.ptnr1_auth_seq_id 
_struct_conn.ptnr2_auth_asym_id 
_struct_conn.ptnr2_auth_comp_id 
_struct_conn.ptnr2_auth_seq_id 
_struct_conn.ptnr2_symmetry 
_struct_conn.pdbx_ptnr3_label_atom_id 
_struct_conn.pdbx_ptnr3_label_seq_id 
_struct_conn.pdbx_ptnr3_label_comp_id 
_struct_conn.pdbx_ptnr3_label_asym_id 
_struct_conn.pdbx_ptnr3_label_alt_id 
_struct_conn.pdbx_ptnr3_PDB_ins_code 
_struct_conn.details 
_struct_conn.pdbx_dist_value 
_struct_conn.pdbx_value_order 
_struct_conn.pdbx_role 
disulf1 disulf ?    ? A CYS 47  SG ? ? ? 1_555 A CYS 127 SG ? ? A CYS 47  A CYS 127 1_555 ? ? ? ? ? ? ? 2.036 ? ? 
disulf2 disulf ?    ? A CYS 141 SG ? ? ? 1_555 A CYS 148 SG ? ? A CYS 141 A CYS 148 1_555 ? ? ? ? ? ? ? 2.038 ? ? 
disulf3 disulf ?    ? A CYS 194 SG ? ? ? 1_555 A CYS 203 SG ? ? A CYS 194 A CYS 203 1_555 ? ? ? ? ? ? ? 2.042 ? ? 
covale1 covale both ? B ACE 1   C  ? ? ? 1_555 B PHE 2   N  ? ? B ACE 501 B PHE 502 1_555 ? ? ? ? ? ? ? 1.333 ? ? 
covale2 covale both ? B PHE 4   C  ? ? ? 1_555 B TA2 5   N  ? ? B PHE 504 B TA2 505 1_555 ? ? ? ? ? ? ? 1.331 ? ? 
covale3 covale both ? B TA2 5   C  ? ? ? 1_555 B ALA 6   N  ? ? B TA2 505 B ALA 506 1_555 ? ? ? ? ? ? ? 1.326 ? ? 
covale4 covale both ? B ARG 8   C  ? ? ? 1_555 B NH2 9   N  ? ? B ARG 508 B NH2 509 1_555 ? ? ? ? ? ? ? 1.251 ? ? 
# 
loop_
_struct_conn_type.id 
_struct_conn_type.criteria 
_struct_conn_type.reference 
disulf ? ? 
covale ? ? 
# 
loop_
_pdbx_modification_feature.ordinal 
_pdbx_modification_feature.label_comp_id 
_pdbx_modification_feature.label_asym_id 
_pdbx_modification_feature.label_seq_id 
_pdbx_modification_feature.label_alt_id 
_pdbx_modification_feature.modified_residue_label_comp_id 
_pdbx_modification_feature.modified_residue_label_asym_id 
_pdbx_modification_feature.modified_residue_label_seq_id 
_pdbx_modification_feature.modified_residue_label_alt_id 
_pdbx_modification_feature.auth_comp_id 
_pdbx_modification_feature.auth_asym_id 
_pdbx_modification_feature.auth_seq_id 
_pdbx_modification_feature.PDB_ins_code 
_pdbx_modification_feature.symmetry 
_pdbx_modification_feature.modified_residue_auth_comp_id 
_pdbx_modification_feature.modified_residue_auth_asym_id 
_pdbx_modification_feature.modified_residue_auth_seq_id 
_pdbx_modification_feature.modified_residue_PDB_ins_code 
_pdbx_modification_feature.modified_residue_symmetry 
_pdbx_modification_feature.comp_id_linking_atom 
_pdbx_modification_feature.modified_residue_id_linking_atom 
_pdbx_modification_feature.modified_residue_id 
_pdbx_modification_feature.ref_pcm_id 
_pdbx_modification_feature.ref_comp_id 
_pdbx_modification_feature.type 
_pdbx_modification_feature.category 
1 TA2 B 5   ? .   . .   . TA2 B 505 ? 1_555 .   . .   . .     .  .  ?   1  TA2 None 'Non-standard residue' 
2 ACE B 1   ? PHE B 2   ? ACE B 501 ? 1_555 PHE B 502 ? 1_555 .  .  PHE 15 ACE None 'Terminal acetylation' 
3 NH2 B 9   ? ARG B 8   ? NH2 B 509 ? 1_555 ARG B 508 ? 1_555 .  .  ARG 8  NH2 None 'Terminal amidation'   
4 CYS A 47  ? CYS A 127 ? CYS A 47  ? 1_555 CYS A 127 ? 1_555 SG SG .   .  .   None 'Disulfide bridge'     
5 CYS A 141 ? CYS A 148 ? CYS A 141 ? 1_555 CYS A 148 ? 1_555 SG SG .   .  .   None 'Disulfide bridge'     
6 CYS A 194 ? CYS A 203 ? CYS A 194 ? 1_555 CYS A 203 ? 1_555 SG SG .   .  .   None 'Disulfide bridge'     
# 
loop_
_struct_mon_prot_cis.pdbx_id 
_struct_mon_prot_cis.label_comp_id 
_struct_mon_prot_cis.label_seq_id 
_struct_mon_prot_cis.label_asym_id 
_struct_mon_prot_cis.label_alt_id 
_struct_mon_prot_cis.pdbx_PDB_ins_code 
_struct_mon_prot_cis.auth_comp_id 
_struct_mon_prot_cis.auth_seq_id 
_struct_mon_prot_cis.auth_asym_id 
_struct_mon_prot_cis.pdbx_label_comp_id_2 
_struct_mon_prot_cis.pdbx_label_seq_id_2 
_struct_mon_prot_cis.pdbx_label_asym_id_2 
_struct_mon_prot_cis.pdbx_PDB_ins_code_2 
_struct_mon_prot_cis.pdbx_auth_comp_id_2 
_struct_mon_prot_cis.pdbx_auth_seq_id_2 
_struct_mon_prot_cis.pdbx_auth_asym_id_2 
_struct_mon_prot_cis.pdbx_PDB_model_num 
_struct_mon_prot_cis.pdbx_omega_angle 
1 TYR 71  A . ? TYR 71  A PRO 72  A ? PRO 72  A 1 0.08  
2 SER 157 A . ? SER 157 A PRO 158 A ? PRO 158 A 1 -0.63 
# 
loop_
_struct_sheet.id 
_struct_sheet.type 
_struct_sheet.number_strands 
_struct_sheet.details 
A ? 3 ? 
B ? 7 ? 
C ? 6 ? 
D ? 7 ? 
E ? 2 ? 
F ? 3 ? 
# 
loop_
_struct_sheet_order.sheet_id 
_struct_sheet_order.range_id_1 
_struct_sheet_order.range_id_2 
_struct_sheet_order.offset 
_struct_sheet_order.sense 
A 1 2 ? anti-parallel 
A 2 3 ? anti-parallel 
B 1 2 ? anti-parallel 
B 2 3 ? anti-parallel 
B 3 4 ? anti-parallel 
B 4 5 ? anti-parallel 
B 5 6 ? anti-parallel 
B 6 7 ? anti-parallel 
C 1 2 ? anti-parallel 
C 2 3 ? anti-parallel 
C 3 4 ? anti-parallel 
C 4 5 ? anti-parallel 
C 5 6 ? anti-parallel 
D 1 2 ? anti-parallel 
D 2 3 ? anti-parallel 
D 3 4 ? anti-parallel 
D 4 5 ? anti-parallel 
D 5 6 ? anti-parallel 
D 6 7 ? anti-parallel 
E 1 2 ? anti-parallel 
F 1 2 ? anti-parallel 
F 2 3 ? anti-parallel 
# 
loop_
_struct_sheet_range.sheet_id 
_struct_sheet_range.id 
_struct_sheet_range.beg_label_comp_id 
_struct_sheet_range.beg_label_asym_id 
_struct_sheet_range.beg_label_seq_id 
_struct_sheet_range.pdbx_beg_PDB_ins_code 
_struct_sheet_range.end_label_comp_id 
_struct_sheet_range.end_label_asym_id 
_struct_sheet_range.end_label_seq_id 
_struct_sheet_range.pdbx_end_PDB_ins_code 
_struct_sheet_range.beg_auth_comp_id 
_struct_sheet_range.beg_auth_asym_id 
_struct_sheet_range.beg_auth_seq_id 
_struct_sheet_range.end_auth_comp_id 
_struct_sheet_range.end_auth_asym_id 
_struct_sheet_range.end_auth_seq_id 
A 1 VAL A 2   ? SER A 4   ? VAL A 2   SER A 4   
A 2 ILE A 185 ? ILE A 186 ? ILE A 185 ILE A 186 
A 3 GLN A 189 ? ASP A 190 ? GLN A 189 ASP A 190 
B 1 SER A 75  ? ASP A 77  ? SER A 75  ASP A 77  
B 2 TYR A 64  ? TYR A 71  ? TYR A 64  TYR A 71  
B 3 ILE A 51  ? GLY A 60  ? ILE A 51  GLY A 60  
B 4 GLY A 31  ? ILE A 42  ? GLY A 31  ILE A 42  
B 5 ASN A 130 ? GLU A 136 ? ASN A 130 GLU A 136 
B 6 TRP A 6   ? ILE A 12  ? TRP A 6   ILE A 12  
B 7 GLN A 180 ? THR A 182 ? GLN A 180 THR A 182 
C 1 GLN A 112 ? PHE A 118 ? GLN A 112 PHE A 118 
C 2 SER A 100 ? ASN A 107 ? SER A 100 ASN A 107 
C 3 SER A 88  ? SER A 97  ? SER A 88  SER A 97  
C 4 PHE A 16  ? ASN A 24  ? PHE A 16  ASN A 24  
C 5 VAL A 160 ? SER A 169 ? VAL A 160 SER A 169 
C 6 GLU A 172 ? VAL A 174 ? GLU A 172 VAL A 174 
D 1 GLN A 112 ? PHE A 118 ? GLN A 112 PHE A 118 
D 2 SER A 100 ? ASN A 107 ? SER A 100 ASN A 107 
D 3 SER A 88  ? SER A 97  ? SER A 88  SER A 97  
D 4 PHE A 16  ? ASN A 24  ? PHE A 16  ASN A 24  
D 5 VAL A 160 ? SER A 169 ? VAL A 160 SER A 169 
D 6 THR A 200 ? TYR A 205 ? THR A 200 TYR A 205 
D 7 THR A 192 ? SER A 197 ? THR A 192 SER A 197 
E 1 SER A 27  ? SER A 29  ? SER A 27  SER A 29  
E 2 SER A 155 ? SER A 157 ? SER A 155 SER A 157 
F 1 CYS A 148 ? PHE A 150 ? CYS A 148 PHE A 150 
F 2 GLU A 139 ? CYS A 141 ? GLU A 139 CYS A 141 
F 3 PHE B 2   ? PHE B 4   ? PHE B 502 PHE B 504 
# 
loop_
_pdbx_struct_sheet_hbond.sheet_id 
_pdbx_struct_sheet_hbond.range_id_1 
_pdbx_struct_sheet_hbond.range_id_2 
_pdbx_struct_sheet_hbond.range_1_label_atom_id 
_pdbx_struct_sheet_hbond.range_1_label_comp_id 
_pdbx_struct_sheet_hbond.range_1_label_asym_id 
_pdbx_struct_sheet_hbond.range_1_label_seq_id 
_pdbx_struct_sheet_hbond.range_1_PDB_ins_code 
_pdbx_struct_sheet_hbond.range_1_auth_atom_id 
_pdbx_struct_sheet_hbond.range_1_auth_comp_id 
_pdbx_struct_sheet_hbond.range_1_auth_asym_id 
_pdbx_struct_sheet_hbond.range_1_auth_seq_id 
_pdbx_struct_sheet_hbond.range_2_label_atom_id 
_pdbx_struct_sheet_hbond.range_2_label_comp_id 
_pdbx_struct_sheet_hbond.range_2_label_asym_id 
_pdbx_struct_sheet_hbond.range_2_label_seq_id 
_pdbx_struct_sheet_hbond.range_2_PDB_ins_code 
_pdbx_struct_sheet_hbond.range_2_auth_atom_id 
_pdbx_struct_sheet_hbond.range_2_auth_comp_id 
_pdbx_struct_sheet_hbond.range_2_auth_asym_id 
_pdbx_struct_sheet_hbond.range_2_auth_seq_id 
A 1 2 N GLU A 3   ? N GLU A 3   O ILE A 185 ? O ILE A 185 
A 2 3 N ILE A 186 ? N ILE A 186 O GLN A 189 ? O GLN A 189 
B 1 2 O ASP A 76  ? O ASP A 76  N TYR A 68  ? N TYR A 68  
B 2 3 O GLU A 69  ? O GLU A 69  N GLN A 53  ? N GLN A 53  
B 3 4 O GLY A 60  ? O GLY A 60  N ALA A 34  ? N ALA A 34  
B 4 5 N TRP A 39  ? N TRP A 39  O ILE A 134 ? O ILE A 134 
B 5 6 O ALA A 131 ? O ALA A 131 N LEU A 11  ? N LEU A 11  
B 6 7 N ILE A 10  ? N ILE A 10  O GLN A 180 ? O GLN A 180 
C 1 2 O PHE A 118 ? O PHE A 118 N GLY A 101 ? N GLY A 101 
C 2 3 O GLU A 106 ? O GLU A 106 N GLN A 90  ? N GLN A 90  
C 3 4 O MET A 91  ? O MET A 91  N ALA A 21  ? N ALA A 21  
C 4 5 N THR A 22  ? N THR A 22  O THR A 163 ? O THR A 163 
C 5 6 N SER A 169 ? N SER A 169 O GLU A 172 ? O GLU A 172 
D 1 2 O PHE A 118 ? O PHE A 118 N GLY A 101 ? N GLY A 101 
D 2 3 O GLU A 106 ? O GLU A 106 N GLN A 90  ? N GLN A 90  
D 3 4 O MET A 91  ? O MET A 91  N ALA A 21  ? N ALA A 21  
D 4 5 N THR A 22  ? N THR A 22  O THR A 163 ? O THR A 163 
D 5 6 N PHE A 162 ? N PHE A 162 O VAL A 201 ? O VAL A 201 
D 6 7 O SER A 202 ? O SER A 202 N SER A 195 ? N SER A 195 
E 1 2 N SER A 27  ? N SER A 27  O SER A 157 ? O SER A 157 
F 1 2 O GLU A 149 ? O GLU A 149 N GLU A 140 ? N GLU A 140 
F 2 3 N CYS A 141 ? N CYS A 141 O PHE B 2   ? O PHE B 502 
# 
loop_
_struct_site.id 
_struct_site.pdbx_evidence_code 
_struct_site.pdbx_auth_asym_id 
_struct_site.pdbx_auth_comp_id 
_struct_site.pdbx_auth_seq_id 
_struct_site.pdbx_auth_ins_code 
_struct_site.pdbx_num_residues 
_struct_site.details 
AC1 Software A ACY 437 ? 4  'BINDING SITE FOR RESIDUE ACY A 437'      
AC2 Software ? ?   ?   ? 25 'BINDING SITE FOR CHAIN B OF OCTAPEPTIDE' 
# 
loop_
_struct_site_gen.id 
_struct_site_gen.site_id 
_struct_site_gen.pdbx_num_res 
_struct_site_gen.label_comp_id 
_struct_site_gen.label_asym_id 
_struct_site_gen.label_seq_id 
_struct_site_gen.pdbx_auth_ins_code 
_struct_site_gen.auth_comp_id 
_struct_site_gen.auth_asym_id 
_struct_site_gen.auth_seq_id 
_struct_site_gen.label_atom_id 
_struct_site_gen.label_alt_id 
_struct_site_gen.symmetry 
_struct_site_gen.details 
1  AC1 4  VAL A 74  ? VAL A 74  . ? 1_555  ? 
2  AC1 4  LYS A 116 ? LYS A 116 . ? 1_555  ? 
3  AC1 4  SER A 119 ? SER A 119 . ? 1_555  ? 
4  AC1 4  GLU A 121 ? GLU A 121 . ? 1_555  ? 
5  AC2 25 THR A 1   ? THR A 1   . ? 12_555 ? 
6  AC2 25 VAL A 2   ? VAL A 2   . ? 12_555 ? 
7  AC2 25 ASN A 5   ? ASN A 5   . ? 1_555  ? 
8  AC2 25 TRP A 6   ? TRP A 6   . ? 1_555  ? 
9  AC2 25 THR A 37  ? THR A 37  . ? 1_555  ? 
10 AC2 25 GLY A 44  ? GLY A 44  . ? 1_555  ? 
11 AC2 25 ASP A 45  ? ASP A 45  . ? 1_555  ? 
12 AC2 25 GLN A 53  ? GLN A 53  . ? 1_555  ? 
13 AC2 25 ASP A 57  ? ASP A 57  . ? 1_555  ? 
14 AC2 25 TYR A 59  ? TYR A 59  . ? 1_555  ? 
15 AC2 25 TRP A 67  ? TRP A 67  . ? 1_555  ? 
16 AC2 25 GLU A 69  ? GLU A 69  . ? 1_555  ? 
17 AC2 25 TYR A 71  ? TYR A 71  . ? 1_555  ? 
18 AC2 25 GLU A 136 ? GLU A 136 . ? 1_555  ? 
19 AC2 25 PHE A 138 ? PHE A 138 . ? 1_555  ? 
20 AC2 25 GLU A 139 ? GLU A 139 . ? 1_555  ? 
21 AC2 25 GLU A 140 ? GLU A 140 . ? 1_555  ? 
22 AC2 25 CYS A 141 ? CYS A 141 . ? 1_555  ? 
23 AC2 25 ASN A 142 ? ASN A 142 . ? 1_555  ? 
24 AC2 25 SER A 143 ? SER A 143 . ? 1_555  ? 
25 AC2 25 THR A 182 ? THR A 182 . ? 1_555  ? 
26 AC2 25 HOH E .   ? HOH B 338 . ? 1_555  ? 
27 AC2 25 HOH E .   ? HOH B 401 . ? 1_555  ? 
28 AC2 25 HOH E .   ? HOH B 435 . ? 1_555  ? 
29 AC2 25 HOH E .   ? HOH B 436 . ? 1_555  ? 
# 
_pdbx_entry_details.entry_id                   2IFR 
_pdbx_entry_details.compound_details           ? 
_pdbx_entry_details.source_details             ? 
_pdbx_entry_details.nonpolymer_details         ? 
_pdbx_entry_details.sequence_details           ? 
_pdbx_entry_details.has_ligand_of_interest     ? 
_pdbx_entry_details.has_protein_modification   Y 
# 
loop_
_pdbx_validate_torsion.id 
_pdbx_validate_torsion.PDB_model_num 
_pdbx_validate_torsion.auth_comp_id 
_pdbx_validate_torsion.auth_asym_id 
_pdbx_validate_torsion.auth_seq_id 
_pdbx_validate_torsion.PDB_ins_code 
_pdbx_validate_torsion.label_alt_id 
_pdbx_validate_torsion.phi 
_pdbx_validate_torsion.psi 
1 1 ASP A 17  ? ? -98.33  -66.04  
2 1 ASP A 43  ? ? 70.02   -174.01 
3 1 ASP A 45  ? ? -102.65 -88.37  
4 1 GLU A 73  ? ? -54.32  -118.59 
5 1 SER A 122 ? ? -85.74  -73.44  
6 1 SER A 123 ? ? -58.23  57.30   
7 1 PRO A 158 ? ? -78.03  -166.50 
8 1 SER A 197 ? ? -160.60 111.56  
# 
_pdbx_validate_peptide_omega.id               1 
_pdbx_validate_peptide_omega.PDB_model_num    1 
_pdbx_validate_peptide_omega.auth_comp_id_1   TA2 
_pdbx_validate_peptide_omega.auth_asym_id_1   B 
_pdbx_validate_peptide_omega.auth_seq_id_1    505 
_pdbx_validate_peptide_omega.PDB_ins_code_1   ? 
_pdbx_validate_peptide_omega.label_alt_id_1   ? 
_pdbx_validate_peptide_omega.auth_comp_id_2   ALA 
_pdbx_validate_peptide_omega.auth_asym_id_2   B 
_pdbx_validate_peptide_omega.auth_seq_id_2    506 
_pdbx_validate_peptide_omega.PDB_ins_code_2   ? 
_pdbx_validate_peptide_omega.label_alt_id_2   ? 
_pdbx_validate_peptide_omega.omega            -141.53 
# 
_pdbx_validate_main_chain_plane.id                       1 
_pdbx_validate_main_chain_plane.PDB_model_num            1 
_pdbx_validate_main_chain_plane.auth_comp_id             TA2 
_pdbx_validate_main_chain_plane.auth_asym_id             B 
_pdbx_validate_main_chain_plane.auth_seq_id              505 
_pdbx_validate_main_chain_plane.PDB_ins_code             ? 
_pdbx_validate_main_chain_plane.label_alt_id             ? 
_pdbx_validate_main_chain_plane.improper_torsion_angle   19.28 
# 
loop_
_pdbx_struct_special_symmetry.id 
_pdbx_struct_special_symmetry.PDB_model_num 
_pdbx_struct_special_symmetry.auth_asym_id 
_pdbx_struct_special_symmetry.auth_comp_id 
_pdbx_struct_special_symmetry.auth_seq_id 
_pdbx_struct_special_symmetry.PDB_ins_code 
_pdbx_struct_special_symmetry.label_asym_id 
_pdbx_struct_special_symmetry.label_comp_id 
_pdbx_struct_special_symmetry.label_seq_id 
1 1 A HOH 411 ? D HOH . 
2 1 A HOH 412 ? D HOH . 
# 
loop_
_pdbx_unobs_or_zero_occ_residues.id 
_pdbx_unobs_or_zero_occ_residues.PDB_model_num 
_pdbx_unobs_or_zero_occ_residues.polymer_flag 
_pdbx_unobs_or_zero_occ_residues.occupancy_flag 
_pdbx_unobs_or_zero_occ_residues.auth_asym_id 
_pdbx_unobs_or_zero_occ_residues.auth_comp_id 
_pdbx_unobs_or_zero_occ_residues.auth_seq_id 
_pdbx_unobs_or_zero_occ_residues.PDB_ins_code 
_pdbx_unobs_or_zero_occ_residues.label_asym_id 
_pdbx_unobs_or_zero_occ_residues.label_comp_id 
_pdbx_unobs_or_zero_occ_residues.label_seq_id 
1 1 Y 1 A SER 79 ? A SER 79 
2 1 Y 1 A GLY 80 ? A GLY 80 
# 
loop_
_chem_comp_atom.comp_id 
_chem_comp_atom.atom_id 
_chem_comp_atom.type_symbol 
_chem_comp_atom.pdbx_aromatic_flag 
_chem_comp_atom.pdbx_stereo_config 
_chem_comp_atom.pdbx_ordinal 
ACE C    C N N 1   
ACE O    O N N 2   
ACE CH3  C N N 3   
ACE H    H N N 4   
ACE H1   H N N 5   
ACE H2   H N N 6   
ACE H3   H N N 7   
ACY C    C N N 8   
ACY O    O N N 9   
ACY OXT  O N N 10  
ACY CH3  C N N 11  
ACY HXT  H N N 12  
ACY H1   H N N 13  
ACY H2   H N N 14  
ACY H3   H N N 15  
ALA N    N N N 16  
ALA CA   C N S 17  
ALA C    C N N 18  
ALA O    O N N 19  
ALA CB   C N N 20  
ALA OXT  O N N 21  
ALA H    H N N 22  
ALA H2   H N N 23  
ALA HA   H N N 24  
ALA HB1  H N N 25  
ALA HB2  H N N 26  
ALA HB3  H N N 27  
ALA HXT  H N N 28  
ARG N    N N N 29  
ARG CA   C N S 30  
ARG C    C N N 31  
ARG O    O N N 32  
ARG CB   C N N 33  
ARG CG   C N N 34  
ARG CD   C N N 35  
ARG NE   N N N 36  
ARG CZ   C N N 37  
ARG NH1  N N N 38  
ARG NH2  N N N 39  
ARG OXT  O N N 40  
ARG H    H N N 41  
ARG H2   H N N 42  
ARG HA   H N N 43  
ARG HB2  H N N 44  
ARG HB3  H N N 45  
ARG HG2  H N N 46  
ARG HG3  H N N 47  
ARG HD2  H N N 48  
ARG HD3  H N N 49  
ARG HE   H N N 50  
ARG HH11 H N N 51  
ARG HH12 H N N 52  
ARG HH21 H N N 53  
ARG HH22 H N N 54  
ARG HXT  H N N 55  
ASN N    N N N 56  
ASN CA   C N S 57  
ASN C    C N N 58  
ASN O    O N N 59  
ASN CB   C N N 60  
ASN CG   C N N 61  
ASN OD1  O N N 62  
ASN ND2  N N N 63  
ASN OXT  O N N 64  
ASN H    H N N 65  
ASN H2   H N N 66  
ASN HA   H N N 67  
ASN HB2  H N N 68  
ASN HB3  H N N 69  
ASN HD21 H N N 70  
ASN HD22 H N N 71  
ASN HXT  H N N 72  
ASP N    N N N 73  
ASP CA   C N S 74  
ASP C    C N N 75  
ASP O    O N N 76  
ASP CB   C N N 77  
ASP CG   C N N 78  
ASP OD1  O N N 79  
ASP OD2  O N N 80  
ASP OXT  O N N 81  
ASP H    H N N 82  
ASP H2   H N N 83  
ASP HA   H N N 84  
ASP HB2  H N N 85  
ASP HB3  H N N 86  
ASP HD2  H N N 87  
ASP HXT  H N N 88  
CYS N    N N N 89  
CYS CA   C N R 90  
CYS C    C N N 91  
CYS O    O N N 92  
CYS CB   C N N 93  
CYS SG   S N N 94  
CYS OXT  O N N 95  
CYS H    H N N 96  
CYS H2   H N N 97  
CYS HA   H N N 98  
CYS HB2  H N N 99  
CYS HB3  H N N 100 
CYS HG   H N N 101 
CYS HXT  H N N 102 
GLN N    N N N 103 
GLN CA   C N S 104 
GLN C    C N N 105 
GLN O    O N N 106 
GLN CB   C N N 107 
GLN CG   C N N 108 
GLN CD   C N N 109 
GLN OE1  O N N 110 
GLN NE2  N N N 111 
GLN OXT  O N N 112 
GLN H    H N N 113 
GLN H2   H N N 114 
GLN HA   H N N 115 
GLN HB2  H N N 116 
GLN HB3  H N N 117 
GLN HG2  H N N 118 
GLN HG3  H N N 119 
GLN HE21 H N N 120 
GLN HE22 H N N 121 
GLN HXT  H N N 122 
GLU N    N N N 123 
GLU CA   C N S 124 
GLU C    C N N 125 
GLU O    O N N 126 
GLU CB   C N N 127 
GLU CG   C N N 128 
GLU CD   C N N 129 
GLU OE1  O N N 130 
GLU OE2  O N N 131 
GLU OXT  O N N 132 
GLU H    H N N 133 
GLU H2   H N N 134 
GLU HA   H N N 135 
GLU HB2  H N N 136 
GLU HB3  H N N 137 
GLU HG2  H N N 138 
GLU HG3  H N N 139 
GLU HE2  H N N 140 
GLU HXT  H N N 141 
GLY N    N N N 142 
GLY CA   C N N 143 
GLY C    C N N 144 
GLY O    O N N 145 
GLY OXT  O N N 146 
GLY H    H N N 147 
GLY H2   H N N 148 
GLY HA2  H N N 149 
GLY HA3  H N N 150 
GLY HXT  H N N 151 
HOH O    O N N 152 
HOH H1   H N N 153 
HOH H2   H N N 154 
ILE N    N N N 155 
ILE CA   C N S 156 
ILE C    C N N 157 
ILE O    O N N 158 
ILE CB   C N S 159 
ILE CG1  C N N 160 
ILE CG2  C N N 161 
ILE CD1  C N N 162 
ILE OXT  O N N 163 
ILE H    H N N 164 
ILE H2   H N N 165 
ILE HA   H N N 166 
ILE HB   H N N 167 
ILE HG12 H N N 168 
ILE HG13 H N N 169 
ILE HG21 H N N 170 
ILE HG22 H N N 171 
ILE HG23 H N N 172 
ILE HD11 H N N 173 
ILE HD12 H N N 174 
ILE HD13 H N N 175 
ILE HXT  H N N 176 
LEU N    N N N 177 
LEU CA   C N S 178 
LEU C    C N N 179 
LEU O    O N N 180 
LEU CB   C N N 181 
LEU CG   C N N 182 
LEU CD1  C N N 183 
LEU CD2  C N N 184 
LEU OXT  O N N 185 
LEU H    H N N 186 
LEU H2   H N N 187 
LEU HA   H N N 188 
LEU HB2  H N N 189 
LEU HB3  H N N 190 
LEU HG   H N N 191 
LEU HD11 H N N 192 
LEU HD12 H N N 193 
LEU HD13 H N N 194 
LEU HD21 H N N 195 
LEU HD22 H N N 196 
LEU HD23 H N N 197 
LEU HXT  H N N 198 
LYS N    N N N 199 
LYS CA   C N S 200 
LYS C    C N N 201 
LYS O    O N N 202 
LYS CB   C N N 203 
LYS CG   C N N 204 
LYS CD   C N N 205 
LYS CE   C N N 206 
LYS NZ   N N N 207 
LYS OXT  O N N 208 
LYS H    H N N 209 
LYS H2   H N N 210 
LYS HA   H N N 211 
LYS HB2  H N N 212 
LYS HB3  H N N 213 
LYS HG2  H N N 214 
LYS HG3  H N N 215 
LYS HD2  H N N 216 
LYS HD3  H N N 217 
LYS HE2  H N N 218 
LYS HE3  H N N 219 
LYS HZ1  H N N 220 
LYS HZ2  H N N 221 
LYS HZ3  H N N 222 
LYS HXT  H N N 223 
MET N    N N N 224 
MET CA   C N S 225 
MET C    C N N 226 
MET O    O N N 227 
MET CB   C N N 228 
MET CG   C N N 229 
MET SD   S N N 230 
MET CE   C N N 231 
MET OXT  O N N 232 
MET H    H N N 233 
MET H2   H N N 234 
MET HA   H N N 235 
MET HB2  H N N 236 
MET HB3  H N N 237 
MET HG2  H N N 238 
MET HG3  H N N 239 
MET HE1  H N N 240 
MET HE2  H N N 241 
MET HE3  H N N 242 
MET HXT  H N N 243 
NH2 N    N N N 244 
NH2 HN1  H N N 245 
NH2 HN2  H N N 246 
PHE N    N N N 247 
PHE CA   C N S 248 
PHE C    C N N 249 
PHE O    O N N 250 
PHE CB   C N N 251 
PHE CG   C Y N 252 
PHE CD1  C Y N 253 
PHE CD2  C Y N 254 
PHE CE1  C Y N 255 
PHE CE2  C Y N 256 
PHE CZ   C Y N 257 
PHE OXT  O N N 258 
PHE H    H N N 259 
PHE H2   H N N 260 
PHE HA   H N N 261 
PHE HB2  H N N 262 
PHE HB3  H N N 263 
PHE HD1  H N N 264 
PHE HD2  H N N 265 
PHE HE1  H N N 266 
PHE HE2  H N N 267 
PHE HZ   H N N 268 
PHE HXT  H N N 269 
PRO N    N N N 270 
PRO CA   C N S 271 
PRO C    C N N 272 
PRO O    O N N 273 
PRO CB   C N N 274 
PRO CG   C N N 275 
PRO CD   C N N 276 
PRO OXT  O N N 277 
PRO H    H N N 278 
PRO HA   H N N 279 
PRO HB2  H N N 280 
PRO HB3  H N N 281 
PRO HG2  H N N 282 
PRO HG3  H N N 283 
PRO HD2  H N N 284 
PRO HD3  H N N 285 
PRO HXT  H N N 286 
SER N    N N N 287 
SER CA   C N S 288 
SER C    C N N 289 
SER O    O N N 290 
SER CB   C N N 291 
SER OG   O N N 292 
SER OXT  O N N 293 
SER H    H N N 294 
SER H2   H N N 295 
SER HA   H N N 296 
SER HB2  H N N 297 
SER HB3  H N N 298 
SER HG   H N N 299 
SER HXT  H N N 300 
TA2 OH1  O N N 301 
TA2 COH  C N R 302 
TA2 C    C N N 303 
TA2 O    O N N 304 
TA2 CA   C N S 305 
TA2 N    N N N 306 
TA2 CG   C Y N 307 
TA2 CD2  C Y N 308 
TA2 CE2  C Y N 309 
TA2 CZ   C Y N 310 
TA2 CE1  C Y N 311 
TA2 CD1  C Y N 312 
TA2 HOH1 H N N 313 
TA2 HOH  H N N 314 
TA2 HA   H N N 315 
TA2 H    H N N 316 
TA2 H2   H N N 317 
TA2 HD2  H N N 318 
TA2 HE2  H N N 319 
TA2 HZ   H N N 320 
TA2 HE1  H N N 321 
TA2 HD1  H N N 322 
TA2 OXT  O N N 323 
TA2 HXT  H N N 324 
THR N    N N N 325 
THR CA   C N S 326 
THR C    C N N 327 
THR O    O N N 328 
THR CB   C N R 329 
THR OG1  O N N 330 
THR CG2  C N N 331 
THR OXT  O N N 332 
THR H    H N N 333 
THR H2   H N N 334 
THR HA   H N N 335 
THR HB   H N N 336 
THR HG1  H N N 337 
THR HG21 H N N 338 
THR HG22 H N N 339 
THR HG23 H N N 340 
THR HXT  H N N 341 
TRP N    N N N 342 
TRP CA   C N S 343 
TRP C    C N N 344 
TRP O    O N N 345 
TRP CB   C N N 346 
TRP CG   C Y N 347 
TRP CD1  C Y N 348 
TRP CD2  C Y N 349 
TRP NE1  N Y N 350 
TRP CE2  C Y N 351 
TRP CE3  C Y N 352 
TRP CZ2  C Y N 353 
TRP CZ3  C Y N 354 
TRP CH2  C Y N 355 
TRP OXT  O N N 356 
TRP H    H N N 357 
TRP H2   H N N 358 
TRP HA   H N N 359 
TRP HB2  H N N 360 
TRP HB3  H N N 361 
TRP HD1  H N N 362 
TRP HE1  H N N 363 
TRP HE3  H N N 364 
TRP HZ2  H N N 365 
TRP HZ3  H N N 366 
TRP HH2  H N N 367 
TRP HXT  H N N 368 
TYR N    N N N 369 
TYR CA   C N S 370 
TYR C    C N N 371 
TYR O    O N N 372 
TYR CB   C N N 373 
TYR CG   C Y N 374 
TYR CD1  C Y N 375 
TYR CD2  C Y N 376 
TYR CE1  C Y N 377 
TYR CE2  C Y N 378 
TYR CZ   C Y N 379 
TYR OH   O N N 380 
TYR OXT  O N N 381 
TYR H    H N N 382 
TYR H2   H N N 383 
TYR HA   H N N 384 
TYR HB2  H N N 385 
TYR HB3  H N N 386 
TYR HD1  H N N 387 
TYR HD2  H N N 388 
TYR HE1  H N N 389 
TYR HE2  H N N 390 
TYR HH   H N N 391 
TYR HXT  H N N 392 
VAL N    N N N 393 
VAL CA   C N S 394 
VAL C    C N N 395 
VAL O    O N N 396 
VAL CB   C N N 397 
VAL CG1  C N N 398 
VAL CG2  C N N 399 
VAL OXT  O N N 400 
VAL H    H N N 401 
VAL H2   H N N 402 
VAL HA   H N N 403 
VAL HB   H N N 404 
VAL HG11 H N N 405 
VAL HG12 H N N 406 
VAL HG13 H N N 407 
VAL HG21 H N N 408 
VAL HG22 H N N 409 
VAL HG23 H N N 410 
VAL HXT  H N N 411 
# 
loop_
_chem_comp_bond.comp_id 
_chem_comp_bond.atom_id_1 
_chem_comp_bond.atom_id_2 
_chem_comp_bond.value_order 
_chem_comp_bond.pdbx_aromatic_flag 
_chem_comp_bond.pdbx_stereo_config 
_chem_comp_bond.pdbx_ordinal 
ACE C   O    doub N N 1   
ACE C   CH3  sing N N 2   
ACE C   H    sing N N 3   
ACE CH3 H1   sing N N 4   
ACE CH3 H2   sing N N 5   
ACE CH3 H3   sing N N 6   
ACY C   O    doub N N 7   
ACY C   OXT  sing N N 8   
ACY C   CH3  sing N N 9   
ACY OXT HXT  sing N N 10  
ACY CH3 H1   sing N N 11  
ACY CH3 H2   sing N N 12  
ACY CH3 H3   sing N N 13  
ALA N   CA   sing N N 14  
ALA N   H    sing N N 15  
ALA N   H2   sing N N 16  
ALA CA  C    sing N N 17  
ALA CA  CB   sing N N 18  
ALA CA  HA   sing N N 19  
ALA C   O    doub N N 20  
ALA C   OXT  sing N N 21  
ALA CB  HB1  sing N N 22  
ALA CB  HB2  sing N N 23  
ALA CB  HB3  sing N N 24  
ALA OXT HXT  sing N N 25  
ARG N   CA   sing N N 26  
ARG N   H    sing N N 27  
ARG N   H2   sing N N 28  
ARG CA  C    sing N N 29  
ARG CA  CB   sing N N 30  
ARG CA  HA   sing N N 31  
ARG C   O    doub N N 32  
ARG C   OXT  sing N N 33  
ARG CB  CG   sing N N 34  
ARG CB  HB2  sing N N 35  
ARG CB  HB3  sing N N 36  
ARG CG  CD   sing N N 37  
ARG CG  HG2  sing N N 38  
ARG CG  HG3  sing N N 39  
ARG CD  NE   sing N N 40  
ARG CD  HD2  sing N N 41  
ARG CD  HD3  sing N N 42  
ARG NE  CZ   sing N N 43  
ARG NE  HE   sing N N 44  
ARG CZ  NH1  sing N N 45  
ARG CZ  NH2  doub N N 46  
ARG NH1 HH11 sing N N 47  
ARG NH1 HH12 sing N N 48  
ARG NH2 HH21 sing N N 49  
ARG NH2 HH22 sing N N 50  
ARG OXT HXT  sing N N 51  
ASN N   CA   sing N N 52  
ASN N   H    sing N N 53  
ASN N   H2   sing N N 54  
ASN CA  C    sing N N 55  
ASN CA  CB   sing N N 56  
ASN CA  HA   sing N N 57  
ASN C   O    doub N N 58  
ASN C   OXT  sing N N 59  
ASN CB  CG   sing N N 60  
ASN CB  HB2  sing N N 61  
ASN CB  HB3  sing N N 62  
ASN CG  OD1  doub N N 63  
ASN CG  ND2  sing N N 64  
ASN ND2 HD21 sing N N 65  
ASN ND2 HD22 sing N N 66  
ASN OXT HXT  sing N N 67  
ASP N   CA   sing N N 68  
ASP N   H    sing N N 69  
ASP N   H2   sing N N 70  
ASP CA  C    sing N N 71  
ASP CA  CB   sing N N 72  
ASP CA  HA   sing N N 73  
ASP C   O    doub N N 74  
ASP C   OXT  sing N N 75  
ASP CB  CG   sing N N 76  
ASP CB  HB2  sing N N 77  
ASP CB  HB3  sing N N 78  
ASP CG  OD1  doub N N 79  
ASP CG  OD2  sing N N 80  
ASP OD2 HD2  sing N N 81  
ASP OXT HXT  sing N N 82  
CYS N   CA   sing N N 83  
CYS N   H    sing N N 84  
CYS N   H2   sing N N 85  
CYS CA  C    sing N N 86  
CYS CA  CB   sing N N 87  
CYS CA  HA   sing N N 88  
CYS C   O    doub N N 89  
CYS C   OXT  sing N N 90  
CYS CB  SG   sing N N 91  
CYS CB  HB2  sing N N 92  
CYS CB  HB3  sing N N 93  
CYS SG  HG   sing N N 94  
CYS OXT HXT  sing N N 95  
GLN N   CA   sing N N 96  
GLN N   H    sing N N 97  
GLN N   H2   sing N N 98  
GLN CA  C    sing N N 99  
GLN CA  CB   sing N N 100 
GLN CA  HA   sing N N 101 
GLN C   O    doub N N 102 
GLN C   OXT  sing N N 103 
GLN CB  CG   sing N N 104 
GLN CB  HB2  sing N N 105 
GLN CB  HB3  sing N N 106 
GLN CG  CD   sing N N 107 
GLN CG  HG2  sing N N 108 
GLN CG  HG3  sing N N 109 
GLN CD  OE1  doub N N 110 
GLN CD  NE2  sing N N 111 
GLN NE2 HE21 sing N N 112 
GLN NE2 HE22 sing N N 113 
GLN OXT HXT  sing N N 114 
GLU N   CA   sing N N 115 
GLU N   H    sing N N 116 
GLU N   H2   sing N N 117 
GLU CA  C    sing N N 118 
GLU CA  CB   sing N N 119 
GLU CA  HA   sing N N 120 
GLU C   O    doub N N 121 
GLU C   OXT  sing N N 122 
GLU CB  CG   sing N N 123 
GLU CB  HB2  sing N N 124 
GLU CB  HB3  sing N N 125 
GLU CG  CD   sing N N 126 
GLU CG  HG2  sing N N 127 
GLU CG  HG3  sing N N 128 
GLU CD  OE1  doub N N 129 
GLU CD  OE2  sing N N 130 
GLU OE2 HE2  sing N N 131 
GLU OXT HXT  sing N N 132 
GLY N   CA   sing N N 133 
GLY N   H    sing N N 134 
GLY N   H2   sing N N 135 
GLY CA  C    sing N N 136 
GLY CA  HA2  sing N N 137 
GLY CA  HA3  sing N N 138 
GLY C   O    doub N N 139 
GLY C   OXT  sing N N 140 
GLY OXT HXT  sing N N 141 
HOH O   H1   sing N N 142 
HOH O   H2   sing N N 143 
ILE N   CA   sing N N 144 
ILE N   H    sing N N 145 
ILE N   H2   sing N N 146 
ILE CA  C    sing N N 147 
ILE CA  CB   sing N N 148 
ILE CA  HA   sing N N 149 
ILE C   O    doub N N 150 
ILE C   OXT  sing N N 151 
ILE CB  CG1  sing N N 152 
ILE CB  CG2  sing N N 153 
ILE CB  HB   sing N N 154 
ILE CG1 CD1  sing N N 155 
ILE CG1 HG12 sing N N 156 
ILE CG1 HG13 sing N N 157 
ILE CG2 HG21 sing N N 158 
ILE CG2 HG22 sing N N 159 
ILE CG2 HG23 sing N N 160 
ILE CD1 HD11 sing N N 161 
ILE CD1 HD12 sing N N 162 
ILE CD1 HD13 sing N N 163 
ILE OXT HXT  sing N N 164 
LEU N   CA   sing N N 165 
LEU N   H    sing N N 166 
LEU N   H2   sing N N 167 
LEU CA  C    sing N N 168 
LEU CA  CB   sing N N 169 
LEU CA  HA   sing N N 170 
LEU C   O    doub N N 171 
LEU C   OXT  sing N N 172 
LEU CB  CG   sing N N 173 
LEU CB  HB2  sing N N 174 
LEU CB  HB3  sing N N 175 
LEU CG  CD1  sing N N 176 
LEU CG  CD2  sing N N 177 
LEU CG  HG   sing N N 178 
LEU CD1 HD11 sing N N 179 
LEU CD1 HD12 sing N N 180 
LEU CD1 HD13 sing N N 181 
LEU CD2 HD21 sing N N 182 
LEU CD2 HD22 sing N N 183 
LEU CD2 HD23 sing N N 184 
LEU OXT HXT  sing N N 185 
LYS N   CA   sing N N 186 
LYS N   H    sing N N 187 
LYS N   H2   sing N N 188 
LYS CA  C    sing N N 189 
LYS CA  CB   sing N N 190 
LYS CA  HA   sing N N 191 
LYS C   O    doub N N 192 
LYS C   OXT  sing N N 193 
LYS CB  CG   sing N N 194 
LYS CB  HB2  sing N N 195 
LYS CB  HB3  sing N N 196 
LYS CG  CD   sing N N 197 
LYS CG  HG2  sing N N 198 
LYS CG  HG3  sing N N 199 
LYS CD  CE   sing N N 200 
LYS CD  HD2  sing N N 201 
LYS CD  HD3  sing N N 202 
LYS CE  NZ   sing N N 203 
LYS CE  HE2  sing N N 204 
LYS CE  HE3  sing N N 205 
LYS NZ  HZ1  sing N N 206 
LYS NZ  HZ2  sing N N 207 
LYS NZ  HZ3  sing N N 208 
LYS OXT HXT  sing N N 209 
MET N   CA   sing N N 210 
MET N   H    sing N N 211 
MET N   H2   sing N N 212 
MET CA  C    sing N N 213 
MET CA  CB   sing N N 214 
MET CA  HA   sing N N 215 
MET C   O    doub N N 216 
MET C   OXT  sing N N 217 
MET CB  CG   sing N N 218 
MET CB  HB2  sing N N 219 
MET CB  HB3  sing N N 220 
MET CG  SD   sing N N 221 
MET CG  HG2  sing N N 222 
MET CG  HG3  sing N N 223 
MET SD  CE   sing N N 224 
MET CE  HE1  sing N N 225 
MET CE  HE2  sing N N 226 
MET CE  HE3  sing N N 227 
MET OXT HXT  sing N N 228 
NH2 N   HN1  sing N N 229 
NH2 N   HN2  sing N N 230 
PHE N   CA   sing N N 231 
PHE N   H    sing N N 232 
PHE N   H2   sing N N 233 
PHE CA  C    sing N N 234 
PHE CA  CB   sing N N 235 
PHE CA  HA   sing N N 236 
PHE C   O    doub N N 237 
PHE C   OXT  sing N N 238 
PHE CB  CG   sing N N 239 
PHE CB  HB2  sing N N 240 
PHE CB  HB3  sing N N 241 
PHE CG  CD1  doub Y N 242 
PHE CG  CD2  sing Y N 243 
PHE CD1 CE1  sing Y N 244 
PHE CD1 HD1  sing N N 245 
PHE CD2 CE2  doub Y N 246 
PHE CD2 HD2  sing N N 247 
PHE CE1 CZ   doub Y N 248 
PHE CE1 HE1  sing N N 249 
PHE CE2 CZ   sing Y N 250 
PHE CE2 HE2  sing N N 251 
PHE CZ  HZ   sing N N 252 
PHE OXT HXT  sing N N 253 
PRO N   CA   sing N N 254 
PRO N   CD   sing N N 255 
PRO N   H    sing N N 256 
PRO CA  C    sing N N 257 
PRO CA  CB   sing N N 258 
PRO CA  HA   sing N N 259 
PRO C   O    doub N N 260 
PRO C   OXT  sing N N 261 
PRO CB  CG   sing N N 262 
PRO CB  HB2  sing N N 263 
PRO CB  HB3  sing N N 264 
PRO CG  CD   sing N N 265 
PRO CG  HG2  sing N N 266 
PRO CG  HG3  sing N N 267 
PRO CD  HD2  sing N N 268 
PRO CD  HD3  sing N N 269 
PRO OXT HXT  sing N N 270 
SER N   CA   sing N N 271 
SER N   H    sing N N 272 
SER N   H2   sing N N 273 
SER CA  C    sing N N 274 
SER CA  CB   sing N N 275 
SER CA  HA   sing N N 276 
SER C   O    doub N N 277 
SER C   OXT  sing N N 278 
SER CB  OG   sing N N 279 
SER CB  HB2  sing N N 280 
SER CB  HB3  sing N N 281 
SER OG  HG   sing N N 282 
SER OXT HXT  sing N N 283 
TA2 OH1 COH  sing N N 284 
TA2 OH1 HOH1 sing N N 285 
TA2 COH C    sing N N 286 
TA2 COH CA   sing N N 287 
TA2 COH HOH  sing N N 288 
TA2 C   O    doub N N 289 
TA2 CA  N    sing N N 290 
TA2 CA  CG   sing N N 291 
TA2 CA  HA   sing N N 292 
TA2 N   H    sing N N 293 
TA2 N   H2   sing N N 294 
TA2 CG  CD2  doub Y N 295 
TA2 CG  CD1  sing Y N 296 
TA2 CD2 CE2  sing Y N 297 
TA2 CD2 HD2  sing N N 298 
TA2 CE2 CZ   doub Y N 299 
TA2 CE2 HE2  sing N N 300 
TA2 CZ  CE1  sing Y N 301 
TA2 CZ  HZ   sing N N 302 
TA2 CE1 CD1  doub Y N 303 
TA2 CE1 HE1  sing N N 304 
TA2 CD1 HD1  sing N N 305 
TA2 C   OXT  sing N N 306 
TA2 OXT HXT  sing N N 307 
THR N   CA   sing N N 308 
THR N   H    sing N N 309 
THR N   H2   sing N N 310 
THR CA  C    sing N N 311 
THR CA  CB   sing N N 312 
THR CA  HA   sing N N 313 
THR C   O    doub N N 314 
THR C   OXT  sing N N 315 
THR CB  OG1  sing N N 316 
THR CB  CG2  sing N N 317 
THR CB  HB   sing N N 318 
THR OG1 HG1  sing N N 319 
THR CG2 HG21 sing N N 320 
THR CG2 HG22 sing N N 321 
THR CG2 HG23 sing N N 322 
THR OXT HXT  sing N N 323 
TRP N   CA   sing N N 324 
TRP N   H    sing N N 325 
TRP N   H2   sing N N 326 
TRP CA  C    sing N N 327 
TRP CA  CB   sing N N 328 
TRP CA  HA   sing N N 329 
TRP C   O    doub N N 330 
TRP C   OXT  sing N N 331 
TRP CB  CG   sing N N 332 
TRP CB  HB2  sing N N 333 
TRP CB  HB3  sing N N 334 
TRP CG  CD1  doub Y N 335 
TRP CG  CD2  sing Y N 336 
TRP CD1 NE1  sing Y N 337 
TRP CD1 HD1  sing N N 338 
TRP CD2 CE2  doub Y N 339 
TRP CD2 CE3  sing Y N 340 
TRP NE1 CE2  sing Y N 341 
TRP NE1 HE1  sing N N 342 
TRP CE2 CZ2  sing Y N 343 
TRP CE3 CZ3  doub Y N 344 
TRP CE3 HE3  sing N N 345 
TRP CZ2 CH2  doub Y N 346 
TRP CZ2 HZ2  sing N N 347 
TRP CZ3 CH2  sing Y N 348 
TRP CZ3 HZ3  sing N N 349 
TRP CH2 HH2  sing N N 350 
TRP OXT HXT  sing N N 351 
TYR N   CA   sing N N 352 
TYR N   H    sing N N 353 
TYR N   H2   sing N N 354 
TYR CA  C    sing N N 355 
TYR CA  CB   sing N N 356 
TYR CA  HA   sing N N 357 
TYR C   O    doub N N 358 
TYR C   OXT  sing N N 359 
TYR CB  CG   sing N N 360 
TYR CB  HB2  sing N N 361 
TYR CB  HB3  sing N N 362 
TYR CG  CD1  doub Y N 363 
TYR CG  CD2  sing Y N 364 
TYR CD1 CE1  sing Y N 365 
TYR CD1 HD1  sing N N 366 
TYR CD2 CE2  doub Y N 367 
TYR CD2 HD2  sing N N 368 
TYR CE1 CZ   doub Y N 369 
TYR CE1 HE1  sing N N 370 
TYR CE2 CZ   sing Y N 371 
TYR CE2 HE2  sing N N 372 
TYR CZ  OH   sing N N 373 
TYR OH  HH   sing N N 374 
TYR OXT HXT  sing N N 375 
VAL N   CA   sing N N 376 
VAL N   H    sing N N 377 
VAL N   H2   sing N N 378 
VAL CA  C    sing N N 379 
VAL CA  CB   sing N N 380 
VAL CA  HA   sing N N 381 
VAL C   O    doub N N 382 
VAL C   OXT  sing N N 383 
VAL CB  CG1  sing N N 384 
VAL CB  CG2  sing N N 385 
VAL CB  HB   sing N N 386 
VAL CG1 HG11 sing N N 387 
VAL CG1 HG12 sing N N 388 
VAL CG1 HG13 sing N N 389 
VAL CG2 HG21 sing N N 390 
VAL CG2 HG22 sing N N 391 
VAL CG2 HG23 sing N N 392 
VAL OXT HXT  sing N N 393 
# 
_pdbx_initial_refinement_model.id               1 
_pdbx_initial_refinement_model.entity_id_list   ? 
_pdbx_initial_refinement_model.type             'experimental model' 
_pdbx_initial_refinement_model.source_name      PDB 
_pdbx_initial_refinement_model.accession_code   1S2B 
_pdbx_initial_refinement_model.details          'PDB entry 1S2B' 
# 
_atom_sites.entry_id                    2IFR 
_atom_sites.fract_transf_matrix[1][1]   0.00530575 
_atom_sites.fract_transf_matrix[1][2]   0.00887724 
_atom_sites.fract_transf_matrix[1][3]   -0.00239370 
_atom_sites.fract_transf_matrix[2][1]   0.00393171 
_atom_sites.fract_transf_matrix[2][2]   0.00608844 
_atom_sites.fract_transf_matrix[2][3]   0.00775569 
_atom_sites.fract_transf_matrix[3][1]   0.00745632 
_atom_sites.fract_transf_matrix[3][2]   -0.00451913 
_atom_sites.fract_transf_matrix[3][3]   -0.00023230 
_atom_sites.fract_transf_vector[1]      0.887545 
_atom_sites.fract_transf_vector[2]      0.387148 
_atom_sites.fract_transf_vector[3]      0.127753 
# 
loop_
_atom_type.symbol 
C 
N 
O 
S 
# 
loop_
_atom_site.group_PDB 
_atom_site.id 
_atom_site.type_symbol 
_atom_site.label_atom_id 
_atom_site.label_alt_id 
_atom_site.label_comp_id 
_atom_site.label_asym_id 
_atom_site.label_entity_id 
_atom_site.label_seq_id 
_atom_site.pdbx_PDB_ins_code 
_atom_site.Cartn_x 
_atom_site.Cartn_y 
_atom_site.Cartn_z 
_atom_site.occupancy 
_atom_site.B_iso_or_equiv 
_atom_site.pdbx_formal_charge 
_atom_site.auth_seq_id 
_atom_site.auth_comp_id 
_atom_site.auth_asym_id 
_atom_site.auth_atom_id 
_atom_site.pdbx_PDB_model_num 
ATOM   1    N N   . THR A 1 1   ? 7.344   -10.229 17.715  1.00 28.87 ? 1   THR A N   1 
ATOM   2    C CA  . THR A 1 1   ? 8.386   -10.233 16.639  1.00 26.96 ? 1   THR A CA  1 
ATOM   3    C C   . THR A 1 1   ? 7.736   -10.330 15.260  1.00 24.57 ? 1   THR A C   1 
ATOM   4    O O   . THR A 1 1   ? 7.114   -11.365 14.903  1.00 24.92 ? 1   THR A O   1 
ATOM   5    C CB  . THR A 1 1   ? 9.354   -11.401 16.845  1.00 30.16 ? 1   THR A CB  1 
ATOM   6    O OG1 . THR A 1 1   ? 9.990   -11.257 18.124  1.00 33.09 ? 1   THR A OG1 1 
ATOM   7    C CG2 . THR A 1 1   ? 10.411  -11.430 15.742  1.00 29.01 ? 1   THR A CG2 1 
ATOM   8    N N   . VAL A 1 2   ? 7.849   -9.271  14.482  1.00 22.71 ? 2   VAL A N   1 
ATOM   9    C CA  . VAL A 1 2   ? 7.266   -9.245  13.147  1.00 22.89 ? 2   VAL A CA  1 
ATOM   10   C C   . VAL A 1 2   ? 8.311   -9.846  12.206  1.00 24.84 ? 2   VAL A C   1 
ATOM   11   O O   . VAL A 1 2   ? 9.455   -9.322  12.085  1.00 25.05 ? 2   VAL A O   1 
ATOM   12   C CB  . VAL A 1 2   ? 6.944   -7.786  12.751  1.00 23.17 ? 2   VAL A CB  1 
ATOM   13   C CG1 . VAL A 1 2   ? 6.291   -7.719  11.364  1.00 20.90 ? 2   VAL A CG1 1 
ATOM   14   C CG2 . VAL A 1 2   ? 6.021   -7.186  13.811  1.00 21.38 ? 2   VAL A CG2 1 
ATOM   15   N N   . GLU A 1 3   ? 7.974   -10.946 11.554  1.00 23.06 ? 3   GLU A N   1 
ATOM   16   C CA  . GLU A 1 3   ? 8.929   -11.573 10.654  1.00 23.04 ? 3   GLU A CA  1 
ATOM   17   C C   . GLU A 1 3   ? 8.693   -11.136 9.222   1.00 22.33 ? 3   GLU A C   1 
ATOM   18   O O   . GLU A 1 3   ? 9.652   -11.055 8.414   1.00 22.34 ? 3   GLU A O   1 
ATOM   19   C CB  . GLU A 1 3   ? 8.840   -13.097 10.815  1.00 23.76 ? 3   GLU A CB  1 
ATOM   20   C CG  . GLU A 1 3   ? 9.686   -13.565 11.974  1.00 25.30 ? 3   GLU A CG  1 
ATOM   21   C CD  . GLU A 1 3   ? 9.059   -14.678 12.777  1.00 32.99 ? 3   GLU A CD  1 
ATOM   22   O OE1 . GLU A 1 3   ? 9.832   -15.560 13.253  1.00 33.35 ? 3   GLU A OE1 1 
ATOM   23   O OE2 . GLU A 1 3   ? 7.810   -14.668 12.951  1.00 31.62 ? 3   GLU A OE2 1 
ATOM   24   N N   . SER A 1 4   ? 7.450   -10.814 8.890   1.00 19.92 ? 4   SER A N   1 
ATOM   25   C CA  . SER A 1 4   ? 7.111   -10.381 7.540   1.00 19.81 ? 4   SER A CA  1 
ATOM   26   C C   . SER A 1 4   ? 6.099   -9.258  7.701   1.00 20.34 ? 4   SER A C   1 
ATOM   27   O O   . SER A 1 4   ? 5.012   -9.459  8.329   1.00 17.52 ? 4   SER A O   1 
ATOM   28   C CB  . SER A 1 4   ? 6.493   -11.541 6.744   1.00 20.01 ? 4   SER A CB  1 
ATOM   29   O OG  . SER A 1 4   ? 5.929   -11.061 5.527   1.00 18.69 ? 4   SER A OG  1 
ATOM   30   N N   . ASN A 1 5   ? 6.415   -8.086  7.160   1.00 19.61 ? 5   ASN A N   1 
ATOM   31   C CA  . ASN A 1 5   ? 5.531   -6.937  7.323   1.00 22.09 ? 5   ASN A CA  1 
ATOM   32   C C   . ASN A 1 5   ? 4.597   -6.622  6.171   1.00 21.56 ? 5   ASN A C   1 
ATOM   33   O O   . ASN A 1 5   ? 3.763   -5.663  6.281   1.00 20.64 ? 5   ASN A O   1 
ATOM   34   C CB  . ASN A 1 5   ? 6.382   -5.696  7.660   1.00 24.97 ? 5   ASN A CB  1 
ATOM   35   C CG  . ASN A 1 5   ? 7.262   -5.248  6.488   1.00 28.63 ? 5   ASN A CG  1 
ATOM   36   O OD1 . ASN A 1 5   ? 7.860   -6.095  5.751   1.00 30.10 ? 5   ASN A OD1 1 
ATOM   37   N ND2 . ASN A 1 5   ? 7.349   -4.024  6.305   1.00 32.88 ? 5   ASN A ND2 1 
ATOM   38   N N   . TRP A 1 6   ? 4.705   -7.355  5.067   1.00 19.19 ? 6   TRP A N   1 
ATOM   39   C CA  . TRP A 1 6   ? 3.831   -7.108  3.897   1.00 20.17 ? 6   TRP A CA  1 
ATOM   40   C C   . TRP A 1 6   ? 3.001   -8.338  3.603   1.00 18.44 ? 6   TRP A C   1 
ATOM   41   O O   . TRP A 1 6   ? 3.520   -9.469  3.658   1.00 20.16 ? 6   TRP A O   1 
ATOM   42   C CB  . TRP A 1 6   ? 4.645   -6.831  2.610   1.00 20.65 ? 6   TRP A CB  1 
ATOM   43   C CG  . TRP A 1 6   ? 5.258   -5.457  2.437   1.00 23.42 ? 6   TRP A CG  1 
ATOM   44   C CD1 . TRP A 1 6   ? 5.545   -4.529  3.415   1.00 23.08 ? 6   TRP A CD1 1 
ATOM   45   C CD2 . TRP A 1 6   ? 5.772   -4.911  1.205   1.00 22.43 ? 6   TRP A CD2 1 
ATOM   46   N NE1 . TRP A 1 6   ? 6.220   -3.441  2.858   1.00 23.62 ? 6   TRP A NE1 1 
ATOM   47   C CE2 . TRP A 1 6   ? 6.368   -3.654  1.508   1.00 23.96 ? 6   TRP A CE2 1 
ATOM   48   C CE3 . TRP A 1 6   ? 5.787   -5.364  -0.123  1.00 24.05 ? 6   TRP A CE3 1 
ATOM   49   C CZ2 . TRP A 1 6   ? 6.975   -2.850  0.522   1.00 19.37 ? 6   TRP A CZ2 1 
ATOM   50   C CZ3 . TRP A 1 6   ? 6.391   -4.552  -1.106  1.00 22.77 ? 6   TRP A CZ3 1 
ATOM   51   C CH2 . TRP A 1 6   ? 6.973   -3.313  -0.764  1.00 21.03 ? 6   TRP A CH2 1 
ATOM   52   N N   . GLY A 1 7   ? 1.736   -8.126  3.285   1.00 17.51 ? 7   GLY A N   1 
ATOM   53   C CA  . GLY A 1 7   ? 0.856   -9.200  2.902   1.00 18.30 ? 7   GLY A CA  1 
ATOM   54   C C   . GLY A 1 7   ? 0.239   -8.736  1.586   1.00 19.64 ? 7   GLY A C   1 
ATOM   55   O O   . GLY A 1 7   ? -0.140  -7.523  1.435   1.00 19.01 ? 7   GLY A O   1 
ATOM   56   N N   . GLY A 1 8   ? 0.126   -9.614  0.601   1.00 19.37 ? 8   GLY A N   1 
ATOM   57   C CA  . GLY A 1 8   ? -0.493  -9.156  -0.633  1.00 18.05 ? 8   GLY A CA  1 
ATOM   58   C C   . GLY A 1 8   ? 0.122   -9.756  -1.870  1.00 20.51 ? 8   GLY A C   1 
ATOM   59   O O   . GLY A 1 8   ? 0.788   -10.843 -1.794  1.00 20.20 ? 8   GLY A O   1 
ATOM   60   N N   . ALA A 1 9   ? -0.051  -9.084  -3.012  1.00 20.25 ? 9   ALA A N   1 
ATOM   61   C CA  . ALA A 1 9   ? 0.436   -9.622  -4.294  1.00 18.31 ? 9   ALA A CA  1 
ATOM   62   C C   . ALA A 1 9   ? 1.475   -8.693  -4.907  1.00 20.41 ? 9   ALA A C   1 
ATOM   63   O O   . ALA A 1 9   ? 1.278   -7.415  -4.937  1.00 18.68 ? 9   ALA A O   1 
ATOM   64   C CB  . ALA A 1 9   ? -0.770  -9.808  -5.245  1.00 17.55 ? 9   ALA A CB  1 
ATOM   65   N N   . ILE A 1 10  ? 2.578   -9.273  -5.370  1.00 20.88 ? 10  ILE A N   1 
ATOM   66   C CA  . ILE A 1 10  ? 3.677   -8.493  -5.960  1.00 22.29 ? 10  ILE A CA  1 
ATOM   67   C C   . ILE A 1 10  ? 4.027   -9.054  -7.339  1.00 25.19 ? 10  ILE A C   1 
ATOM   68   O O   . ILE A 1 10  ? 4.345   -10.282 -7.475  1.00 23.74 ? 10  ILE A O   1 
ATOM   69   C CB  . ILE A 1 10  ? 4.967   -8.579  -5.101  1.00 20.97 ? 10  ILE A CB  1 
ATOM   70   C CG1 . ILE A 1 10  ? 4.673   -8.200  -3.652  1.00 19.42 ? 10  ILE A CG1 1 
ATOM   71   C CG2 . ILE A 1 10  ? 6.071   -7.651  -5.692  1.00 24.76 ? 10  ILE A CG2 1 
ATOM   72   C CD1 . ILE A 1 10  ? 5.825   -8.541  -2.686  1.00 21.84 ? 10  ILE A CD1 1 
ATOM   73   N N   . LEU A 1 11  ? 3.952   -8.204  -8.361  1.00 25.02 ? 11  LEU A N   1 
ATOM   74   C CA  . LEU A 1 11  ? 4.338   -8.599  -9.729  1.00 26.99 ? 11  LEU A CA  1 
ATOM   75   C C   . LEU A 1 11  ? 5.760   -8.109  -9.951  1.00 27.50 ? 11  LEU A C   1 
ATOM   76   O O   . LEU A 1 11  ? 6.142   -6.971  -9.483  1.00 24.42 ? 11  LEU A O   1 
ATOM   77   C CB  . LEU A 1 11  ? 3.421   -7.950  -10.766 1.00 25.22 ? 11  LEU A CB  1 
ATOM   78   C CG  . LEU A 1 11  ? 2.017   -8.513  -10.897 1.00 29.26 ? 11  LEU A CG  1 
ATOM   79   C CD1 . LEU A 1 11  ? 1.185   -7.605  -11.784 1.00 29.62 ? 11  LEU A CD1 1 
ATOM   80   C CD2 . LEU A 1 11  ? 2.104   -9.922  -11.512 1.00 27.42 ? 11  LEU A CD2 1 
ATOM   81   N N   . ILE A 1 12  ? 6.573   -8.915  -10.629 1.00 29.81 ? 12  ILE A N   1 
ATOM   82   C CA  . ILE A 1 12  ? 7.955   -8.530  -10.926 1.00 30.79 ? 12  ILE A CA  1 
ATOM   83   C C   . ILE A 1 12  ? 8.040   -8.365  -12.437 1.00 33.01 ? 12  ILE A C   1 
ATOM   84   O O   . ILE A 1 12  ? 7.527   -9.240  -13.206 1.00 33.27 ? 12  ILE A O   1 
ATOM   85   C CB  . ILE A 1 12  ? 8.946   -9.616  -10.510 1.00 33.43 ? 12  ILE A CB  1 
ATOM   86   C CG1 . ILE A 1 12  ? 8.767   -9.950  -9.029  1.00 32.57 ? 12  ILE A CG1 1 
ATOM   87   C CG2 . ILE A 1 12  ? 10.386  -9.138  -10.786 1.00 31.51 ? 12  ILE A CG2 1 
ATOM   88   C CD1 . ILE A 1 12  ? 9.397   -8.953  -8.102  1.00 33.31 ? 12  ILE A CD1 1 
ATOM   89   N N   . GLY A 1 13  ? 8.643   -7.279  -12.909 1.00 33.02 ? 13  GLY A N   1 
ATOM   90   C CA  . GLY A 1 13  ? 8.731   -7.108  -14.350 1.00 33.16 ? 13  GLY A CA  1 
ATOM   91   C C   . GLY A 1 13  ? 9.529   -5.879  -14.704 1.00 32.39 ? 13  GLY A C   1 
ATOM   92   O O   . GLY A 1 13  ? 10.554  -5.572  -14.029 1.00 32.15 ? 13  GLY A O   1 
ATOM   93   N N   . SER A 1 14  ? 9.101   -5.159  -15.734 1.00 34.28 ? 14  SER A N   1 
ATOM   94   C CA  . SER A 1 14  ? 9.822   -3.926  -16.126 1.00 36.13 ? 14  SER A CA  1 
ATOM   95   C C   . SER A 1 14  ? 8.867   -2.943  -16.800 1.00 35.34 ? 14  SER A C   1 
ATOM   96   O O   . SER A 1 14  ? 7.789   -3.347  -17.341 1.00 33.38 ? 14  SER A O   1 
ATOM   97   C CB  . SER A 1 14  ? 10.967  -4.278  -17.083 1.00 36.62 ? 14  SER A CB  1 
ATOM   98   O OG  . SER A 1 14  ? 10.437  -4.992  -18.188 1.00 41.56 ? 14  SER A OG  1 
ATOM   99   N N   . ASP A 1 15  ? 9.227   -1.666  -16.778 1.00 35.57 ? 15  ASP A N   1 
ATOM   100  C CA  . ASP A 1 15  ? 8.394   -0.636  -17.398 1.00 37.04 ? 15  ASP A CA  1 
ATOM   101  C C   . ASP A 1 15  ? 6.986   -0.556  -16.849 1.00 35.76 ? 15  ASP A C   1 
ATOM   102  O O   . ASP A 1 15  ? 5.997   -0.326  -17.638 1.00 34.98 ? 15  ASP A O   1 
ATOM   103  C CB  . ASP A 1 15  ? 8.307   -0.862  -18.907 1.00 40.24 ? 15  ASP A CB  1 
ATOM   104  C CG  . ASP A 1 15  ? 9.637   -0.650  -19.607 1.00 44.17 ? 15  ASP A CG  1 
ATOM   105  O OD1 . ASP A 1 15  ? 10.559  -0.062  -18.984 1.00 44.62 ? 15  ASP A OD1 1 
ATOM   106  O OD2 . ASP A 1 15  ? 9.749   -1.067  -20.783 1.00 46.74 ? 15  ASP A OD2 1 
ATOM   107  N N   . PHE A 1 16  ? 6.828   -0.731  -15.541 1.00 35.38 ? 16  PHE A N   1 
ATOM   108  C CA  . PHE A 1 16  ? 5.476   -0.654  -14.966 1.00 34.44 ? 16  PHE A CA  1 
ATOM   109  C C   . PHE A 1 16  ? 5.025   0.795   -15.081 1.00 35.12 ? 16  PHE A C   1 
ATOM   110  O O   . PHE A 1 16  ? 5.795   1.730   -14.709 1.00 33.99 ? 16  PHE A O   1 
ATOM   111  C CB  . PHE A 1 16  ? 5.488   -1.139  -13.506 1.00 34.15 ? 16  PHE A CB  1 
ATOM   112  C CG  . PHE A 1 16  ? 5.486   -2.640  -13.382 1.00 29.98 ? 16  PHE A CG  1 
ATOM   113  C CD1 . PHE A 1 16  ? 6.383   -3.280  -12.555 1.00 30.80 ? 16  PHE A CD1 1 
ATOM   114  C CD2 . PHE A 1 16  ? 4.593   -3.403  -14.129 1.00 29.26 ? 16  PHE A CD2 1 
ATOM   115  C CE1 . PHE A 1 16  ? 6.408   -4.668  -12.466 1.00 30.37 ? 16  PHE A CE1 1 
ATOM   116  C CE2 . PHE A 1 16  ? 4.602   -4.800  -14.051 1.00 30.04 ? 16  PHE A CE2 1 
ATOM   117  C CZ  . PHE A 1 16  ? 5.509   -5.429  -13.222 1.00 28.41 ? 16  PHE A CZ  1 
ATOM   118  N N   . ASP A 1 17  ? 3.820   0.991   -15.611 1.00 35.33 ? 17  ASP A N   1 
ATOM   119  C CA  . ASP A 1 17  ? 3.251   2.326   -15.834 1.00 37.88 ? 17  ASP A CA  1 
ATOM   120  C C   . ASP A 1 17  ? 2.296   2.775   -14.757 1.00 36.19 ? 17  ASP A C   1 
ATOM   121  O O   . ASP A 1 17  ? 2.566   3.759   -14.022 1.00 36.95 ? 17  ASP A O   1 
ATOM   122  C CB  . ASP A 1 17  ? 2.517   2.352   -17.181 1.00 40.55 ? 17  ASP A CB  1 
ATOM   123  C CG  . ASP A 1 17  ? 3.458   2.208   -18.339 1.00 44.91 ? 17  ASP A CG  1 
ATOM   124  O OD1 . ASP A 1 17  ? 3.090   1.548   -19.338 1.00 49.20 ? 17  ASP A OD1 1 
ATOM   125  O OD2 . ASP A 1 17  ? 4.579   2.759   -18.248 1.00 47.69 ? 17  ASP A OD2 1 
ATOM   126  N N   . THR A 1 18  ? 1.172   2.086   -14.659 1.00 35.81 ? 18  THR A N   1 
ATOM   127  C CA  . THR A 1 18  ? 0.159   2.432   -13.674 1.00 35.00 ? 18  THR A CA  1 
ATOM   128  C C   . THR A 1 18  ? -0.310  1.194   -12.909 1.00 32.75 ? 18  THR A C   1 
ATOM   129  O O   . THR A 1 18  ? -0.406  0.066   -13.491 1.00 33.34 ? 18  THR A O   1 
ATOM   130  C CB  . THR A 1 18  ? -1.070  3.020   -14.356 1.00 35.80 ? 18  THR A CB  1 
ATOM   131  O OG1 . THR A 1 18  ? -1.602  2.027   -15.235 1.00 40.44 ? 18  THR A OG1 1 
ATOM   132  C CG2 . THR A 1 18  ? -0.720  4.252   -15.159 1.00 34.44 ? 18  THR A CG2 1 
ATOM   133  N N   . VAL A 1 19  ? -0.631  1.386   -11.635 1.00 30.16 ? 19  VAL A N   1 
ATOM   134  C CA  . VAL A 1 19  ? -1.135  0.306   -10.758 1.00 26.62 ? 19  VAL A CA  1 
ATOM   135  C C   . VAL A 1 19  ? -2.325  0.942   -10.064 1.00 26.74 ? 19  VAL A C   1 
ATOM   136  O O   . VAL A 1 19  ? -2.170  2.040   -9.432  1.00 25.44 ? 19  VAL A O   1 
ATOM   137  C CB  . VAL A 1 19  ? -0.100  -0.072  -9.673  1.00 25.29 ? 19  VAL A CB  1 
ATOM   138  C CG1 . VAL A 1 19  ? -0.653  -1.223  -8.793  1.00 24.31 ? 19  VAL A CG1 1 
ATOM   139  C CG2 . VAL A 1 19  ? 1.236   -0.457  -10.326 1.00 23.77 ? 19  VAL A CG2 1 
ATOM   140  N N   . SER A 1 20  ? -3.499  0.317   -10.149 1.00 25.64 ? 20  SER A N   1 
ATOM   141  C CA  . SER A 1 20  ? -4.668  0.874   -9.501  1.00 25.75 ? 20  SER A CA  1 
ATOM   142  C C   . SER A 1 20  ? -5.622  -0.225  -9.066  1.00 25.60 ? 20  SER A C   1 
ATOM   143  O O   . SER A 1 20  ? -5.571  -1.364  -9.591  1.00 25.09 ? 20  SER A O   1 
ATOM   144  C CB  . SER A 1 20  ? -5.406  1.824   -10.456 1.00 26.52 ? 20  SER A CB  1 
ATOM   145  O OG  . SER A 1 20  ? -6.003  1.079   -11.500 1.00 29.52 ? 20  SER A OG  1 
ATOM   146  N N   . ALA A 1 21  ? -6.492  0.104   -8.123  1.00 24.51 ? 21  ALA A N   1 
ATOM   147  C CA  . ALA A 1 21  ? -7.498  -0.837  -7.631  1.00 25.21 ? 21  ALA A CA  1 
ATOM   148  C C   . ALA A 1 21  ? -8.400  -0.045  -6.705  1.00 24.51 ? 21  ALA A C   1 
ATOM   149  O O   . ALA A 1 21  ? -8.059  1.113   -6.283  1.00 25.24 ? 21  ALA A O   1 
ATOM   150  C CB  . ALA A 1 21  ? -6.825  -1.999  -6.840  1.00 24.39 ? 21  ALA A CB  1 
ATOM   151  N N   . THR A 1 22  ? -9.541  -0.628  -6.391  1.00 24.18 ? 22  THR A N   1 
ATOM   152  C CA  . THR A 1 22  ? -10.483 -0.044  -5.470  1.00 24.55 ? 22  THR A CA  1 
ATOM   153  C C   . THR A 1 22  ? -10.476 -0.966  -4.231  1.00 24.68 ? 22  THR A C   1 
ATOM   154  O O   . THR A 1 22  ? -10.569 -2.227  -4.371  1.00 25.36 ? 22  THR A O   1 
ATOM   155  C CB  . THR A 1 22  ? -11.873 -0.014  -6.108  1.00 26.72 ? 22  THR A CB  1 
ATOM   156  O OG1 . THR A 1 22  ? -11.858 0.888   -7.219  1.00 27.66 ? 22  THR A OG1 1 
ATOM   157  C CG2 . THR A 1 22  ? -12.928 0.434   -5.108  1.00 27.90 ? 22  THR A CG2 1 
ATOM   158  N N   . ALA A 1 23  ? -10.320 -0.406  -3.038  1.00 22.72 ? 23  ALA A N   1 
ATOM   159  C CA  . ALA A 1 23  ? -10.324 -1.228  -1.817  1.00 22.00 ? 23  ALA A CA  1 
ATOM   160  C C   . ALA A 1 23  ? -11.373 -0.716  -0.849  1.00 22.33 ? 23  ALA A C   1 
ATOM   161  O O   . ALA A 1 23  ? -11.646 0.536   -0.794  1.00 21.30 ? 23  ALA A O   1 
ATOM   162  C CB  . ALA A 1 23  ? -8.947  -1.207  -1.151  1.00 17.18 ? 23  ALA A CB  1 
ATOM   163  N N   . ASN A 1 24  ? -11.975 -1.631  -0.084  1.00 21.66 ? 24  ASN A N   1 
ATOM   164  C CA  . ASN A 1 24  ? -13.003 -1.253  0.913   1.00 21.25 ? 24  ASN A CA  1 
ATOM   165  C C   . ASN A 1 24  ? -12.307 -0.925  2.228   1.00 21.57 ? 24  ASN A C   1 
ATOM   166  O O   . ASN A 1 24  ? -11.216 -1.516  2.568   1.00 20.76 ? 24  ASN A O   1 
ATOM   167  C CB  . ASN A 1 24  ? -13.986 -2.413  1.101   1.00 21.83 ? 24  ASN A CB  1 
ATOM   168  C CG  . ASN A 1 24  ? -13.279 -3.708  1.516   1.00 23.93 ? 24  ASN A CG  1 
ATOM   169  O OD1 . ASN A 1 24  ? -13.428 -4.165  2.722   1.00 25.36 ? 24  ASN A OD1 1 
ATOM   170  N ND2 . ASN A 1 24  ? -12.549 -4.264  0.630   1.00 17.59 ? 24  ASN A ND2 1 
ATOM   171  N N   . VAL A 1 25  ? -12.890 -0.011  2.993   1.00 21.05 ? 25  VAL A N   1 
ATOM   172  C CA  . VAL A 1 25  ? -12.312 0.374   4.262   1.00 21.63 ? 25  VAL A CA  1 
ATOM   173  C C   . VAL A 1 25  ? -12.940 -0.547  5.311   1.00 23.01 ? 25  VAL A C   1 
ATOM   174  O O   . VAL A 1 25  ? -14.200 -0.619  5.431   1.00 20.92 ? 25  VAL A O   1 
ATOM   175  C CB  . VAL A 1 25  ? -12.636 1.870   4.588   1.00 22.05 ? 25  VAL A CB  1 
ATOM   176  C CG1 . VAL A 1 25  ? -11.991 2.271   5.889   1.00 22.01 ? 25  VAL A CG1 1 
ATOM   177  C CG2 . VAL A 1 25  ? -12.104 2.783   3.449   1.00 21.80 ? 25  VAL A CG2 1 
ATOM   178  N N   . PRO A 1 26  ? -12.107 -1.274  6.080   1.00 23.46 ? 26  PRO A N   1 
ATOM   179  C CA  . PRO A 1 26  ? -12.580 -2.201  7.124   1.00 21.57 ? 26  PRO A CA  1 
ATOM   180  C C   . PRO A 1 26  ? -12.732 -1.536  8.493   1.00 22.77 ? 26  PRO A C   1 
ATOM   181  O O   . PRO A 1 26  ? -12.253 -0.365  8.694   1.00 22.53 ? 26  PRO A O   1 
ATOM   182  C CB  . PRO A 1 26  ? -11.460 -3.228  7.180   1.00 18.61 ? 26  PRO A CB  1 
ATOM   183  C CG  . PRO A 1 26  ? -10.223 -2.311  7.087   1.00 21.93 ? 26  PRO A CG  1 
ATOM   184  C CD  . PRO A 1 26  ? -10.635 -1.354  5.934   1.00 22.42 ? 26  PRO A CD  1 
ATOM   185  N N   . SER A 1 27  ? -13.406 -2.179  9.417   1.00 21.86 ? 27  SER A N   1 
ATOM   186  C CA  . SER A 1 27  ? -13.462 -1.694  10.771  1.00 24.51 ? 27  SER A CA  1 
ATOM   187  C C   . SER A 1 27  ? -12.222 -2.346  11.397  1.00 23.48 ? 27  SER A C   1 
ATOM   188  O O   . SER A 1 27  ? -11.841 -3.445  10.979  1.00 24.20 ? 27  SER A O   1 
ATOM   189  C CB  . SER A 1 27  ? -14.733 -2.111  11.490  1.00 27.82 ? 27  SER A CB  1 
ATOM   190  O OG  . SER A 1 27  ? -14.783 -3.514  11.659  1.00 35.89 ? 27  SER A OG  1 
ATOM   191  N N   . ALA A 1 28  ? -11.587 -1.696  12.363  1.00 23.24 ? 28  ALA A N   1 
ATOM   192  C CA  . ALA A 1 28  ? -10.381 -2.217  12.987  1.00 23.90 ? 28  ALA A CA  1 
ATOM   193  C C   . ALA A 1 28  ? -10.513 -2.208  14.489  1.00 25.86 ? 28  ALA A C   1 
ATOM   194  O O   . ALA A 1 28  ? -11.266 -1.349  15.077  1.00 25.42 ? 28  ALA A O   1 
ATOM   195  C CB  . ALA A 1 28  ? -9.185  -1.373  12.603  1.00 24.67 ? 28  ALA A CB  1 
ATOM   196  N N   . SER A 1 29  ? -9.778  -3.099  15.134  1.00 24.26 ? 29  SER A N   1 
ATOM   197  C CA  . SER A 1 29  ? -9.828  -3.185  16.564  1.00 27.40 ? 29  SER A CA  1 
ATOM   198  C C   . SER A 1 29  ? -8.462  -3.547  17.091  1.00 27.38 ? 29  SER A C   1 
ATOM   199  O O   . SER A 1 29  ? -7.485  -3.671  16.296  1.00 25.82 ? 29  SER A O   1 
ATOM   200  C CB  . SER A 1 29  ? -10.831 -4.251  16.985  1.00 28.60 ? 29  SER A CB  1 
ATOM   201  O OG  . SER A 1 29  ? -11.070 -4.095  18.365  1.00 38.27 ? 29  SER A OG  1 
ATOM   202  N N   . GLY A 1 30  ? -8.355  -3.686  18.410  1.00 28.96 ? 30  GLY A N   1 
ATOM   203  C CA  . GLY A 1 30  ? -7.096  -4.079  19.022  1.00 30.84 ? 30  GLY A CA  1 
ATOM   204  C C   . GLY A 1 30  ? -6.414  -3.014  19.862  1.00 33.11 ? 30  GLY A C   1 
ATOM   205  O O   . GLY A 1 30  ? -5.327  -3.263  20.480  1.00 36.43 ? 30  GLY A O   1 
ATOM   206  N N   . GLY A 1 31  ? -7.000  -1.839  19.927  1.00 33.88 ? 31  GLY A N   1 
ATOM   207  C CA  . GLY A 1 31  ? -6.378  -0.791  20.703  1.00 36.95 ? 31  GLY A CA  1 
ATOM   208  C C   . GLY A 1 31  ? -6.090  0.430   19.857  1.00 36.61 ? 31  GLY A C   1 
ATOM   209  O O   . GLY A 1 31  ? -5.844  0.325   18.592  1.00 35.91 ? 31  GLY A O   1 
ATOM   210  N N   . SER A 1 32  ? -6.119  1.591   20.498  1.00 36.23 ? 32  SER A N   1 
ATOM   211  C CA  . SER A 1 32  ? -5.852  2.849   19.811  1.00 36.18 ? 32  SER A CA  1 
ATOM   212  C C   . SER A 1 32  ? -4.476  2.852   19.170  1.00 35.52 ? 32  SER A C   1 
ATOM   213  O O   . SER A 1 32  ? -4.249  3.580   18.160  1.00 38.24 ? 32  SER A O   1 
ATOM   214  C CB  . SER A 1 32  ? -5.952  4.007   20.801  1.00 38.65 ? 32  SER A CB  1 
ATOM   215  O OG  . SER A 1 32  ? -5.077  3.783   21.896  1.00 42.00 ? 32  SER A OG  1 
ATOM   216  N N   . SER A 1 33  ? -3.530  2.086   19.703  1.00 33.41 ? 33  SER A N   1 
ATOM   217  C CA  . SER A 1 33  ? -2.216  2.087   19.082  1.00 33.32 ? 33  SER A CA  1 
ATOM   218  C C   . SER A 1 33  ? -1.993  0.947   18.054  1.00 32.01 ? 33  SER A C   1 
ATOM   219  O O   . SER A 1 33  ? -0.880  0.856   17.432  1.00 31.69 ? 33  SER A O   1 
ATOM   220  C CB  . SER A 1 33  ? -1.113  2.106   20.149  1.00 36.11 ? 33  SER A CB  1 
ATOM   221  O OG  . SER A 1 33  ? -1.072  0.899   20.885  1.00 42.41 ? 33  SER A OG  1 
ATOM   222  N N   . ALA A 1 34  ? -2.999  0.100   17.821  1.00 27.76 ? 34  ALA A N   1 
ATOM   223  C CA  . ALA A 1 34  ? -2.848  -0.973  16.812  1.00 24.60 ? 34  ALA A CA  1 
ATOM   224  C C   . ALA A 1 34  ? -3.288  -0.362  15.482  1.00 24.28 ? 34  ALA A C   1 
ATOM   225  O O   . ALA A 1 34  ? -4.209  0.519   15.436  1.00 24.73 ? 34  ALA A O   1 
ATOM   226  C CB  . ALA A 1 34  ? -3.730  -2.196  17.163  1.00 22.92 ? 34  ALA A CB  1 
ATOM   227  N N   . ALA A 1 35  ? -2.676  -0.786  14.391  1.00 22.33 ? 35  ALA A N   1 
ATOM   228  C CA  . ALA A 1 35  ? -3.032  -0.208  13.092  1.00 22.38 ? 35  ALA A CA  1 
ATOM   229  C C   . ALA A 1 35  ? -2.697  -1.167  11.947  1.00 21.74 ? 35  ALA A C   1 
ATOM   230  O O   . ALA A 1 35  ? -2.199  -2.306  12.179  1.00 21.57 ? 35  ALA A O   1 
ATOM   231  C CB  . ALA A 1 35  ? -2.269  1.127   12.905  1.00 19.33 ? 35  ALA A CB  1 
ATOM   232  N N   . GLY A 1 36  ? -2.982  -0.721  10.727  1.00 20.92 ? 36  GLY A N   1 
ATOM   233  C CA  . GLY A 1 36  ? -2.686  -1.483  9.534   1.00 19.97 ? 36  GLY A CA  1 
ATOM   234  C C   . GLY A 1 36  ? -2.876  -0.507  8.386   1.00 19.69 ? 36  GLY A C   1 
ATOM   235  O O   . GLY A 1 36  ? -3.442  0.625   8.597   1.00 20.10 ? 36  GLY A O   1 
ATOM   236  N N   . THR A 1 37  ? -2.413  -0.860  7.192   1.00 19.51 ? 37  THR A N   1 
ATOM   237  C CA  . THR A 1 37  ? -2.584  0.002   6.016   1.00 18.28 ? 37  THR A CA  1 
ATOM   238  C C   . THR A 1 37  ? -2.773  -0.868  4.773   1.00 19.35 ? 37  THR A C   1 
ATOM   239  O O   . THR A 1 37  ? -2.262  -2.042  4.712   1.00 18.66 ? 37  THR A O   1 
ATOM   240  C CB  . THR A 1 37  ? -1.323  0.899   5.785   1.00 21.53 ? 37  THR A CB  1 
ATOM   241  O OG1 . THR A 1 37  ? -1.527  1.724   4.630   1.00 20.68 ? 37  THR A OG1 1 
ATOM   242  C CG2 . THR A 1 37  ? -0.067  0.022   5.549   1.00 18.53 ? 37  THR A CG2 1 
ATOM   243  N N   . ALA A 1 38  ? -3.489  -0.334  3.791   1.00 17.94 ? 38  ALA A N   1 
ATOM   244  C CA  . ALA A 1 38  ? -3.710  -1.015  2.504   1.00 18.59 ? 38  ALA A CA  1 
ATOM   245  C C   . ALA A 1 38  ? -3.238  0.020   1.485   1.00 18.13 ? 38  ALA A C   1 
ATOM   246  O O   . ALA A 1 38  ? -3.636  1.231   1.573   1.00 16.63 ? 38  ALA A O   1 
ATOM   247  C CB  . ALA A 1 38  ? -5.190  -1.308  2.284   1.00 15.27 ? 38  ALA A CB  1 
ATOM   248  N N   . TRP A 1 39  ? -2.426  -0.391  0.520   1.00 17.84 ? 39  TRP A N   1 
ATOM   249  C CA  . TRP A 1 39  ? -1.928  0.573   -0.477  1.00 18.53 ? 39  TRP A CA  1 
ATOM   250  C C   . TRP A 1 39  ? -1.571  -0.135  -1.767  1.00 20.47 ? 39  TRP A C   1 
ATOM   251  O O   . TRP A 1 39  ? -1.436  -1.417  -1.777  1.00 19.38 ? 39  TRP A O   1 
ATOM   252  C CB  . TRP A 1 39  ? -0.688  1.315   0.080   1.00 15.75 ? 39  TRP A CB  1 
ATOM   253  C CG  . TRP A 1 39  ? 0.450   0.476   0.608   1.00 19.01 ? 39  TRP A CG  1 
ATOM   254  C CD1 . TRP A 1 39  ? 0.668   0.098   1.917   1.00 17.94 ? 39  TRP A CD1 1 
ATOM   255  C CD2 . TRP A 1 39  ? 1.570   -0.039  -0.144  1.00 18.88 ? 39  TRP A CD2 1 
ATOM   256  N NE1 . TRP A 1 39  ? 1.847   -0.606  2.012   1.00 19.71 ? 39  TRP A NE1 1 
ATOM   257  C CE2 . TRP A 1 39  ? 2.413   -0.707  0.765   1.00 19.92 ? 39  TRP A CE2 1 
ATOM   258  C CE3 . TRP A 1 39  ? 1.937   0.007   -1.506  1.00 20.56 ? 39  TRP A CE3 1 
ATOM   259  C CZ2 . TRP A 1 39  ? 3.606   -1.332  0.366   1.00 20.60 ? 39  TRP A CZ2 1 
ATOM   260  C CZ3 . TRP A 1 39  ? 3.116   -0.605  -1.902  1.00 20.15 ? 39  TRP A CZ3 1 
ATOM   261  C CH2 . TRP A 1 39  ? 3.944   -1.271  -0.961  1.00 20.08 ? 39  TRP A CH2 1 
ATOM   262  N N   . VAL A 1 40  ? -1.475  0.628   -2.862  1.00 20.28 ? 40  VAL A N   1 
ATOM   263  C CA  . VAL A 1 40  ? -1.052  0.057   -4.162  1.00 21.41 ? 40  VAL A CA  1 
ATOM   264  C C   . VAL A 1 40  ? 0.245   0.815   -4.470  1.00 21.99 ? 40  VAL A C   1 
ATOM   265  O O   . VAL A 1 40  ? 0.436   1.972   -3.996  1.00 20.53 ? 40  VAL A O   1 
ATOM   266  C CB  . VAL A 1 40  ? -2.082  0.304   -5.286  1.00 23.70 ? 40  VAL A CB  1 
ATOM   267  C CG1 . VAL A 1 40  ? -3.452  -0.190  -4.842  1.00 23.24 ? 40  VAL A CG1 1 
ATOM   268  C CG2 . VAL A 1 40  ? -2.128  1.802   -5.665  1.00 22.98 ? 40  VAL A CG2 1 
ATOM   269  N N   . GLY A 1 41  ? 1.164   0.219   -5.213  1.00 21.71 ? 41  GLY A N   1 
ATOM   270  C CA  . GLY A 1 41  ? 2.403   0.930   -5.456  1.00 21.80 ? 41  GLY A CA  1 
ATOM   271  C C   . GLY A 1 41  ? 3.317   0.341   -6.505  1.00 22.56 ? 41  GLY A C   1 
ATOM   272  O O   . GLY A 1 41  ? 3.027   -0.745  -7.128  1.00 21.91 ? 41  GLY A O   1 
ATOM   273  N N   . ILE A 1 42  ? 4.417   1.043   -6.733  1.00 22.95 ? 42  ILE A N   1 
ATOM   274  C CA  . ILE A 1 42  ? 5.410   0.617   -7.685  1.00 23.63 ? 42  ILE A CA  1 
ATOM   275  C C   . ILE A 1 42  ? 6.742   0.599   -6.965  1.00 24.60 ? 42  ILE A C   1 
ATOM   276  O O   . ILE A 1 42  ? 7.121   1.586   -6.208  1.00 24.46 ? 42  ILE A O   1 
ATOM   277  C CB  . ILE A 1 42  ? 5.452   1.553   -8.935  1.00 24.31 ? 42  ILE A CB  1 
ATOM   278  C CG1 . ILE A 1 42  ? 4.214   1.321   -9.792  1.00 24.67 ? 42  ILE A CG1 1 
ATOM   279  C CG2 . ILE A 1 42  ? 6.719   1.283   -9.758  1.00 24.23 ? 42  ILE A CG2 1 
ATOM   280  C CD1 . ILE A 1 42  ? 4.061   2.311   -10.972 1.00 26.11 ? 42  ILE A CD1 1 
ATOM   281  N N   . ASP A 1 43  ? 7.441   -0.523  -7.137  1.00 24.99 ? 43  ASP A N   1 
ATOM   282  C CA  . ASP A 1 43  ? 8.762   -0.780  -6.545  1.00 25.21 ? 43  ASP A CA  1 
ATOM   283  C C   . ASP A 1 43  ? 8.778   -0.986  -5.028  1.00 24.91 ? 43  ASP A C   1 
ATOM   284  O O   . ASP A 1 43  ? 7.681   -1.060  -4.368  1.00 23.82 ? 43  ASP A O   1 
ATOM   285  C CB  . ASP A 1 43  ? 9.751   0.315   -6.979  1.00 27.27 ? 43  ASP A CB  1 
ATOM   286  C CG  . ASP A 1 43  ? 10.011  0.295   -8.500  1.00 30.53 ? 43  ASP A CG  1 
ATOM   287  O OD1 . ASP A 1 43  ? 9.914   -0.789  -9.121  1.00 29.71 ? 43  ASP A OD1 1 
ATOM   288  O OD2 . ASP A 1 43  ? 10.321  1.358   -9.083  1.00 30.92 ? 43  ASP A OD2 1 
ATOM   289  N N   . GLY A 1 44  ? 9.970   -1.097  -4.450  1.00 25.24 ? 44  GLY A N   1 
ATOM   290  C CA  . GLY A 1 44  ? 10.070  -1.328  -3.014  1.00 28.86 ? 44  GLY A CA  1 
ATOM   291  C C   . GLY A 1 44  ? 10.370  -2.783  -2.621  1.00 30.27 ? 44  GLY A C   1 
ATOM   292  O O   . GLY A 1 44  ? 10.628  -3.083  -1.392  1.00 31.14 ? 44  GLY A O   1 
ATOM   293  N N   . ASP A 1 45  ? 10.331  -3.697  -3.592  1.00 31.49 ? 45  ASP A N   1 
ATOM   294  C CA  . ASP A 1 45  ? 10.623  -5.144  -3.352  1.00 32.03 ? 45  ASP A CA  1 
ATOM   295  C C   . ASP A 1 45  ? 12.042  -5.438  -3.858  1.00 33.30 ? 45  ASP A C   1 
ATOM   296  O O   . ASP A 1 45  ? 13.030  -5.328  -3.059  1.00 35.22 ? 45  ASP A O   1 
ATOM   297  C CB  . ASP A 1 45  ? 9.605   -6.033  -4.082  1.00 30.26 ? 45  ASP A CB  1 
ATOM   298  C CG  . ASP A 1 45  ? 9.822   -7.524  -3.806  1.00 30.32 ? 45  ASP A CG  1 
ATOM   299  O OD1 . ASP A 1 45  ? 9.485   -8.344  -4.676  1.00 33.17 ? 45  ASP A OD1 1 
ATOM   300  O OD2 . ASP A 1 45  ? 10.326  -7.877  -2.726  1.00 27.26 ? 45  ASP A OD2 1 
ATOM   301  N N   . THR A 1 46  ? 12.196  -5.790  -5.136  1.00 34.64 ? 46  THR A N   1 
ATOM   302  C CA  . THR A 1 46  ? 13.543  -6.046  -5.683  1.00 36.73 ? 46  THR A CA  1 
ATOM   303  C C   . THR A 1 46  ? 14.218  -4.714  -6.066  1.00 39.31 ? 46  THR A C   1 
ATOM   304  O O   . THR A 1 46  ? 15.476  -4.654  -6.318  1.00 40.19 ? 46  THR A O   1 
ATOM   305  C CB  . THR A 1 46  ? 13.499  -6.976  -6.896  1.00 36.45 ? 46  THR A CB  1 
ATOM   306  O OG1 . THR A 1 46  ? 12.722  -6.379  -7.938  1.00 35.47 ? 46  THR A OG1 1 
ATOM   307  C CG2 . THR A 1 46  ? 12.878  -8.335  -6.493  1.00 36.02 ? 46  THR A CG2 1 
ATOM   308  N N   . CYS A 1 47  ? 13.421  -3.648  -6.123  1.00 39.79 ? 47  CYS A N   1 
ATOM   309  C CA  . CYS A 1 47  ? 13.935  -2.286  -6.401  1.00 38.93 ? 47  CYS A CA  1 
ATOM   310  C C   . CYS A 1 47  ? 13.932  -1.589  -5.048  1.00 39.18 ? 47  CYS A C   1 
ATOM   311  O O   . CYS A 1 47  ? 12.837  -1.154  -4.560  1.00 40.09 ? 47  CYS A O   1 
ATOM   312  C CB  . CYS A 1 47  ? 12.997  -1.547  -7.328  1.00 39.58 ? 47  CYS A CB  1 
ATOM   313  S SG  . CYS A 1 47  ? 13.450  0.193   -7.639  1.00 38.72 ? 47  CYS A SG  1 
ATOM   314  N N   . GLN A 1 48  ? 15.097  -1.481  -4.421  1.00 39.11 ? 48  GLN A N   1 
ATOM   315  C CA  . GLN A 1 48  ? 15.213  -0.859  -3.082  1.00 41.40 ? 48  GLN A CA  1 
ATOM   316  C C   . GLN A 1 48  ? 15.557  0.628   -3.095  1.00 40.45 ? 48  GLN A C   1 
ATOM   317  O O   . GLN A 1 48  ? 15.823  1.221   -2.001  1.00 41.37 ? 48  GLN A O   1 
ATOM   318  C CB  . GLN A 1 48  ? 16.295  -1.558  -2.244  1.00 44.64 ? 48  GLN A CB  1 
ATOM   319  C CG  . GLN A 1 48  ? 15.856  -2.740  -1.366  1.00 49.67 ? 48  GLN A CG  1 
ATOM   320  C CD  . GLN A 1 48  ? 15.697  -4.018  -2.152  1.00 52.04 ? 48  GLN A CD  1 
ATOM   321  O OE1 . GLN A 1 48  ? 15.597  -5.156  -1.543  1.00 52.86 ? 48  GLN A OE1 1 
ATOM   322  N NE2 . GLN A 1 48  ? 15.669  -3.891  -3.399  1.00 54.57 ? 48  GLN A NE2 1 
ATOM   323  N N   . THR A 1 49  ? 15.569  1.259   -4.264  1.00 39.39 ? 49  THR A N   1 
ATOM   324  C CA  . THR A 1 49  ? 15.949  2.678   -4.327  1.00 38.43 ? 49  THR A CA  1 
ATOM   325  C C   . THR A 1 49  ? 14.787  3.650   -4.151  1.00 38.15 ? 49  THR A C   1 
ATOM   326  O O   . THR A 1 49  ? 15.004  4.864   -3.830  1.00 36.65 ? 49  THR A O   1 
ATOM   327  C CB  . THR A 1 49  ? 16.659  2.992   -5.649  1.00 38.63 ? 49  THR A CB  1 
ATOM   328  O OG1 . THR A 1 49  ? 15.830  2.585   -6.739  1.00 40.12 ? 49  THR A OG1 1 
ATOM   329  C CG2 . THR A 1 49  ? 18.002  2.265   -5.726  1.00 39.01 ? 49  THR A CG2 1 
ATOM   330  N N   . ALA A 1 50  ? 13.564  3.168   -4.342  1.00 35.97 ? 50  ALA A N   1 
ATOM   331  C CA  . ALA A 1 50  ? 12.394  4.034   -4.194  1.00 35.30 ? 50  ALA A CA  1 
ATOM   332  C C   . ALA A 1 50  ? 11.093  3.252   -4.292  1.00 33.52 ? 50  ALA A C   1 
ATOM   333  O O   . ALA A 1 50  ? 11.079  2.065   -4.723  1.00 32.91 ? 50  ALA A O   1 
ATOM   334  C CB  . ALA A 1 50  ? 12.414  5.105   -5.279  1.00 35.46 ? 50  ALA A CB  1 
ATOM   335  N N   . ILE A 1 51  ? 10.003  3.893   -3.896  1.00 32.07 ? 51  ILE A N   1 
ATOM   336  C CA  . ILE A 1 51  ? 8.683   3.302   -4.017  1.00 30.89 ? 51  ILE A CA  1 
ATOM   337  C C   . ILE A 1 51  ? 7.637   4.409   -4.117  1.00 29.33 ? 51  ILE A C   1 
ATOM   338  O O   . ILE A 1 51  ? 7.642   5.384   -3.305  1.00 30.02 ? 51  ILE A O   1 
ATOM   339  C CB  . ILE A 1 51  ? 8.386   2.344   -2.835  1.00 34.21 ? 51  ILE A CB  1 
ATOM   340  C CG1 . ILE A 1 51  ? 6.908   1.975   -2.824  1.00 33.68 ? 51  ILE A CG1 1 
ATOM   341  C CG2 . ILE A 1 51  ? 8.846   2.946   -1.537  1.00 34.28 ? 51  ILE A CG2 1 
ATOM   342  C CD1 . ILE A 1 51  ? 6.545   1.061   -1.694  1.00 38.98 ? 51  ILE A CD1 1 
ATOM   343  N N   . LEU A 1 52  ? 6.765   4.303   -5.121  1.00 28.31 ? 52  LEU A N   1 
ATOM   344  C CA  . LEU A 1 52  ? 5.680   5.266   -5.355  1.00 27.13 ? 52  LEU A CA  1 
ATOM   345  C C   . LEU A 1 52  ? 4.476   4.519   -4.816  1.00 26.28 ? 52  LEU A C   1 
ATOM   346  O O   . LEU A 1 52  ? 4.076   3.449   -5.385  1.00 23.07 ? 52  LEU A O   1 
ATOM   347  C CB  . LEU A 1 52  ? 5.470   5.481   -6.858  1.00 27.12 ? 52  LEU A CB  1 
ATOM   348  C CG  . LEU A 1 52  ? 4.927   6.795   -7.432  1.00 29.23 ? 52  LEU A CG  1 
ATOM   349  C CD1 . LEU A 1 52  ? 4.200   6.500   -8.751  1.00 27.00 ? 52  LEU A CD1 1 
ATOM   350  C CD2 . LEU A 1 52  ? 4.041   7.518   -6.442  1.00 27.92 ? 52  LEU A CD2 1 
ATOM   351  N N   . GLN A 1 53  ? 3.851   5.044   -3.778  1.00 25.30 ? 53  GLN A N   1 
ATOM   352  C CA  . GLN A 1 53  ? 2.723   4.333   -3.199  1.00 24.41 ? 53  GLN A CA  1 
ATOM   353  C C   . GLN A 1 53  ? 1.667   5.257   -2.632  1.00 24.69 ? 53  GLN A C   1 
ATOM   354  O O   . GLN A 1 53  ? 1.979   6.425   -2.217  1.00 24.30 ? 53  GLN A O   1 
ATOM   355  C CB  . GLN A 1 53  ? 3.245   3.422   -2.093  1.00 22.87 ? 53  GLN A CB  1 
ATOM   356  C CG  . GLN A 1 53  ? 4.139   4.177   -1.117  1.00 23.33 ? 53  GLN A CG  1 
ATOM   357  C CD  . GLN A 1 53  ? 4.614   3.363   0.063   1.00 24.98 ? 53  GLN A CD  1 
ATOM   358  O OE1 . GLN A 1 53  ? 4.365   2.090   0.160   1.00 26.02 ? 53  GLN A OE1 1 
ATOM   359  N NE2 . GLN A 1 53  ? 5.259   3.998   0.909   1.00 24.45 ? 53  GLN A NE2 1 
ATOM   360  N N   . THR A 1 54  ? 0.427   4.773   -2.596  1.00 22.77 ? 54  THR A N   1 
ATOM   361  C CA  . THR A 1 54  ? -0.665  5.550   -2.015  1.00 22.76 ? 54  THR A CA  1 
ATOM   362  C C   . THR A 1 54  ? -1.708  4.610   -1.408  1.00 21.60 ? 54  THR A C   1 
ATOM   363  O O   . THR A 1 54  ? -1.988  3.486   -1.965  1.00 21.85 ? 54  THR A O   1 
ATOM   364  C CB  . THR A 1 54  ? -1.341  6.486   -3.061  1.00 22.78 ? 54  THR A CB  1 
ATOM   365  O OG1 . THR A 1 54  ? -2.231  7.373   -2.380  1.00 21.87 ? 54  THR A OG1 1 
ATOM   366  C CG2 . THR A 1 54  ? -2.117  5.696   -4.095  1.00 19.02 ? 54  THR A CG2 1 
ATOM   367  N N   . GLY A 1 55  ? -2.280  5.009   -0.278  1.00 21.21 ? 55  GLY A N   1 
ATOM   368  C CA  . GLY A 1 55  ? -3.274  4.162   0.354   1.00 22.46 ? 55  GLY A CA  1 
ATOM   369  C C   . GLY A 1 55  ? -3.836  4.792   1.609   1.00 22.41 ? 55  GLY A C   1 
ATOM   370  O O   . GLY A 1 55  ? -3.750  6.047   1.777   1.00 21.47 ? 55  GLY A O   1 
ATOM   371  N N   . PHE A 1 56  ? -4.390  3.981   2.503   1.00 20.61 ? 56  PHE A N   1 
ATOM   372  C CA  . PHE A 1 56  ? -4.979  4.512   3.759   1.00 21.91 ? 56  PHE A CA  1 
ATOM   373  C C   . PHE A 1 56  ? -4.657  3.598   4.931   1.00 23.67 ? 56  PHE A C   1 
ATOM   374  O O   . PHE A 1 56  ? -4.320  2.373   4.720   1.00 22.86 ? 56  PHE A O   1 
ATOM   375  C CB  . PHE A 1 56  ? -6.501  4.653   3.624   1.00 20.80 ? 56  PHE A CB  1 
ATOM   376  C CG  . PHE A 1 56  ? -7.206  3.370   3.246   1.00 22.50 ? 56  PHE A CG  1 
ATOM   377  C CD1 . PHE A 1 56  ? -7.350  3.006   1.911   1.00 22.17 ? 56  PHE A CD1 1 
ATOM   378  C CD2 . PHE A 1 56  ? -7.730  2.525   4.230   1.00 21.42 ? 56  PHE A CD2 1 
ATOM   379  C CE1 . PHE A 1 56  ? -8.016  1.805   1.552   1.00 22.81 ? 56  PHE A CE1 1 
ATOM   380  C CE2 . PHE A 1 56  ? -8.392  1.328   3.884   1.00 20.95 ? 56  PHE A CE2 1 
ATOM   381  C CZ  . PHE A 1 56  ? -8.538  0.969   2.551   1.00 21.05 ? 56  PHE A CZ  1 
ATOM   382  N N   . ASP A 1 57  ? -4.713  4.152   6.140   1.00 23.72 ? 57  ASP A N   1 
ATOM   383  C CA  . ASP A 1 57  ? -4.453  3.404   7.390   1.00 26.12 ? 57  ASP A CA  1 
ATOM   384  C C   . ASP A 1 57  ? -5.735  3.302   8.240   1.00 25.09 ? 57  ASP A C   1 
ATOM   385  O O   . ASP A 1 57  ? -6.688  4.134   8.095   1.00 24.71 ? 57  ASP A O   1 
ATOM   386  C CB  . ASP A 1 57  ? -3.447  4.117   8.284   1.00 29.04 ? 57  ASP A CB  1 
ATOM   387  C CG  . ASP A 1 57  ? -2.215  4.546   7.565   1.00 34.87 ? 57  ASP A CG  1 
ATOM   388  O OD1 . ASP A 1 57  ? -1.745  3.819   6.650   1.00 37.39 ? 57  ASP A OD1 1 
ATOM   389  O OD2 . ASP A 1 57  ? -1.698  5.620   7.934   1.00 34.19 ? 57  ASP A OD2 1 
ATOM   390  N N   . TRP A 1 58  ? -5.761  2.329   9.140   1.00 23.76 ? 58  TRP A N   1 
ATOM   391  C CA  . TRP A 1 58  ? -6.876  2.156   10.086  1.00 21.54 ? 58  TRP A CA  1 
ATOM   392  C C   . TRP A 1 58  ? -6.201  1.932   11.414  1.00 21.42 ? 58  TRP A C   1 
ATOM   393  O O   . TRP A 1 58  ? -5.106  1.295   11.473  1.00 21.42 ? 58  TRP A O   1 
ATOM   394  C CB  . TRP A 1 58  ? -7.762  0.958   9.728   1.00 21.21 ? 58  TRP A CB  1 
ATOM   395  C CG  . TRP A 1 58  ? -7.028  -0.342  9.454   1.00 21.33 ? 58  TRP A CG  1 
ATOM   396  C CD1 . TRP A 1 58  ? -6.584  -1.270  10.375  1.00 18.69 ? 58  TRP A CD1 1 
ATOM   397  C CD2 . TRP A 1 58  ? -6.701  -0.866  8.166   1.00 19.23 ? 58  TRP A CD2 1 
ATOM   398  N NE1 . TRP A 1 58  ? -6.008  -2.343  9.722   1.00 19.63 ? 58  TRP A NE1 1 
ATOM   399  C CE2 . TRP A 1 58  ? -6.069  -2.117  8.367   1.00 17.66 ? 58  TRP A CE2 1 
ATOM   400  C CE3 . TRP A 1 58  ? -6.878  -0.395  6.855   1.00 20.39 ? 58  TRP A CE3 1 
ATOM   401  C CZ2 . TRP A 1 58  ? -5.613  -2.905  7.301   1.00 18.08 ? 58  TRP A CZ2 1 
ATOM   402  C CZ3 . TRP A 1 58  ? -6.420  -1.177  5.785   1.00 19.94 ? 58  TRP A CZ3 1 
ATOM   403  C CH2 . TRP A 1 58  ? -5.797  -2.418  6.015   1.00 18.44 ? 58  TRP A CH2 1 
ATOM   404  N N   . TYR A 1 59  ? -6.766  2.495   12.475  1.00 22.43 ? 59  TYR A N   1 
ATOM   405  C CA  . TYR A 1 59  ? -6.234  2.320   13.816  1.00 23.19 ? 59  TYR A CA  1 
ATOM   406  C C   . TYR A 1 59  ? -7.311  1.649   14.639  1.00 24.65 ? 59  TYR A C   1 
ATOM   407  O O   . TYR A 1 59  ? -8.537  1.750   14.303  1.00 22.69 ? 59  TYR A O   1 
ATOM   408  C CB  . TYR A 1 59  ? -5.870  3.649   14.461  1.00 25.94 ? 59  TYR A CB  1 
ATOM   409  C CG  . TYR A 1 59  ? -4.775  4.338   13.711  1.00 27.28 ? 59  TYR A CG  1 
ATOM   410  C CD1 . TYR A 1 59  ? -5.071  5.039   12.557  1.00 30.10 ? 59  TYR A CD1 1 
ATOM   411  C CD2 . TYR A 1 59  ? -3.433  4.244   14.126  1.00 27.83 ? 59  TYR A CD2 1 
ATOM   412  C CE1 . TYR A 1 59  ? -4.075  5.637   11.812  1.00 33.76 ? 59  TYR A CE1 1 
ATOM   413  C CE2 . TYR A 1 59  ? -2.416  4.850   13.375  1.00 31.66 ? 59  TYR A CE2 1 
ATOM   414  C CZ  . TYR A 1 59  ? -2.763  5.545   12.219  1.00 32.11 ? 59  TYR A CZ  1 
ATOM   415  O OH  . TYR A 1 59  ? -1.817  6.180   11.440  1.00 39.81 ? 59  TYR A OH  1 
ATOM   416  N N   . GLY A 1 60  ? -6.872  0.969   15.693  1.00 26.24 ? 60  GLY A N   1 
ATOM   417  C CA  . GLY A 1 60  ? -7.772  0.234   16.555  1.00 29.39 ? 60  GLY A CA  1 
ATOM   418  C C   . GLY A 1 60  ? -8.773  1.083   17.308  1.00 31.31 ? 60  GLY A C   1 
ATOM   419  O O   . GLY A 1 60  ? -9.686  0.504   17.980  1.00 31.86 ? 60  GLY A O   1 
ATOM   420  N N   . ASP A 1 61  ? -8.634  2.407   17.251  1.00 31.48 ? 61  ASP A N   1 
ATOM   421  C CA  . ASP A 1 61  ? -9.588  3.279   17.937  1.00 34.31 ? 61  ASP A CA  1 
ATOM   422  C C   . ASP A 1 61  ? -10.668 3.745   16.971  1.00 34.51 ? 61  ASP A C   1 
ATOM   423  O O   . ASP A 1 61  ? -11.455 4.686   17.286  1.00 36.21 ? 61  ASP A O   1 
ATOM   424  C CB  . ASP A 1 61  ? -8.886  4.483   18.560  1.00 34.19 ? 61  ASP A CB  1 
ATOM   425  C CG  . ASP A 1 61  ? -8.188  5.325   17.542  1.00 36.70 ? 61  ASP A CG  1 
ATOM   426  O OD1 . ASP A 1 61  ? -7.546  6.326   17.936  1.00 38.55 ? 61  ASP A OD1 1 
ATOM   427  O OD2 . ASP A 1 61  ? -8.280  4.988   16.342  1.00 35.39 ? 61  ASP A OD2 1 
ATOM   428  N N   . GLY A 1 62  ? -10.736 3.125   15.798  1.00 33.81 ? 62  GLY A N   1 
ATOM   429  C CA  . GLY A 1 62  ? -11.779 3.491   14.864  1.00 32.06 ? 62  GLY A CA  1 
ATOM   430  C C   . GLY A 1 62  ? -11.491 4.680   13.976  1.00 31.32 ? 62  GLY A C   1 
ATOM   431  O O   . GLY A 1 62  ? -12.420 5.155   13.235  1.00 32.14 ? 62  GLY A O   1 
ATOM   432  N N   . THR A 1 63  ? -10.257 5.173   13.996  1.00 30.06 ? 63  THR A N   1 
ATOM   433  C CA  . THR A 1 63  ? -9.878  6.323   13.166  1.00 29.74 ? 63  THR A CA  1 
ATOM   434  C C   . THR A 1 63  ? -9.137  5.870   11.905  1.00 28.93 ? 63  THR A C   1 
ATOM   435  O O   . THR A 1 63  ? -8.698  4.682   11.816  1.00 24.60 ? 63  THR A O   1 
ATOM   436  C CB  . THR A 1 63  ? -9.014  7.296   13.955  1.00 31.25 ? 63  THR A CB  1 
ATOM   437  O OG1 . THR A 1 63  ? -7.859  6.622   14.442  1.00 32.79 ? 63  THR A OG1 1 
ATOM   438  C CG2 . THR A 1 63  ? -9.801  7.826   15.156  1.00 32.18 ? 63  THR A CG2 1 
ATOM   439  N N   . TYR A 1 64  ? -8.997  6.773   10.938  1.00 25.98 ? 64  TYR A N   1 
ATOM   440  C CA  . TYR A 1 64  ? -8.349  6.454   9.676   1.00 27.23 ? 64  TYR A CA  1 
ATOM   441  C C   . TYR A 1 64  ? -7.597  7.642   9.139   1.00 29.00 ? 64  TYR A C   1 
ATOM   442  O O   . TYR A 1 64  ? -7.765  8.798   9.634   1.00 29.43 ? 64  TYR A O   1 
ATOM   443  C CB  . TYR A 1 64  ? -9.404  6.127   8.622   1.00 25.59 ? 64  TYR A CB  1 
ATOM   444  C CG  . TYR A 1 64  ? -10.344 5.001   8.975   1.00 26.19 ? 64  TYR A CG  1 
ATOM   445  C CD1 . TYR A 1 64  ? -9.970  3.662   8.778   1.00 23.81 ? 64  TYR A CD1 1 
ATOM   446  C CD2 . TYR A 1 64  ? -11.617 5.266   9.490   1.00 25.08 ? 64  TYR A CD2 1 
ATOM   447  C CE1 . TYR A 1 64  ? -10.843 2.627   9.076   1.00 25.83 ? 64  TYR A CE1 1 
ATOM   448  C CE2 . TYR A 1 64  ? -12.497 4.229   9.800   1.00 25.49 ? 64  TYR A CE2 1 
ATOM   449  C CZ  . TYR A 1 64  ? -12.107 2.913   9.589   1.00 27.48 ? 64  TYR A CZ  1 
ATOM   450  O OH  . TYR A 1 64  ? -12.969 1.880   9.895   1.00 25.60 ? 64  TYR A OH  1 
ATOM   451  N N   . ASP A 1 65  ? -6.774  7.395   8.129   1.00 30.37 ? 65  ASP A N   1 
ATOM   452  C CA  . ASP A 1 65  ? -6.100  8.468   7.419   1.00 30.48 ? 65  ASP A CA  1 
ATOM   453  C C   . ASP A 1 65  ? -5.653  7.982   6.052   1.00 31.17 ? 65  ASP A C   1 
ATOM   454  O O   . ASP A 1 65  ? -5.619  6.727   5.782   1.00 29.16 ? 65  ASP A O   1 
ATOM   455  C CB  . ASP A 1 65  ? -4.969  9.114   8.229   1.00 34.21 ? 65  ASP A CB  1 
ATOM   456  C CG  . ASP A 1 65  ? -3.890  8.172   8.606   1.00 38.12 ? 65  ASP A CG  1 
ATOM   457  O OD1 . ASP A 1 65  ? -3.726  7.919   9.828   1.00 41.38 ? 65  ASP A OD1 1 
ATOM   458  O OD2 . ASP A 1 65  ? -3.183  7.705   7.692   1.00 40.76 ? 65  ASP A OD2 1 
ATOM   459  N N   . ALA A 1 66  ? -5.386  8.926   5.155   1.00 28.81 ? 66  ALA A N   1 
ATOM   460  C CA  . ALA A 1 66  ? -4.972  8.605   3.789   1.00 28.94 ? 66  ALA A CA  1 
ATOM   461  C C   . ALA A 1 66  ? -3.656  9.289   3.562   1.00 29.63 ? 66  ALA A C   1 
ATOM   462  O O   . ALA A 1 66  ? -3.381  10.372  4.184   1.00 30.13 ? 66  ALA A O   1 
ATOM   463  C CB  . ALA A 1 66  ? -6.005  9.096   2.808   1.00 27.19 ? 66  ALA A CB  1 
ATOM   464  N N   . TRP A 1 67  ? -2.829  8.708   2.698   1.00 27.73 ? 67  TRP A N   1 
ATOM   465  C CA  . TRP A 1 67  ? -1.510  9.254   2.440   1.00 27.66 ? 67  TRP A CA  1 
ATOM   466  C C   . TRP A 1 67  ? -0.998  8.879   1.062   1.00 28.74 ? 67  TRP A C   1 
ATOM   467  O O   . TRP A 1 67  ? -1.625  8.031   0.318   1.00 26.51 ? 67  TRP A O   1 
ATOM   468  C CB  . TRP A 1 67  ? -0.521  8.731   3.504   1.00 27.15 ? 67  TRP A CB  1 
ATOM   469  C CG  . TRP A 1 67  ? -0.574  7.227   3.652   1.00 27.74 ? 67  TRP A CG  1 
ATOM   470  C CD1 . TRP A 1 67  ? -1.388  6.516   4.489   1.00 26.67 ? 67  TRP A CD1 1 
ATOM   471  C CD2 . TRP A 1 67  ? 0.107   6.254   2.834   1.00 27.33 ? 67  TRP A CD2 1 
ATOM   472  N NE1 . TRP A 1 67  ? -1.271  5.164   4.235   1.00 27.57 ? 67  TRP A NE1 1 
ATOM   473  C CE2 . TRP A 1 67  ? -0.363  4.972   3.228   1.00 26.28 ? 67  TRP A CE2 1 
ATOM   474  C CE3 . TRP A 1 67  ? 1.062   6.341   1.806   1.00 27.22 ? 67  TRP A CE3 1 
ATOM   475  C CZ2 . TRP A 1 67  ? 0.090   3.785   2.632   1.00 25.48 ? 67  TRP A CZ2 1 
ATOM   476  C CZ3 . TRP A 1 67  ? 1.521   5.156   1.204   1.00 28.41 ? 67  TRP A CZ3 1 
ATOM   477  C CH2 . TRP A 1 67  ? 1.029   3.890   1.625   1.00 27.47 ? 67  TRP A CH2 1 
ATOM   478  N N   . TYR A 1 68  ? 0.119   9.494   0.692   1.00 30.91 ? 68  TYR A N   1 
ATOM   479  C CA  . TYR A 1 68  ? 0.790   9.210   -0.578  1.00 33.36 ? 68  TYR A CA  1 
ATOM   480  C C   . TYR A 1 68  ? 2.236   9.291   -0.177  1.00 33.55 ? 68  TYR A C   1 
ATOM   481  O O   . TYR A 1 68  ? 2.575   9.932   0.872   1.00 31.57 ? 68  TYR A O   1 
ATOM   482  C CB  . TYR A 1 68  ? 0.480   10.259  -1.659  1.00 38.87 ? 68  TYR A CB  1 
ATOM   483  C CG  . TYR A 1 68  ? 0.933   11.670  -1.327  1.00 44.00 ? 68  TYR A CG  1 
ATOM   484  C CD1 . TYR A 1 68  ? 2.285   12.035  -1.389  1.00 45.99 ? 68  TYR A CD1 1 
ATOM   485  C CD2 . TYR A 1 68  ? 0.007   12.633  -0.905  1.00 46.89 ? 68  TYR A CD2 1 
ATOM   486  C CE1 . TYR A 1 68  ? 2.705   13.336  -1.023  1.00 48.88 ? 68  TYR A CE1 1 
ATOM   487  C CE2 . TYR A 1 68  ? 0.406   13.926  -0.543  1.00 50.22 ? 68  TYR A CE2 1 
ATOM   488  C CZ  . TYR A 1 68  ? 1.754   14.277  -0.597  1.00 50.67 ? 68  TYR A CZ  1 
ATOM   489  O OH  . TYR A 1 68  ? 2.128   15.554  -0.195  1.00 51.41 ? 68  TYR A OH  1 
ATOM   490  N N   . GLU A 1 69  ? 3.107   8.662   -0.953  1.00 33.97 ? 69  GLU A N   1 
ATOM   491  C CA  . GLU A 1 69  ? 4.530   8.690   -0.638  1.00 34.08 ? 69  GLU A CA  1 
ATOM   492  C C   . GLU A 1 69  ? 5.386   8.307   -1.830  1.00 34.12 ? 69  GLU A C   1 
ATOM   493  O O   . GLU A 1 69  ? 5.030   7.384   -2.624  1.00 32.08 ? 69  GLU A O   1 
ATOM   494  C CB  . GLU A 1 69  ? 4.827   7.734   0.520   1.00 35.28 ? 69  GLU A CB  1 
ATOM   495  C CG  . GLU A 1 69  ? 6.281   7.700   0.982   1.00 38.57 ? 69  GLU A CG  1 
ATOM   496  C CD  . GLU A 1 69  ? 6.482   6.768   2.175   1.00 41.50 ? 69  GLU A CD  1 
ATOM   497  O OE1 . GLU A 1 69  ? 5.749   6.905   3.176   1.00 41.60 ? 69  GLU A OE1 1 
ATOM   498  O OE2 . GLU A 1 69  ? 7.374   5.889   2.117   1.00 43.41 ? 69  GLU A OE2 1 
ATOM   499  N N   . TRP A 1 70  ? 6.477   9.036   -2.008  1.00 35.28 ? 70  TRP A N   1 
ATOM   500  C CA  . TRP A 1 70  ? 7.481   8.747   -2.998  1.00 36.87 ? 70  TRP A CA  1 
ATOM   501  C C   . TRP A 1 70  ? 8.726   8.575   -2.151  1.00 39.25 ? 70  TRP A C   1 
ATOM   502  O O   . TRP A 1 70  ? 9.571   9.473   -2.023  1.00 38.73 ? 70  TRP A O   1 
ATOM   503  C CB  . TRP A 1 70  ? 7.671   9.818   -4.080  1.00 33.99 ? 70  TRP A CB  1 
ATOM   504  C CG  . TRP A 1 70  ? 8.738   9.464   -5.103  1.00 30.28 ? 70  TRP A CG  1 
ATOM   505  C CD1 . TRP A 1 70  ? 10.059  9.188   -4.878  1.00 27.60 ? 70  TRP A CD1 1 
ATOM   506  C CD2 . TRP A 1 70  ? 8.542   9.358   -6.520  1.00 27.35 ? 70  TRP A CD2 1 
ATOM   507  N NE1 . TRP A 1 70  ? 10.698  8.915   -6.072  1.00 27.60 ? 70  TRP A NE1 1 
ATOM   508  C CE2 . TRP A 1 70  ? 9.790   9.014   -7.092  1.00 27.00 ? 70  TRP A CE2 1 
ATOM   509  C CE3 . TRP A 1 70  ? 7.434   9.526   -7.360  1.00 27.51 ? 70  TRP A CE3 1 
ATOM   510  C CZ2 . TRP A 1 70  ? 9.960   8.834   -8.464  1.00 25.93 ? 70  TRP A CZ2 1 
ATOM   511  C CZ3 . TRP A 1 70  ? 7.602   9.349   -8.728  1.00 27.90 ? 70  TRP A CZ3 1 
ATOM   512  C CH2 . TRP A 1 70  ? 8.857   9.005   -9.263  1.00 28.10 ? 70  TRP A CH2 1 
ATOM   513  N N   . TYR A 1 71  ? 8.823   7.403   -1.566  1.00 42.37 ? 71  TYR A N   1 
ATOM   514  C CA  . TYR A 1 71  ? 9.949   7.099   -0.694  1.00 47.36 ? 71  TYR A CA  1 
ATOM   515  C C   . TYR A 1 71  ? 11.204  7.111   -1.557  1.00 48.92 ? 71  TYR A C   1 
ATOM   516  O O   . TYR A 1 71  ? 11.177  6.677   -2.754  1.00 47.89 ? 71  TYR A O   1 
ATOM   517  C CB  . TYR A 1 71  ? 9.735   5.725   -0.055  1.00 50.17 ? 71  TYR A CB  1 
ATOM   518  C CG  . TYR A 1 71  ? 10.942  5.114   0.616   1.00 55.28 ? 71  TYR A CG  1 
ATOM   519  C CD1 . TYR A 1 71  ? 11.094  5.155   2.007   1.00 57.85 ? 71  TYR A CD1 1 
ATOM   520  C CD2 . TYR A 1 71  ? 11.897  4.427   -0.132  1.00 57.45 ? 71  TYR A CD2 1 
ATOM   521  C CE1 . TYR A 1 71  ? 12.167  4.510   2.635   1.00 59.99 ? 71  TYR A CE1 1 
ATOM   522  C CE2 . TYR A 1 71  ? 12.972  3.782   0.478   1.00 60.30 ? 71  TYR A CE2 1 
ATOM   523  C CZ  . TYR A 1 71  ? 13.103  3.820   1.861   1.00 61.34 ? 71  TYR A CZ  1 
ATOM   524  O OH  . TYR A 1 71  ? 14.153  3.140   2.452   1.00 62.40 ? 71  TYR A OH  1 
ATOM   525  N N   . PRO A 1 72  ? 12.311  7.629   -1.012  1.00 52.32 ? 72  PRO A N   1 
ATOM   526  C CA  . PRO A 1 72  ? 12.381  8.176   0.347   1.00 55.63 ? 72  PRO A CA  1 
ATOM   527  C C   . PRO A 1 72  ? 11.997  9.668   0.415   1.00 58.94 ? 72  PRO A C   1 
ATOM   528  O O   . PRO A 1 72  ? 11.683  10.203  1.539   1.00 60.16 ? 72  PRO A O   1 
ATOM   529  C CB  . PRO A 1 72  ? 13.829  7.920   0.724   1.00 54.54 ? 72  PRO A CB  1 
ATOM   530  C CG  . PRO A 1 72  ? 14.533  8.248   -0.574  1.00 53.34 ? 72  PRO A CG  1 
ATOM   531  C CD  . PRO A 1 72  ? 13.634  7.664   -1.664  1.00 52.47 ? 72  PRO A CD  1 
ATOM   532  N N   . GLU A 1 73  ? 11.998  10.341  -0.743  1.00 62.05 ? 73  GLU A N   1 
ATOM   533  C CA  . GLU A 1 73  ? 11.656  11.793  -0.875  1.00 64.60 ? 73  GLU A CA  1 
ATOM   534  C C   . GLU A 1 73  ? 10.285  12.222  -0.290  1.00 66.34 ? 73  GLU A C   1 
ATOM   535  O O   . GLU A 1 73  ? 10.036  12.084  0.934   1.00 67.95 ? 73  GLU A O   1 
ATOM   536  C CB  . GLU A 1 73  ? 11.742  12.187  -2.353  1.00 65.35 ? 73  GLU A CB  1 
ATOM   537  C CG  . GLU A 1 73  ? 11.787  13.677  -2.618  1.00 67.30 ? 73  GLU A CG  1 
ATOM   538  C CD  . GLU A 1 73  ? 12.931  14.385  -1.901  1.00 68.09 ? 73  GLU A CD  1 
ATOM   539  O OE1 . GLU A 1 73  ? 13.916  13.716  -1.517  0.00 67.73 ? 73  GLU A OE1 1 
ATOM   540  O OE2 . GLU A 1 73  ? 12.842  15.618  -1.735  0.00 67.73 ? 73  GLU A OE2 1 
ATOM   541  N N   . VAL A 1 74  ? 9.374   12.738  -1.103  1.00 67.89 ? 74  VAL A N   1 
ATOM   542  C CA  . VAL A 1 74  ? 8.062   13.168  -0.551  1.00 68.81 ? 74  VAL A CA  1 
ATOM   543  C C   . VAL A 1 74  ? 7.176   12.098  0.121   1.00 68.87 ? 74  VAL A C   1 
ATOM   544  O O   . VAL A 1 74  ? 6.821   11.055  -0.514  1.00 68.41 ? 74  VAL A O   1 
ATOM   545  C CB  . VAL A 1 74  ? 7.217   13.880  -1.638  1.00 69.61 ? 74  VAL A CB  1 
ATOM   546  C CG1 . VAL A 1 74  ? 7.302   15.381  -1.461  1.00 69.98 ? 74  VAL A CG1 1 
ATOM   547  C CG2 . VAL A 1 74  ? 7.727   13.498  -3.020  1.00 69.97 ? 74  VAL A CG2 1 
ATOM   548  N N   . SER A 1 75  ? 6.822   12.336  1.387   1.00 69.50 ? 75  SER A N   1 
ATOM   549  C CA  . SER A 1 75  ? 5.917   11.454  2.191   1.00 69.61 ? 75  SER A CA  1 
ATOM   550  C C   . SER A 1 75  ? 4.891   12.357  2.900   1.00 70.12 ? 75  SER A C   1 
ATOM   551  O O   . SER A 1 75  ? 5.294   13.363  3.591   1.00 71.24 ? 75  SER A O   1 
ATOM   552  C CB  . SER A 1 75  ? 6.692   10.683  3.254   1.00 69.29 ? 75  SER A CB  1 
ATOM   553  O OG  . SER A 1 75  ? 5.783   10.048  4.143   1.00 68.70 ? 75  SER A OG  1 
ATOM   554  N N   . ASP A 1 76  ? 3.598   12.059  2.789   1.00 69.18 ? 76  ASP A N   1 
ATOM   555  C CA  . ASP A 1 76  ? 2.616   12.947  3.424   1.00 67.91 ? 76  ASP A CA  1 
ATOM   556  C C   . ASP A 1 76  ? 1.165   12.455  3.446   1.00 66.80 ? 76  ASP A C   1 
ATOM   557  O O   . ASP A 1 76  ? 0.728   11.628  2.575   1.00 65.14 ? 76  ASP A O   1 
ATOM   558  C CB  . ASP A 1 76  ? 2.700   14.313  2.725   1.00 68.64 ? 76  ASP A CB  1 
ATOM   559  C CG  . ASP A 1 76  ? 2.016   15.419  3.501   1.00 70.04 ? 76  ASP A CG  1 
ATOM   560  O OD1 . ASP A 1 76  ? 2.124   15.434  4.749   1.00 69.89 ? 76  ASP A OD1 1 
ATOM   561  O OD2 . ASP A 1 76  ? 1.382   16.289  2.857   1.00 70.88 ? 76  ASP A OD2 1 
ATOM   562  N N   . ASP A 1 77  ? 0.405   12.942  4.422   1.00 66.46 ? 77  ASP A N   1 
ATOM   563  C CA  . ASP A 1 77  ? -1.013  12.584  4.556   1.00 67.56 ? 77  ASP A CA  1 
ATOM   564  C C   . ASP A 1 77  ? -1.911  13.397  3.620   1.00 67.65 ? 77  ASP A C   1 
ATOM   565  O O   . ASP A 1 77  ? -1.897  14.668  3.634   1.00 67.84 ? 77  ASP A O   1 
ATOM   566  C CB  . ASP A 1 77  ? -1.471  12.780  5.999   1.00 68.14 ? 77  ASP A CB  1 
ATOM   567  C CG  . ASP A 1 77  ? -0.961  11.683  6.923   1.00 69.40 ? 77  ASP A CG  1 
ATOM   568  O OD1 . ASP A 1 77  ? -1.359  10.509  6.747   1.00 68.08 ? 77  ASP A OD1 1 
ATOM   569  O OD2 . ASP A 1 77  ? -0.153  11.994  7.821   1.00 71.18 ? 77  ASP A OD2 1 
ATOM   570  N N   . PHE A 1 78  ? -2.681  12.698  2.795   1.00 67.72 ? 78  PHE A N   1 
ATOM   571  C CA  . PHE A 1 78  ? -3.597  13.347  1.861   1.00 67.52 ? 78  PHE A CA  1 
ATOM   572  C C   . PHE A 1 78  ? -4.661  14.080  2.662   1.00 67.91 ? 78  PHE A C   1 
ATOM   573  O O   . PHE A 1 78  ? -4.905  13.741  3.873   1.00 67.94 ? 78  PHE A O   1 
ATOM   574  C CB  . PHE A 1 78  ? -4.262  12.299  0.974   1.00 68.03 ? 78  PHE A CB  1 
ATOM   575  C CG  . PHE A 1 78  ? -3.607  12.123  -0.370  1.00 68.54 ? 78  PHE A CG  1 
ATOM   576  C CD1 . PHE A 1 78  ? -3.282  10.852  -0.837  1.00 68.20 ? 78  PHE A CD1 1 
ATOM   577  C CD2 . PHE A 1 78  ? -3.371  13.224  -1.199  1.00 68.84 ? 78  PHE A CD2 1 
ATOM   578  C CE1 . PHE A 1 78  ? -2.734  10.672  -2.111  1.00 67.93 ? 78  PHE A CE1 1 
ATOM   579  C CE2 . PHE A 1 78  ? -2.823  13.057  -2.478  1.00 68.43 ? 78  PHE A CE2 1 
ATOM   580  C CZ  . PHE A 1 78  ? -2.504  11.776  -2.932  1.00 68.83 ? 78  PHE A CZ  1 
ATOM   581  N N   . ILE A 1 81  ? -9.311  14.301  2.100   1.00 50.75 ? 81  ILE A N   1 
ATOM   582  C CA  . ILE A 1 81  ? -10.308 13.238  1.955   1.00 50.01 ? 81  ILE A CA  1 
ATOM   583  C C   . ILE A 1 81  ? -10.641 12.641  3.322   1.00 49.47 ? 81  ILE A C   1 
ATOM   584  O O   . ILE A 1 81  ? -9.752  12.529  4.227   1.00 49.88 ? 81  ILE A O   1 
ATOM   585  C CB  . ILE A 1 81  ? -9.774  12.149  1.010   1.00 49.68 ? 81  ILE A CB  1 
ATOM   586  C CG1 . ILE A 1 81  ? -10.788 11.018  0.878   1.00 51.07 ? 81  ILE A CG1 1 
ATOM   587  C CG2 . ILE A 1 81  ? -8.427  11.656  1.510   1.00 49.06 ? 81  ILE A CG2 1 
ATOM   588  C CD1 . ILE A 1 81  ? -10.344 9.914   -0.068  1.00 50.93 ? 81  ILE A CD1 1 
ATOM   589  N N   . THR A 1 82  ? -11.905 12.287  3.521   1.00 49.66 ? 82  THR A N   1 
ATOM   590  C CA  . THR A 1 82  ? -12.341 11.694  4.800   1.00 48.60 ? 82  THR A CA  1 
ATOM   591  C C   . THR A 1 82  ? -12.614 10.209  4.573   1.00 46.18 ? 82  THR A C   1 
ATOM   592  O O   . THR A 1 82  ? -13.178 9.794   3.492   1.00 46.03 ? 82  THR A O   1 
ATOM   593  C CB  . THR A 1 82  ? -13.616 12.371  5.338   1.00 49.78 ? 82  THR A CB  1 
ATOM   594  O OG1 . THR A 1 82  ? -14.678 12.214  4.389   1.00 51.77 ? 82  THR A OG1 1 
ATOM   595  C CG2 . THR A 1 82  ? -13.369 13.847  5.562   1.00 51.12 ? 82  THR A CG2 1 
ATOM   596  N N   . ILE A 1 83  ? -12.235 9.398   5.551   1.00 42.84 ? 83  ILE A N   1 
ATOM   597  C CA  . ILE A 1 83  ? -12.383 7.953   5.453   1.00 40.07 ? 83  ILE A CA  1 
ATOM   598  C C   . ILE A 1 83  ? -13.183 7.353   6.587   1.00 37.41 ? 83  ILE A C   1 
ATOM   599  O O   . ILE A 1 83  ? -12.912 7.642   7.793   1.00 38.30 ? 83  ILE A O   1 
ATOM   600  C CB  . ILE A 1 83  ? -11.003 7.315   5.395   1.00 40.19 ? 83  ILE A CB  1 
ATOM   601  C CG1 . ILE A 1 83  ? -10.260 7.911   4.208   1.00 40.22 ? 83  ILE A CG1 1 
ATOM   602  C CG2 . ILE A 1 83  ? -11.110 5.792   5.256   1.00 39.28 ? 83  ILE A CG2 1 
ATOM   603  C CD1 . ILE A 1 83  ? -8.887  7.458   4.091   1.00 39.59 ? 83  ILE A CD1 1 
ATOM   604  N N   . SER A 1 84  ? -14.175 6.542   6.230   1.00 36.05 ? 84  SER A N   1 
ATOM   605  C CA  . SER A 1 84  ? -15.042 5.864   7.207   1.00 33.72 ? 84  SER A CA  1 
ATOM   606  C C   . SER A 1 84  ? -15.209 4.376   6.834   1.00 32.05 ? 84  SER A C   1 
ATOM   607  O O   . SER A 1 84  ? -15.081 3.986   5.635   1.00 28.62 ? 84  SER A O   1 
ATOM   608  C CB  . SER A 1 84  ? -16.411 6.537   7.226   1.00 34.74 ? 84  SER A CB  1 
ATOM   609  O OG  . SER A 1 84  ? -16.244 7.931   7.391   1.00 37.69 ? 84  SER A OG  1 
ATOM   610  N N   . GLU A 1 85  ? -15.526 3.562   7.833   1.00 30.60 ? 85  GLU A N   1 
ATOM   611  C CA  . GLU A 1 85  ? -15.715 2.136   7.662   1.00 30.98 ? 85  GLU A CA  1 
ATOM   612  C C   . GLU A 1 85  ? -16.683 1.907   6.519   1.00 29.28 ? 85  GLU A C   1 
ATOM   613  O O   . GLU A 1 85  ? -17.717 2.601   6.406   1.00 29.34 ? 85  GLU A O   1 
ATOM   614  C CB  . GLU A 1 85  ? -16.283 1.550   8.964   1.00 34.93 ? 85  GLU A CB  1 
ATOM   615  C CG  . GLU A 1 85  ? -16.224 0.028   9.089   1.00 41.30 ? 85  GLU A CG  1 
ATOM   616  C CD  . GLU A 1 85  ? -17.108 -0.687  8.085   1.00 46.99 ? 85  GLU A CD  1 
ATOM   617  O OE1 . GLU A 1 85  ? -18.293 -0.295  7.956   1.00 49.12 ? 85  GLU A OE1 1 
ATOM   618  O OE2 . GLU A 1 85  ? -16.627 -1.652  7.424   1.00 50.17 ? 85  GLU A OE2 1 
ATOM   619  N N   . GLY A 1 86  ? -16.370 0.971   5.647   1.00 26.07 ? 86  GLY A N   1 
ATOM   620  C CA  . GLY A 1 86  ? -17.274 0.683   4.560   1.00 24.97 ? 86  GLY A CA  1 
ATOM   621  C C   . GLY A 1 86  ? -17.068 1.520   3.317   1.00 25.13 ? 86  GLY A C   1 
ATOM   622  O O   . GLY A 1 86  ? -17.644 1.180   2.240   1.00 24.86 ? 86  GLY A O   1 
ATOM   623  N N   . ASP A 1 87  ? -16.294 2.600   3.391   1.00 24.61 ? 87  ASP A N   1 
ATOM   624  C CA  . ASP A 1 87  ? -16.102 3.405   2.167   1.00 25.35 ? 87  ASP A CA  1 
ATOM   625  C C   . ASP A 1 87  ? -15.334 2.612   1.131   1.00 26.32 ? 87  ASP A C   1 
ATOM   626  O O   . ASP A 1 87  ? -14.588 1.630   1.462   1.00 25.37 ? 87  ASP A O   1 
ATOM   627  C CB  . ASP A 1 87  ? -15.332 4.685   2.459   1.00 25.93 ? 87  ASP A CB  1 
ATOM   628  C CG  . ASP A 1 87  ? -16.142 5.681   3.264   1.00 27.94 ? 87  ASP A CG  1 
ATOM   629  O OD1 . ASP A 1 87  ? -17.363 5.457   3.437   1.00 24.48 ? 87  ASP A OD1 1 
ATOM   630  O OD2 . ASP A 1 87  ? -15.547 6.681   3.717   1.00 25.24 ? 87  ASP A OD2 1 
ATOM   631  N N   . SER A 1 88  ? -15.490 3.005   -0.118  1.00 25.97 ? 88  SER A N   1 
ATOM   632  C CA  . SER A 1 88  ? -14.818 2.346   -1.211  1.00 26.40 ? 88  SER A CA  1 
ATOM   633  C C   . SER A 1 88  ? -13.811 3.351   -1.743  1.00 27.34 ? 88  SER A C   1 
ATOM   634  O O   . SER A 1 88  ? -14.195 4.476   -2.196  1.00 28.05 ? 88  SER A O   1 
ATOM   635  C CB  . SER A 1 88  ? -15.848 1.951   -2.253  1.00 25.74 ? 88  SER A CB  1 
ATOM   636  O OG  . SER A 1 88  ? -15.209 1.373   -3.364  1.00 31.85 ? 88  SER A OG  1 
ATOM   637  N N   . ILE A 1 89  ? -12.533 2.993   -1.673  1.00 27.29 ? 89  ILE A N   1 
ATOM   638  C CA  . ILE A 1 89  ? -11.435 3.869   -2.064  1.00 26.97 ? 89  ILE A CA  1 
ATOM   639  C C   . ILE A 1 89  ? -10.670 3.435   -3.302  1.00 27.68 ? 89  ILE A C   1 
ATOM   640  O O   . ILE A 1 89  ? -10.021 2.330   -3.307  1.00 25.31 ? 89  ILE A O   1 
ATOM   641  C CB  . ILE A 1 89  ? -10.387 3.974   -0.928  1.00 27.22 ? 89  ILE A CB  1 
ATOM   642  C CG1 . ILE A 1 89  ? -11.069 4.252   0.420   1.00 27.73 ? 89  ILE A CG1 1 
ATOM   643  C CG2 . ILE A 1 89  ? -9.341  5.019   -1.275  1.00 24.60 ? 89  ILE A CG2 1 
ATOM   644  C CD1 . ILE A 1 89  ? -11.838 5.549   0.484   1.00 30.44 ? 89  ILE A CD1 1 
ATOM   645  N N   . GLN A 1 90  ? -10.697 4.259   -4.352  1.00 27.26 ? 90  GLN A N   1 
ATOM   646  C CA  . GLN A 1 90  ? -9.938  3.928   -5.552  1.00 28.58 ? 90  GLN A CA  1 
ATOM   647  C C   . GLN A 1 90  ? -8.531  4.502   -5.385  1.00 29.23 ? 90  GLN A C   1 
ATOM   648  O O   . GLN A 1 90  ? -8.360  5.747   -5.141  1.00 29.73 ? 90  GLN A O   1 
ATOM   649  C CB  . GLN A 1 90  ? -10.605 4.503   -6.789  1.00 30.51 ? 90  GLN A CB  1 
ATOM   650  C CG  . GLN A 1 90  ? -9.934  4.072   -8.052  1.00 34.91 ? 90  GLN A CG  1 
ATOM   651  C CD  . GLN A 1 90  ? -10.762 4.398   -9.270  1.00 40.68 ? 90  GLN A CD  1 
ATOM   652  O OE1 . GLN A 1 90  ? -11.072 5.617   -9.528  1.00 42.42 ? 90  GLN A OE1 1 
ATOM   653  N NE2 . GLN A 1 90  ? -11.122 3.418   -9.975  1.00 42.89 ? 90  GLN A NE2 1 
ATOM   654  N N   . MET A 1 91  ? -7.517  3.646   -5.490  1.00 27.58 ? 91  MET A N   1 
ATOM   655  C CA  . MET A 1 91  ? -6.118  4.070   -5.309  1.00 26.96 ? 91  MET A CA  1 
ATOM   656  C C   . MET A 1 91  ? -5.327  3.870   -6.596  1.00 27.77 ? 91  MET A C   1 
ATOM   657  O O   . MET A 1 91  ? -5.515  2.847   -7.335  1.00 25.67 ? 91  MET A O   1 
ATOM   658  C CB  . MET A 1 91  ? -5.491  3.272   -4.171  1.00 28.09 ? 91  MET A CB  1 
ATOM   659  C CG  . MET A 1 91  ? -6.343  3.285   -2.890  1.00 31.61 ? 91  MET A CG  1 
ATOM   660  S SD  . MET A 1 91  ? -5.777  2.075   -1.679  1.00 36.97 ? 91  MET A SD  1 
ATOM   661  C CE  . MET A 1 91  ? -6.387  0.611   -2.421  1.00 35.09 ? 91  MET A CE  1 
ATOM   662  N N   . SER A 1 92  ? -4.418  4.782   -6.889  1.00 26.73 ? 92  SER A N   1 
ATOM   663  C CA  . SER A 1 92  ? -3.688  4.659   -8.140  1.00 27.44 ? 92  SER A CA  1 
ATOM   664  C C   . SER A 1 92  ? -2.361  5.411   -8.184  1.00 26.57 ? 92  SER A C   1 
ATOM   665  O O   . SER A 1 92  ? -2.254  6.550   -7.636  1.00 27.44 ? 92  SER A O   1 
ATOM   666  C CB  . SER A 1 92  ? -4.619  5.169   -9.244  1.00 30.01 ? 92  SER A CB  1 
ATOM   667  O OG  . SER A 1 92  ? -4.022  5.009   -10.505 1.00 36.17 ? 92  SER A OG  1 
ATOM   668  N N   . VAL A 1 93  ? -1.336  4.812   -8.786  1.00 25.30 ? 93  VAL A N   1 
ATOM   669  C CA  . VAL A 1 93  ? -0.052  5.487   -8.944  1.00 24.85 ? 93  VAL A CA  1 
ATOM   670  C C   . VAL A 1 93  ? 0.321   5.312   -10.408 1.00 27.78 ? 93  VAL A C   1 
ATOM   671  O O   . VAL A 1 93  ? -0.100  4.302   -11.087 1.00 28.60 ? 93  VAL A O   1 
ATOM   672  C CB  . VAL A 1 93  ? 1.092   4.920   -8.037  1.00 24.84 ? 93  VAL A CB  1 
ATOM   673  C CG1 . VAL A 1 93  ? 0.816   5.239   -6.542  1.00 20.46 ? 93  VAL A CG1 1 
ATOM   674  C CG2 . VAL A 1 93  ? 1.245   3.392   -8.247  1.00 22.77 ? 93  VAL A CG2 1 
ATOM   675  N N   . THR A 1 94  ? 1.059   6.272   -10.946 1.00 29.34 ? 94  THR A N   1 
ATOM   676  C CA  . THR A 1 94  ? 1.494   6.200   -12.344 1.00 30.16 ? 94  THR A CA  1 
ATOM   677  C C   . THR A 1 94  ? 2.933   6.669   -12.350 1.00 32.77 ? 94  THR A C   1 
ATOM   678  O O   . THR A 1 94  ? 3.283   7.674   -11.648 1.00 32.80 ? 94  THR A O   1 
ATOM   679  C CB  . THR A 1 94  ? 0.652   7.121   -13.270 1.00 28.74 ? 94  THR A CB  1 
ATOM   680  O OG1 . THR A 1 94  ? -0.677  6.605   -13.381 0.50 25.06 ? 94  THR A OG1 1 
ATOM   681  C CG2 . THR A 1 94  ? 1.270   7.184   -14.665 0.50 27.87 ? 94  THR A CG2 1 
ATOM   682  N N   . ALA A 1 95  ? 3.795   5.964   -13.067 1.00 34.04 ? 95  ALA A N   1 
ATOM   683  C CA  . ALA A 1 95  ? 5.196   6.381   -13.145 1.00 37.97 ? 95  ALA A CA  1 
ATOM   684  C C   . ALA A 1 95  ? 5.435   6.693   -14.612 1.00 40.13 ? 95  ALA A C   1 
ATOM   685  O O   . ALA A 1 95  ? 5.529   5.756   -15.469 1.00 41.99 ? 95  ALA A O   1 
ATOM   686  C CB  . ALA A 1 95  ? 6.134   5.254   -12.679 1.00 37.53 ? 95  ALA A CB  1 
ATOM   687  N N   . THR A 1 96  ? 5.513   7.976   -14.940 1.00 41.96 ? 96  THR A N   1 
ATOM   688  C CA  . THR A 1 96  ? 5.739   8.383   -16.328 1.00 43.78 ? 96  THR A CA  1 
ATOM   689  C C   . THR A 1 96  ? 7.213   8.251   -16.697 1.00 44.80 ? 96  THR A C   1 
ATOM   690  O O   . THR A 1 96  ? 7.583   8.243   -17.915 1.00 46.36 ? 96  THR A O   1 
ATOM   691  C CB  . THR A 1 96  ? 5.245   9.823   -16.559 1.00 43.93 ? 96  THR A CB  1 
ATOM   692  O OG1 . THR A 1 96  ? 5.575   10.640  -15.424 1.00 44.04 ? 96  THR A OG1 1 
ATOM   693  C CG2 . THR A 1 96  ? 3.729   9.822   -16.757 1.00 44.66 ? 96  THR A CG2 1 
ATOM   694  N N   . SER A 1 97  ? 8.062   8.127   -15.684 1.00 44.81 ? 97  SER A N   1 
ATOM   695  C CA  . SER A 1 97  ? 9.507   7.953   -15.887 1.00 44.01 ? 97  SER A CA  1 
ATOM   696  C C   . SER A 1 97  ? 10.059  7.527   -14.537 1.00 44.43 ? 97  SER A C   1 
ATOM   697  O O   . SER A 1 97  ? 9.295   7.475   -13.524 1.00 44.15 ? 97  SER A O   1 
ATOM   698  C CB  . SER A 1 97  ? 10.161  9.274   -16.317 1.00 43.56 ? 97  SER A CB  1 
ATOM   699  O OG  . SER A 1 97  ? 10.418  10.108  -15.197 1.00 43.00 ? 97  SER A OG  1 
ATOM   700  N N   . ASP A 1 98  ? 11.350  7.228   -14.468 1.00 44.47 ? 98  ASP A N   1 
ATOM   701  C CA  . ASP A 1 98  ? 11.941  6.832   -13.195 1.00 44.49 ? 98  ASP A CA  1 
ATOM   702  C C   . ASP A 1 98  ? 11.970  7.959   -12.180 1.00 43.66 ? 98  ASP A C   1 
ATOM   703  O O   . ASP A 1 98  ? 12.288  7.714   -10.966 1.00 43.44 ? 98  ASP A O   1 
ATOM   704  C CB  . ASP A 1 98  ? 13.364  6.313   -13.402 1.00 45.95 ? 98  ASP A CB  1 
ATOM   705  C CG  . ASP A 1 98  ? 13.397  4.971   -14.096 1.00 46.46 ? 98  ASP A CG  1 
ATOM   706  O OD1 . ASP A 1 98  ? 12.400  4.617   -14.771 1.00 47.47 ? 98  ASP A OD1 1 
ATOM   707  O OD2 . ASP A 1 98  ? 14.432  4.282   -13.976 1.00 47.95 ? 98  ASP A OD2 1 
ATOM   708  N N   . THR A 1 99  ? 11.682  9.185   -12.613 1.00 44.07 ? 99  THR A N   1 
ATOM   709  C CA  . THR A 1 99  ? 11.698  10.320  -11.668 1.00 44.35 ? 99  THR A CA  1 
ATOM   710  C C   . THR A 1 99  ? 10.425  11.150  -11.674 1.00 43.63 ? 99  THR A C   1 
ATOM   711  O O   . THR A 1 99  ? 10.340  12.227  -10.977 1.00 43.87 ? 99  THR A O   1 
ATOM   712  C CB  . THR A 1 99  ? 12.907  11.260  -11.904 1.00 45.69 ? 99  THR A CB  1 
ATOM   713  O OG1 . THR A 1 99  ? 13.030  11.549  -13.307 1.00 45.93 ? 99  THR A OG1 1 
ATOM   714  C CG2 . THR A 1 99  ? 14.180  10.621  -11.388 1.00 44.60 ? 99  THR A CG2 1 
ATOM   715  N N   . SER A 1 100 ? 9.419   10.691  -12.406 1.00 42.90 ? 100 SER A N   1 
ATOM   716  C CA  . SER A 1 100 ? 8.156   11.429  -12.449 1.00 41.33 ? 100 SER A CA  1 
ATOM   717  C C   . SER A 1 100 ? 6.927   10.512  -12.453 1.00 39.88 ? 100 SER A C   1 
ATOM   718  O O   . SER A 1 100 ? 6.953   9.355   -13.018 1.00 39.07 ? 100 SER A O   1 
ATOM   719  C CB  . SER A 1 100 ? 8.112   12.302  -13.693 1.00 40.90 ? 100 SER A CB  1 
ATOM   720  O OG  . SER A 1 100 ? 7.885   11.493  -14.833 1.00 42.88 ? 100 SER A OG  1 
ATOM   721  N N   . GLY A 1 101 ? 5.846   10.997  -11.853 1.00 38.29 ? 101 GLY A N   1 
ATOM   722  C CA  . GLY A 1 101 ? 4.620   10.229  -11.822 1.00 37.31 ? 101 GLY A CA  1 
ATOM   723  C C   . GLY A 1 101 ? 3.585   10.908  -10.960 1.00 36.84 ? 101 GLY A C   1 
ATOM   724  O O   . GLY A 1 101 ? 3.688   12.154  -10.674 1.00 37.49 ? 101 GLY A O   1 
ATOM   725  N N   . SER A 1 102 ? 2.598   10.139  -10.517 1.00 34.68 ? 102 SER A N   1 
ATOM   726  C CA  . SER A 1 102 ? 1.530   10.673  -9.683  1.00 32.93 ? 102 SER A CA  1 
ATOM   727  C C   . SER A 1 102 ? 0.884   9.609   -8.805  1.00 31.43 ? 102 SER A C   1 
ATOM   728  O O   . SER A 1 102 ? 1.044   8.351   -9.047  1.00 28.55 ? 102 SER A O   1 
ATOM   729  C CB  . SER A 1 102 ? 0.453   11.283  -10.566 1.00 34.85 ? 102 SER A CB  1 
ATOM   730  O OG  . SER A 1 102 ? -0.104  10.293  -11.414 1.00 36.17 ? 102 SER A OG  1 
ATOM   731  N N   . ALA A 1 103 ? 0.161   10.082  -7.800  1.00 29.39 ? 103 ALA A N   1 
ATOM   732  C CA  . ALA A 1 103 ? -0.572  9.222   -6.855  1.00 28.43 ? 103 ALA A CA  1 
ATOM   733  C C   . ALA A 1 103 ? -1.943  9.863   -6.747  1.00 29.40 ? 103 ALA A C   1 
ATOM   734  O O   . ALA A 1 103 ? -2.043  11.130  -6.665  1.00 29.41 ? 103 ALA A O   1 
ATOM   735  C CB  . ALA A 1 103 ? 0.110   9.224   -5.502  1.00 26.28 ? 103 ALA A CB  1 
ATOM   736  N N   . THR A 1 104 ? -2.997  9.058   -6.757  1.00 27.73 ? 104 THR A N   1 
ATOM   737  C CA  . THR A 1 104 ? -4.349  9.573   -6.666  1.00 28.12 ? 104 THR A CA  1 
ATOM   738  C C   . THR A 1 104 ? -5.139  8.650   -5.762  1.00 29.72 ? 104 THR A C   1 
ATOM   739  O O   . THR A 1 104 ? -5.030  7.367   -5.869  1.00 29.40 ? 104 THR A O   1 
ATOM   740  C CB  . THR A 1 104 ? -5.014  9.645   -8.070  1.00 28.56 ? 104 THR A CB  1 
ATOM   741  O OG1 . THR A 1 104 ? -4.271  10.556  -8.894  1.00 31.62 ? 104 THR A OG1 1 
ATOM   742  C CG2 . THR A 1 104 ? -6.417  10.146  -7.983  1.00 27.93 ? 104 THR A CG2 1 
ATOM   743  N N   . LEU A 1 105 ? -5.906  9.254   -4.863  1.00 29.34 ? 105 LEU A N   1 
ATOM   744  C CA  . LEU A 1 105 ? -6.741  8.529   -3.902  1.00 31.66 ? 105 LEU A CA  1 
ATOM   745  C C   . LEU A 1 105 ? -8.129  9.109   -4.026  1.00 32.32 ? 105 LEU A C   1 
ATOM   746  O O   . LEU A 1 105 ? -8.318  10.353  -3.838  1.00 33.46 ? 105 LEU A O   1 
ATOM   747  C CB  . LEU A 1 105 ? -6.208  8.774   -2.491  1.00 33.36 ? 105 LEU A CB  1 
ATOM   748  C CG  . LEU A 1 105 ? -6.127  7.627   -1.511  1.00 34.84 ? 105 LEU A CG  1 
ATOM   749  C CD1 . LEU A 1 105 ? -5.533  6.403   -2.216  1.00 34.39 ? 105 LEU A CD1 1 
ATOM   750  C CD2 . LEU A 1 105 ? -5.283  8.039   -0.328  1.00 36.36 ? 105 LEU A CD2 1 
ATOM   751  N N   . GLU A 1 106 ? -9.110  8.284   -4.361  1.00 33.28 ? 106 GLU A N   1 
ATOM   752  C CA  . GLU A 1 106 ? -10.466 8.785   -4.484  1.00 34.08 ? 106 GLU A CA  1 
ATOM   753  C C   . GLU A 1 106 ? -11.482 8.006   -3.642  1.00 34.80 ? 106 GLU A C   1 
ATOM   754  O O   . GLU A 1 106 ? -11.653 6.740   -3.821  1.00 34.21 ? 106 GLU A O   1 
ATOM   755  C CB  . GLU A 1 106 ? -10.906 8.767   -5.951  1.00 35.70 ? 106 GLU A CB  1 
ATOM   756  C CG  . GLU A 1 106 ? -12.286 9.356   -6.149  1.00 41.83 ? 106 GLU A CG  1 
ATOM   757  C CD  . GLU A 1 106 ? -12.743 9.346   -7.601  1.00 45.81 ? 106 GLU A CD  1 
ATOM   758  O OE1 . GLU A 1 106 ? -13.916 9.694   -7.844  1.00 48.24 ? 106 GLU A OE1 1 
ATOM   759  O OE2 . GLU A 1 106 ? -11.943 8.993   -8.500  1.00 49.57 ? 106 GLU A OE2 1 
ATOM   760  N N   . ASN A 1 107 ? -12.158 8.701   -2.724  1.00 33.35 ? 107 ASN A N   1 
ATOM   761  C CA  . ASN A 1 107 ? -13.185 8.057   -1.918  1.00 31.27 ? 107 ASN A CA  1 
ATOM   762  C C   . ASN A 1 107 ? -14.444 8.054   -2.766  1.00 32.53 ? 107 ASN A C   1 
ATOM   763  O O   . ASN A 1 107 ? -15.179 9.100   -2.870  1.00 33.03 ? 107 ASN A O   1 
ATOM   764  C CB  . ASN A 1 107 ? -13.436 8.818   -0.627  1.00 28.90 ? 107 ASN A CB  1 
ATOM   765  C CG  . ASN A 1 107 ? -14.380 8.078   0.293   1.00 24.65 ? 107 ASN A CG  1 
ATOM   766  O OD1 . ASN A 1 107 ? -15.346 7.379   -0.210  1.00 25.67 ? 107 ASN A OD1 1 
ATOM   767  N ND2 . ASN A 1 107 ? -14.172 8.200   1.511   1.00 20.95 ? 107 ASN A ND2 1 
ATOM   768  N N   . LEU A 1 108 ? -14.716 6.922   -3.398  1.00 32.64 ? 108 LEU A N   1 
ATOM   769  C CA  . LEU A 1 108 ? -15.870 6.811   -4.261  1.00 33.53 ? 108 LEU A CA  1 
ATOM   770  C C   . LEU A 1 108 ? -17.151 6.929   -3.476  1.00 34.29 ? 108 LEU A C   1 
ATOM   771  O O   . LEU A 1 108 ? -18.231 7.216   -4.050  1.00 36.25 ? 108 LEU A O   1 
ATOM   772  C CB  . LEU A 1 108 ? -15.859 5.481   -4.995  1.00 34.41 ? 108 LEU A CB  1 
ATOM   773  C CG  . LEU A 1 108 ? -14.599 5.156   -5.784  1.00 34.83 ? 108 LEU A CG  1 
ATOM   774  C CD1 . LEU A 1 108 ? -14.798 3.801   -6.493  1.00 34.15 ? 108 LEU A CD1 1 
ATOM   775  C CD2 . LEU A 1 108 ? -14.318 6.262   -6.797  1.00 35.60 ? 108 LEU A CD2 1 
ATOM   776  N N   . THR A 1 109 ? -17.082 6.744   -2.172  1.00 33.81 ? 109 THR A N   1 
ATOM   777  C CA  . THR A 1 109 ? -18.305 6.827   -1.390  1.00 33.37 ? 109 THR A CA  1 
ATOM   778  C C   . THR A 1 109 ? -18.693 8.273   -1.084  1.00 34.30 ? 109 THR A C   1 
ATOM   779  O O   . THR A 1 109 ? -19.907 8.616   -1.079  1.00 35.43 ? 109 THR A O   1 
ATOM   780  C CB  . THR A 1 109 ? -18.161 6.021   -0.080  1.00 32.36 ? 109 THR A CB  1 
ATOM   781  O OG1 . THR A 1 109 ? -17.807 4.670   -0.409  1.00 29.20 ? 109 THR A OG1 1 
ATOM   782  C CG2 . THR A 1 109 ? -19.475 6.005   0.689   1.00 31.76 ? 109 THR A CG2 1 
ATOM   783  N N   . THR A 1 110 ? -17.711 9.133   -0.854  1.00 35.12 ? 110 THR A N   1 
ATOM   784  C CA  . THR A 1 110 ? -17.988 10.534  -0.519  1.00 36.39 ? 110 THR A CA  1 
ATOM   785  C C   . THR A 1 110 ? -17.842 11.500  -1.704  1.00 38.11 ? 110 THR A C   1 
ATOM   786  O O   . THR A 1 110 ? -18.345 12.679  -1.653  1.00 38.51 ? 110 THR A O   1 
ATOM   787  C CB  . THR A 1 110 ? -17.051 11.014  0.588   1.00 34.87 ? 110 THR A CB  1 
ATOM   788  O OG1 . THR A 1 110 ? -15.702 10.963  0.116   1.00 32.97 ? 110 THR A OG1 1 
ATOM   789  C CG2 . THR A 1 110 ? -17.177 10.114  1.818   1.00 34.52 ? 110 THR A CG2 1 
ATOM   790  N N   . GLY A 1 111 ? -17.176 11.050  -2.759  1.00 36.86 ? 111 GLY A N   1 
ATOM   791  C CA  . GLY A 1 111 ? -16.969 11.903  -3.910  1.00 38.05 ? 111 GLY A CA  1 
ATOM   792  C C   . GLY A 1 111 ? -15.733 12.782  -3.772  1.00 38.36 ? 111 GLY A C   1 
ATOM   793  O O   . GLY A 1 111 ? -15.540 13.727  -4.586  1.00 40.49 ? 111 GLY A O   1 
ATOM   794  N N   . GLN A 1 112 ? -14.887 12.523  -2.780  1.00 38.28 ? 112 GLN A N   1 
ATOM   795  C CA  . GLN A 1 112 ? -13.676 13.328  -2.599  1.00 38.17 ? 112 GLN A CA  1 
ATOM   796  C C   . GLN A 1 112 ? -12.509 12.681  -3.315  1.00 39.20 ? 112 GLN A C   1 
ATOM   797  O O   . GLN A 1 112 ? -12.435 11.395  -3.442  1.00 39.08 ? 112 GLN A O   1 
ATOM   798  C CB  . GLN A 1 112 ? -13.331 13.458  -1.136  1.00 39.53 ? 112 GLN A CB  1 
ATOM   799  C CG  . GLN A 1 112 ? -14.513 13.697  -0.265  1.00 43.71 ? 112 GLN A CG  1 
ATOM   800  C CD  . GLN A 1 112 ? -14.173 13.469  1.184   1.00 46.64 ? 112 GLN A CD  1 
ATOM   801  O OE1 . GLN A 1 112 ? -13.782 14.457  1.910   1.00 48.18 ? 112 GLN A OE1 1 
ATOM   802  N NE2 . GLN A 1 112 ? -14.276 12.272  1.595   1.00 46.68 ? 112 GLN A NE2 1 
ATOM   803  N N   . LYS A 1 113 ? -11.571 13.511  -3.752  1.00 37.21 ? 113 LYS A N   1 
ATOM   804  C CA  . LYS A 1 113 ? -10.426 13.019  -4.489  1.00 37.36 ? 113 LYS A CA  1 
ATOM   805  C C   . LYS A 1 113 ? -9.217  13.912  -4.310  1.00 37.72 ? 113 LYS A C   1 
ATOM   806  O O   . LYS A 1 113 ? -9.321  15.193  -4.285  1.00 37.47 ? 113 LYS A O   1 
ATOM   807  C CB  . LYS A 1 113 ? -10.797 12.900  -5.960  1.00 36.53 ? 113 LYS A CB  1 
ATOM   808  C CG  . LYS A 1 113 ? -9.681  12.434  -6.854  1.00 38.33 ? 113 LYS A CG  1 
ATOM   809  C CD  . LYS A 1 113 ? -10.221 12.162  -8.233  1.00 39.11 ? 113 LYS A CD  1 
ATOM   810  C CE  . LYS A 1 113 ? -9.099  12.018  -9.239  1.00 43.53 ? 113 LYS A CE  1 
ATOM   811  N NZ  . LYS A 1 113 ? -9.629  11.723  -10.595 1.00 44.08 ? 113 LYS A NZ  1 
ATOM   812  N N   . VAL A 1 114 ? -8.070  13.271  -4.156  1.00 36.57 ? 114 VAL A N   1 
ATOM   813  C CA  . VAL A 1 114 ? -6.813  13.962  -3.970  1.00 36.08 ? 114 VAL A CA  1 
ATOM   814  C C   . VAL A 1 114 ? -5.781  13.357  -4.899  1.00 36.94 ? 114 VAL A C   1 
ATOM   815  O O   . VAL A 1 114 ? -5.862  12.132  -5.291  1.00 35.41 ? 114 VAL A O   1 
ATOM   816  C CB  . VAL A 1 114 ? -6.308  13.812  -2.519  1.00 37.01 ? 114 VAL A CB  1 
ATOM   817  C CG1 . VAL A 1 114 ? -7.159  14.641  -1.575  1.00 38.18 ? 114 VAL A CG1 1 
ATOM   818  C CG2 . VAL A 1 114 ? -6.391  12.348  -2.098  1.00 37.42 ? 114 VAL A CG2 1 
ATOM   819  N N   . SER A 1 115 ? -4.820  14.167  -5.309  1.00 35.84 ? 115 SER A N   1 
ATOM   820  C CA  . SER A 1 115 ? -3.764  13.640  -6.146  1.00 35.23 ? 115 SER A CA  1 
ATOM   821  C C   . SER A 1 115 ? -2.550  14.505  -5.969  1.00 35.57 ? 115 SER A C   1 
ATOM   822  O O   . SER A 1 115 ? -2.629  15.700  -5.501  1.00 33.76 ? 115 SER A O   1 
ATOM   823  C CB  . SER A 1 115 ? -4.182  13.547  -7.621  1.00 35.85 ? 115 SER A CB  1 
ATOM   824  O OG  . SER A 1 115 ? -4.489  14.810  -8.161  1.00 40.99 ? 115 SER A OG  1 
ATOM   825  N N   . LYS A 1 116 ? -1.408  13.925  -6.283  1.00 35.59 ? 116 LYS A N   1 
ATOM   826  C CA  . LYS A 1 116 ? -0.161  14.617  -6.152  1.00 35.85 ? 116 LYS A CA  1 
ATOM   827  C C   . LYS A 1 116 ? 0.640   14.230  -7.359  1.00 37.19 ? 116 LYS A C   1 
ATOM   828  O O   . LYS A 1 116 ? 0.675   13.012  -7.774  1.00 36.57 ? 116 LYS A O   1 
ATOM   829  C CB  . LYS A 1 116 ? 0.545   14.185  -4.867  1.00 36.44 ? 116 LYS A CB  1 
ATOM   830  C CG  . LYS A 1 116 ? 2.001   14.606  -4.783  1.00 38.33 ? 116 LYS A CG  1 
ATOM   831  C CD  . LYS A 1 116 ? 2.192   16.061  -4.427  1.00 39.22 ? 116 LYS A CD  1 
ATOM   832  C CE  . LYS A 1 116 ? 3.661   16.418  -4.563  1.00 41.00 ? 116 LYS A CE  1 
ATOM   833  N NZ  . LYS A 1 116 ? 3.955   17.778  -4.063  1.00 44.22 ? 116 LYS A NZ  1 
ATOM   834  N N   . SER A 1 117 ? 1.258   15.229  -7.963  1.00 37.65 ? 117 SER A N   1 
ATOM   835  C CA  . SER A 1 117 ? 2.084   15.029  -9.129  1.00 39.33 ? 117 SER A CA  1 
ATOM   836  C C   . SER A 1 117 ? 3.515   15.085  -8.595  1.00 39.83 ? 117 SER A C   1 
ATOM   837  O O   . SER A 1 117 ? 3.815   15.894  -7.664  1.00 40.82 ? 117 SER A O   1 
ATOM   838  C CB  . SER A 1 117 ? 1.803   16.156  -10.113 1.00 41.28 ? 117 SER A CB  1 
ATOM   839  O OG  . SER A 1 117 ? 2.558   16.011  -11.287 1.00 45.52 ? 117 SER A OG  1 
ATOM   840  N N   . PHE A 1 118 ? 4.399   14.229  -9.097  1.00 40.61 ? 118 PHE A N   1 
ATOM   841  C CA  . PHE A 1 118 ? 5.800   14.230  -8.626  1.00 40.71 ? 118 PHE A CA  1 
ATOM   842  C C   . PHE A 1 118 ? 6.687   14.514  -9.812  1.00 41.81 ? 118 PHE A C   1 
ATOM   843  O O   . PHE A 1 118 ? 6.383   14.059  -10.978 1.00 40.24 ? 118 PHE A O   1 
ATOM   844  C CB  . PHE A 1 118 ? 6.211   12.872  -8.025  1.00 39.53 ? 118 PHE A CB  1 
ATOM   845  C CG  . PHE A 1 118 ? 5.343   12.420  -6.892  1.00 36.66 ? 118 PHE A CG  1 
ATOM   846  C CD1 . PHE A 1 118 ? 4.204   11.657  -7.136  1.00 36.42 ? 118 PHE A CD1 1 
ATOM   847  C CD2 . PHE A 1 118 ? 5.659   12.762  -5.581  1.00 36.17 ? 118 PHE A CD2 1 
ATOM   848  C CE1 . PHE A 1 118 ? 3.390   11.239  -6.087  1.00 36.09 ? 118 PHE A CE1 1 
ATOM   849  C CE2 . PHE A 1 118 ? 4.848   12.348  -4.513  1.00 36.64 ? 118 PHE A CE2 1 
ATOM   850  C CZ  . PHE A 1 118 ? 3.712   11.584  -4.771  1.00 35.75 ? 118 PHE A CZ  1 
ATOM   851  N N   . SER A 1 119 ? 7.773   15.237  -9.566  1.00 44.72 ? 119 SER A N   1 
ATOM   852  C CA  . SER A 1 119 ? 8.696   15.589  -10.651 1.00 48.24 ? 119 SER A CA  1 
ATOM   853  C C   . SER A 1 119 ? 10.117  15.831  -10.168 1.00 49.33 ? 119 SER A C   1 
ATOM   854  O O   . SER A 1 119 ? 10.346  16.250  -8.979  1.00 49.46 ? 119 SER A O   1 
ATOM   855  C CB  . SER A 1 119 ? 8.186   16.837  -11.375 1.00 49.05 ? 119 SER A CB  1 
ATOM   856  O OG  . SER A 1 119 ? 8.387   16.697  -12.764 1.00 51.69 ? 119 SER A OG  1 
ATOM   857  N N   . ASN A 1 120 ? 11.077  15.579  -11.052 1.00 52.40 ? 120 ASN A N   1 
ATOM   858  C CA  . ASN A 1 120 ? 12.505  15.768  -10.736 1.00 56.25 ? 120 ASN A CA  1 
ATOM   859  C C   . ASN A 1 120 ? 12.895  15.060  -9.454  1.00 57.73 ? 120 ASN A C   1 
ATOM   860  O O   . ASN A 1 120 ? 13.782  15.556  -8.676  1.00 58.50 ? 120 ASN A O   1 
ATOM   861  C CB  . ASN A 1 120 ? 12.840  17.259  -10.599 1.00 57.73 ? 120 ASN A CB  1 
ATOM   862  C CG  . ASN A 1 120 ? 12.390  18.062  -11.793 1.00 59.98 ? 120 ASN A CG  1 
ATOM   863  O OD1 . ASN A 1 120 ? 12.642  17.640  -12.978 1.00 60.80 ? 120 ASN A OD1 1 
ATOM   864  N ND2 . ASN A 1 120 ? 11.776  19.131  -11.544 1.00 61.81 ? 120 ASN A ND2 1 
ATOM   865  N N   . GLU A 1 121 ? 12.263  13.921  -9.196  1.00 59.47 ? 121 GLU A N   1 
ATOM   866  C CA  . GLU A 1 121 ? 12.578  13.164  -7.997  1.00 61.21 ? 121 GLU A CA  1 
ATOM   867  C C   . GLU A 1 121 ? 14.030  12.720  -8.087  1.00 62.63 ? 121 GLU A C   1 
ATOM   868  O O   . GLU A 1 121 ? 14.392  11.766  -8.861  1.00 62.86 ? 121 GLU A O   1 
ATOM   869  C CB  . GLU A 1 121 ? 11.634  11.975  -7.877  1.00 61.42 ? 121 GLU A CB  1 
ATOM   870  C CG  . GLU A 1 121 ? 10.208  12.387  -7.545  1.00 61.10 ? 121 GLU A CG  1 
ATOM   871  C CD  . GLU A 1 121 ? 10.140  13.304  -6.331  1.00 61.64 ? 121 GLU A CD  1 
ATOM   872  O OE1 . GLU A 1 121 ? 10.996  13.168  -5.430  1.00 61.02 ? 121 GLU A OE1 1 
ATOM   873  O OE2 . GLU A 1 121 ? 9.223   14.153  -6.272  1.00 61.74 ? 121 GLU A OE2 1 
ATOM   874  N N   . SER A 1 122 ? 14.871  13.408  -7.323  1.00 64.43 ? 122 SER A N   1 
ATOM   875  C CA  . SER A 1 122 ? 16.324  13.164  -7.294  1.00 65.90 ? 122 SER A CA  1 
ATOM   876  C C   . SER A 1 122 ? 16.761  12.062  -6.326  1.00 65.98 ? 122 SER A C   1 
ATOM   877  O O   . SER A 1 122 ? 17.145  10.913  -6.770  1.00 66.07 ? 122 SER A O   1 
ATOM   878  C CB  . SER A 1 122 ? 17.044  14.481  -6.952  1.00 66.43 ? 122 SER A CB  1 
ATOM   879  O OG  . SER A 1 122 ? 16.383  15.176  -5.897  1.00 67.39 ? 122 SER A OG  1 
ATOM   880  N N   . SER A 1 123 ? 16.715  12.372  -5.033  1.00 65.28 ? 123 SER A N   1 
ATOM   881  C CA  . SER A 1 123 ? 17.102  11.430  -3.962  1.00 65.04 ? 123 SER A CA  1 
ATOM   882  C C   . SER A 1 123 ? 16.304  10.118  -3.956  1.00 63.06 ? 123 SER A C   1 
ATOM   883  O O   . SER A 1 123 ? 15.652  9.762   -2.908  1.00 63.76 ? 123 SER A O   1 
ATOM   884  C CB  . SER A 1 123 ? 16.953  12.109  -2.592  1.00 66.55 ? 123 SER A CB  1 
ATOM   885  O OG  . SER A 1 123 ? 17.823  13.231  -2.465  1.00 69.42 ? 123 SER A OG  1 
ATOM   886  N N   . GLY A 1 124 ? 16.331  9.390   -5.071  1.00 59.92 ? 124 GLY A N   1 
ATOM   887  C CA  . GLY A 1 124 ? 15.608  8.132   -5.146  1.00 55.38 ? 124 GLY A CA  1 
ATOM   888  C C   . GLY A 1 124 ? 14.686  8.018   -6.344  1.00 52.02 ? 124 GLY A C   1 
ATOM   889  O O   . GLY A 1 124 ? 13.543  8.579   -6.352  1.00 51.65 ? 124 GLY A O   1 
ATOM   890  N N   . SER A 1 125 ? 15.139  7.313   -7.371  1.00 48.98 ? 125 SER A N   1 
ATOM   891  C CA  . SER A 1 125 ? 14.325  7.133   -8.561  1.00 46.18 ? 125 SER A CA  1 
ATOM   892  C C   . SER A 1 125 ? 13.759  5.711   -8.595  1.00 43.70 ? 125 SER A C   1 
ATOM   893  O O   . SER A 1 125 ? 14.257  4.779   -7.872  1.00 42.67 ? 125 SER A O   1 
ATOM   894  C CB  . SER A 1 125 ? 15.151  7.416   -9.818  1.00 46.82 ? 125 SER A CB  1 
ATOM   895  O OG  . SER A 1 125 ? 16.265  6.552   -9.882  1.00 48.78 ? 125 SER A OG  1 
ATOM   896  N N   . LEU A 1 126 ? 12.730  5.525   -9.407  1.00 41.31 ? 126 LEU A N   1 
ATOM   897  C CA  . LEU A 1 126 ? 12.067  4.243   -9.539  1.00 39.21 ? 126 LEU A CA  1 
ATOM   898  C C   . LEU A 1 126 ? 12.800  3.361   -10.544 1.00 39.26 ? 126 LEU A C   1 
ATOM   899  O O   . LEU A 1 126 ? 13.551  3.882   -11.422 1.00 39.98 ? 126 LEU A O   1 
ATOM   900  C CB  . LEU A 1 126 ? 10.630  4.469   -10.020 1.00 37.36 ? 126 LEU A CB  1 
ATOM   901  C CG  . LEU A 1 126 ? 9.674   5.230   -9.089  1.00 35.46 ? 126 LEU A CG  1 
ATOM   902  C CD1 . LEU A 1 126 ? 8.382   5.520   -9.829  1.00 31.95 ? 126 LEU A CD1 1 
ATOM   903  C CD2 . LEU A 1 126 ? 9.393   4.418   -7.829  1.00 34.45 ? 126 LEU A CD2 1 
ATOM   904  N N   . CYS A 1 127 ? 12.613  2.047   -10.434 1.00 36.90 ? 127 CYS A N   1 
ATOM   905  C CA  . CYS A 1 127 ? 13.210  1.101   -11.375 1.00 35.22 ? 127 CYS A CA  1 
ATOM   906  C C   . CYS A 1 127 ? 12.032  0.702   -12.226 1.00 33.82 ? 127 CYS A C   1 
ATOM   907  O O   . CYS A 1 127 ? 12.184  0.319   -13.436 1.00 34.86 ? 127 CYS A O   1 
ATOM   908  C CB  . CYS A 1 127 ? 13.722  -0.161  -10.673 1.00 35.52 ? 127 CYS A CB  1 
ATOM   909  S SG  . CYS A 1 127 ? 14.762  0.027   -9.187  1.00 41.01 ? 127 CYS A SG  1 
ATOM   910  N N   . ARG A 1 128 ? 10.846  0.776   -11.626 1.00 31.36 ? 128 ARG A N   1 
ATOM   911  C CA  . ARG A 1 128 ? 9.607   0.397   -12.304 1.00 31.60 ? 128 ARG A CA  1 
ATOM   912  C C   . ARG A 1 128 ? 9.604   -1.098  -12.644 1.00 30.74 ? 128 ARG A C   1 
ATOM   913  O O   . ARG A 1 128 ? 9.095   -1.542  -13.737 1.00 30.73 ? 128 ARG A O   1 
ATOM   914  C CB  . ARG A 1 128 ? 9.413   1.240   -13.566 1.00 33.07 ? 128 ARG A CB  1 
ATOM   915  C CG  . ARG A 1 128 ? 9.374   2.740   -13.275 1.00 35.72 ? 128 ARG A CG  1 
ATOM   916  C CD  . ARG A 1 128 ? 9.515   3.526   -14.570 1.00 39.22 ? 128 ARG A CD  1 
ATOM   917  N NE  . ARG A 1 128 ? 8.266   3.560   -15.310 1.00 41.80 ? 128 ARG A NE  1 
ATOM   918  C CZ  . ARG A 1 128 ? 8.190   3.680   -16.629 1.00 44.58 ? 128 ARG A CZ  1 
ATOM   919  N NH1 . ARG A 1 128 ? 9.303   3.761   -17.338 1.00 47.14 ? 128 ARG A NH1 1 
ATOM   920  N NH2 . ARG A 1 128 ? 7.006   3.747   -17.232 1.00 44.10 ? 128 ARG A NH2 1 
ATOM   921  N N   . THR A 1 129 ? 10.127  -1.887  -11.713 1.00 31.07 ? 129 THR A N   1 
ATOM   922  C CA  . THR A 1 129 ? 10.205  -3.339  -11.862 1.00 30.63 ? 129 THR A CA  1 
ATOM   923  C C   . THR A 1 129 ? 9.259   -4.143  -10.941 1.00 30.71 ? 129 THR A C   1 
ATOM   924  O O   . THR A 1 129 ? 9.141   -5.408  -11.095 1.00 31.61 ? 129 THR A O   1 
ATOM   925  C CB  . THR A 1 129 ? 11.634  -3.794  -11.638 1.00 30.30 ? 129 THR A CB  1 
ATOM   926  O OG1 . THR A 1 129 ? 12.086  -3.319  -10.360 1.00 30.62 ? 129 THR A OG1 1 
ATOM   927  C CG2 . THR A 1 129 ? 12.545  -3.226  -12.746 1.00 30.82 ? 129 THR A CG2 1 
ATOM   928  N N   . ASN A 1 130 ? 8.604   -3.478  -9.986  1.00 29.43 ? 130 ASN A N   1 
ATOM   929  C CA  . ASN A 1 130 ? 7.638   -4.169  -9.079  1.00 27.87 ? 130 ASN A CA  1 
ATOM   930  C C   . ASN A 1 130 ? 6.322   -3.412  -9.109  1.00 28.31 ? 130 ASN A C   1 
ATOM   931  O O   . ASN A 1 130 ? 6.315   -2.123  -9.161  1.00 27.49 ? 130 ASN A O   1 
ATOM   932  C CB  . ASN A 1 130 ? 8.103   -4.173  -7.617  1.00 26.81 ? 130 ASN A CB  1 
ATOM   933  C CG  . ASN A 1 130 ? 9.508   -4.688  -7.439  1.00 27.24 ? 130 ASN A CG  1 
ATOM   934  O OD1 . ASN A 1 130 ? 9.960   -5.649  -8.196  1.00 32.26 ? 130 ASN A OD1 1 
ATOM   935  N ND2 . ASN A 1 130 ? 10.169  -4.154  -6.520  1.00 24.38 ? 130 ASN A ND2 1 
ATOM   936  N N   . ALA A 1 131 ? 5.218   -4.152  -9.087  1.00 26.62 ? 131 ALA A N   1 
ATOM   937  C CA  . ALA A 1 131 ? 3.872   -3.558  -9.040  1.00 26.77 ? 131 ALA A CA  1 
ATOM   938  C C   . ALA A 1 131 ? 3.248   -4.357  -7.895  1.00 26.42 ? 131 ALA A C   1 
ATOM   939  O O   . ALA A 1 131 ? 3.413   -5.620  -7.868  1.00 25.02 ? 131 ALA A O   1 
ATOM   940  C CB  . ALA A 1 131 ? 3.118   -3.818  -10.329 1.00 26.23 ? 131 ALA A CB  1 
ATOM   941  N N   . GLU A 1 132 ? 2.537   -3.707  -6.973  1.00 23.73 ? 132 GLU A N   1 
ATOM   942  C CA  . GLU A 1 132 ? 1.969   -4.451  -5.826  1.00 22.17 ? 132 GLU A CA  1 
ATOM   943  C C   . GLU A 1 132 ? 0.695   -3.910  -5.174  1.00 23.10 ? 132 GLU A C   1 
ATOM   944  O O   . GLU A 1 132 ? 0.360   -2.665  -5.266  1.00 20.82 ? 132 GLU A O   1 
ATOM   945  C CB  . GLU A 1 132 ? 3.062   -4.610  -4.749  1.00 23.16 ? 132 GLU A CB  1 
ATOM   946  C CG  . GLU A 1 132 ? 3.568   -3.288  -4.168  1.00 23.38 ? 132 GLU A CG  1 
ATOM   947  C CD  . GLU A 1 132 ? 4.836   -2.751  -4.827  1.00 27.25 ? 132 GLU A CD  1 
ATOM   948  O OE1 . GLU A 1 132 ? 5.209   -1.574  -4.552  1.00 25.37 ? 132 GLU A OE1 1 
ATOM   949  O OE2 . GLU A 1 132 ? 5.478   -3.497  -5.600  1.00 27.09 ? 132 GLU A OE2 1 
ATOM   950  N N   . PHE A 1 133 ? -0.025  -4.820  -4.506  1.00 22.10 ? 133 PHE A N   1 
ATOM   951  C CA  . PHE A 1 133 ? -1.277  -4.525  -3.780  1.00 20.95 ? 133 PHE A CA  1 
ATOM   952  C C   . PHE A 1 133 ? -0.979  -5.130  -2.419  1.00 20.60 ? 133 PHE A C   1 
ATOM   953  O O   . PHE A 1 133 ? -0.949  -6.387  -2.283  1.00 19.08 ? 133 PHE A O   1 
ATOM   954  C CB  . PHE A 1 133 ? -2.429  -5.215  -4.483  1.00 20.77 ? 133 PHE A CB  1 
ATOM   955  C CG  . PHE A 1 133 ? -2.549  -4.820  -5.920  1.00 23.04 ? 133 PHE A CG  1 
ATOM   956  C CD1 . PHE A 1 133 ? -1.804  -5.463  -6.892  1.00 23.77 ? 133 PHE A CD1 1 
ATOM   957  C CD2 . PHE A 1 133 ? -3.363  -3.754  -6.290  1.00 22.48 ? 133 PHE A CD2 1 
ATOM   958  C CE1 . PHE A 1 133 ? -1.871  -5.055  -8.241  1.00 25.85 ? 133 PHE A CE1 1 
ATOM   959  C CE2 . PHE A 1 133 ? -3.433  -3.334  -7.624  1.00 24.77 ? 133 PHE A CE2 1 
ATOM   960  C CZ  . PHE A 1 133 ? -2.686  -3.987  -8.602  1.00 21.23 ? 133 PHE A CZ  1 
ATOM   961  N N   . ILE A 1 134 ? -0.810  -4.276  -1.412  1.00 17.65 ? 134 ILE A N   1 
ATOM   962  C CA  . ILE A 1 134 ? -0.325  -4.720  -0.114  1.00 17.28 ? 134 ILE A CA  1 
ATOM   963  C C   . ILE A 1 134 ? -1.095  -4.291  1.149   1.00 18.82 ? 134 ILE A C   1 
ATOM   964  O O   . ILE A 1 134 ? -1.706  -3.155  1.210   1.00 17.06 ? 134 ILE A O   1 
ATOM   965  C CB  . ILE A 1 134 ? 1.139   -4.191  0.036   1.00 16.81 ? 134 ILE A CB  1 
ATOM   966  C CG1 . ILE A 1 134 ? 2.033   -4.758  -1.076  1.00 19.54 ? 134 ILE A CG1 1 
ATOM   967  C CG2 . ILE A 1 134 ? 1.712   -4.480  1.423   1.00 14.14 ? 134 ILE A CG2 1 
ATOM   968  C CD1 . ILE A 1 134 ? 2.376   -6.291  -0.937  1.00 19.75 ? 134 ILE A CD1 1 
ATOM   969  N N   . ILE A 1 135 ? -1.096  -5.175  2.147   1.00 18.22 ? 135 ILE A N   1 
ATOM   970  C CA  . ILE A 1 135 ? -1.603  -4.908  3.471   1.00 18.14 ? 135 ILE A CA  1 
ATOM   971  C C   . ILE A 1 135 ? -0.338  -4.928  4.284   1.00 18.17 ? 135 ILE A C   1 
ATOM   972  O O   . ILE A 1 135 ? 0.418   -5.905  4.243   1.00 17.66 ? 135 ILE A O   1 
ATOM   973  C CB  . ILE A 1 135 ? -2.584  -5.978  4.012   1.00 19.16 ? 135 ILE A CB  1 
ATOM   974  C CG1 . ILE A 1 135 ? -3.820  -6.112  3.122   1.00 19.43 ? 135 ILE A CG1 1 
ATOM   975  C CG2 . ILE A 1 135 ? -2.995  -5.665  5.440   1.00 19.86 ? 135 ILE A CG2 1 
ATOM   976  C CD1 . ILE A 1 135 ? -4.571  -4.819  2.914   1.00 17.67 ? 135 ILE A CD1 1 
ATOM   977  N N   . GLU A 1 136 ? -0.077  -3.858  5.042   1.00 18.71 ? 136 GLU A N   1 
ATOM   978  C CA  . GLU A 1 136 ? 1.185   -3.830  5.776   1.00 17.47 ? 136 GLU A CA  1 
ATOM   979  C C   . GLU A 1 136 ? 1.112   -3.494  7.254   1.00 17.75 ? 136 GLU A C   1 
ATOM   980  O O   . GLU A 1 136 ? 0.184   -2.752  7.705   1.00 19.24 ? 136 GLU A O   1 
ATOM   981  C CB  . GLU A 1 136 ? 2.136   -2.830  5.087   1.00 17.71 ? 136 GLU A CB  1 
ATOM   982  C CG  . GLU A 1 136 ? 3.378   -2.411  5.919   1.00 17.75 ? 136 GLU A CG  1 
ATOM   983  C CD  . GLU A 1 136 ? 4.235   -1.331  5.219   1.00 22.28 ? 136 GLU A CD  1 
ATOM   984  O OE1 . GLU A 1 136 ? 5.315   -0.993  5.754   1.00 24.13 ? 136 GLU A OE1 1 
ATOM   985  O OE2 . GLU A 1 136 ? 3.831   -0.814  4.149   1.00 23.46 ? 136 GLU A OE2 1 
ATOM   986  N N   . ASP A 1 137 ? 2.032   -4.043  8.008   1.00 16.31 ? 137 ASP A N   1 
ATOM   987  C CA  . ASP A 1 137 ? 2.204   -3.737  9.406   1.00 18.76 ? 137 ASP A CA  1 
ATOM   988  C C   . ASP A 1 137 ? 3.296   -2.665  9.327   1.00 19.49 ? 137 ASP A C   1 
ATOM   989  O O   . ASP A 1 137 ? 4.472   -3.025  9.220   1.00 18.16 ? 137 ASP A O   1 
ATOM   990  C CB  . ASP A 1 137 ? 2.668   -4.925  10.259  1.00 17.50 ? 137 ASP A CB  1 
ATOM   991  C CG  . ASP A 1 137 ? 2.782   -4.611  11.741  1.00 18.44 ? 137 ASP A CG  1 
ATOM   992  O OD1 . ASP A 1 137 ? 3.197   -5.499  12.522  1.00 19.17 ? 137 ASP A OD1 1 
ATOM   993  O OD2 . ASP A 1 137 ? 2.447   -3.475  12.112  1.00 21.02 ? 137 ASP A OD2 1 
ATOM   994  N N   . PHE A 1 138 ? 2.938   -1.397  9.378   1.00 21.78 ? 138 PHE A N   1 
ATOM   995  C CA  . PHE A 1 138 ? 3.981   -0.372  9.208   1.00 22.02 ? 138 PHE A CA  1 
ATOM   996  C C   . PHE A 1 138 ? 4.761   -0.069  10.453  1.00 25.00 ? 138 PHE A C   1 
ATOM   997  O O   . PHE A 1 138 ? 4.480   -0.614  11.563  1.00 22.11 ? 138 PHE A O   1 
ATOM   998  C CB  . PHE A 1 138 ? 3.414   0.930   8.611   1.00 21.84 ? 138 PHE A CB  1 
ATOM   999  C CG  . PHE A 1 138 ? 2.275   1.542   9.413   1.00 21.32 ? 138 PHE A CG  1 
ATOM   1000 C CD1 . PHE A 1 138 ? 0.957   1.222   9.122   1.00 17.38 ? 138 PHE A CD1 1 
ATOM   1001 C CD2 . PHE A 1 138 ? 2.538   2.447   10.443  1.00 21.31 ? 138 PHE A CD2 1 
ATOM   1002 C CE1 . PHE A 1 138 ? -0.099  1.798   9.848   1.00 23.50 ? 138 PHE A CE1 1 
ATOM   1003 C CE2 . PHE A 1 138 ? 1.502   3.034   11.180  1.00 22.07 ? 138 PHE A CE2 1 
ATOM   1004 C CZ  . PHE A 1 138 ? 0.178   2.712   10.889  1.00 23.01 ? 138 PHE A CZ  1 
ATOM   1005 N N   . GLU A 1 139 ? 5.751   0.791   10.286  1.00 28.58 ? 139 GLU A N   1 
ATOM   1006 C CA  . GLU A 1 139 ? 6.641   1.181   11.365  1.00 32.59 ? 139 GLU A CA  1 
ATOM   1007 C C   . GLU A 1 139 ? 6.461   2.597   11.861  1.00 33.12 ? 139 GLU A C   1 
ATOM   1008 O O   . GLU A 1 139 ? 5.981   3.509   11.129  1.00 31.60 ? 139 GLU A O   1 
ATOM   1009 C CB  . GLU A 1 139 ? 8.096   1.001   10.932  1.00 32.47 ? 139 GLU A CB  1 
ATOM   1010 C CG  . GLU A 1 139 ? 8.616   -0.406  11.121  1.00 37.21 ? 139 GLU A CG  1 
ATOM   1011 C CD  . GLU A 1 139 ? 10.025  -0.578  10.593  1.00 40.07 ? 139 GLU A CD  1 
ATOM   1012 O OE1 . GLU A 1 139 ? 10.886  -1.094  11.343  1.00 42.75 ? 139 GLU A OE1 1 
ATOM   1013 O OE2 . GLU A 1 139 ? 10.266  -0.199  9.423   1.00 43.04 ? 139 GLU A OE2 1 
ATOM   1014 N N   . GLU A 1 140 ? 6.842   2.792   13.107  1.00 35.25 ? 140 GLU A N   1 
ATOM   1015 C CA  . GLU A 1 140 ? 6.779   4.095   13.730  1.00 40.26 ? 140 GLU A CA  1 
ATOM   1016 C C   . GLU A 1 140 ? 8.232   4.333   14.170  1.00 40.25 ? 140 GLU A C   1 
ATOM   1017 O O   . GLU A 1 140 ? 8.814   3.499   14.947  1.00 37.66 ? 140 GLU A O   1 
ATOM   1018 C CB  . GLU A 1 140 ? 5.840   4.028   14.937  1.00 44.36 ? 140 GLU A CB  1 
ATOM   1019 C CG  . GLU A 1 140 ? 5.497   5.361   15.550  1.00 51.70 ? 140 GLU A CG  1 
ATOM   1020 C CD  . GLU A 1 140 ? 4.736   6.249   14.589  1.00 56.79 ? 140 GLU A CD  1 
ATOM   1021 O OE1 . GLU A 1 140 ? 3.711   5.777   14.027  1.00 59.25 ? 140 GLU A OE1 1 
ATOM   1022 O OE2 . GLU A 1 140 ? 5.165   7.417   14.400  1.00 59.24 ? 140 GLU A OE2 1 
ATOM   1023 N N   . CYS A 1 141 ? 8.839   5.413   13.688  1.00 42.06 ? 141 CYS A N   1 
ATOM   1024 C CA  . CYS A 1 141 ? 10.245  5.749   14.040  1.00 45.16 ? 141 CYS A CA  1 
ATOM   1025 C C   . CYS A 1 141 ? 10.345  7.074   14.770  1.00 46.54 ? 141 CYS A C   1 
ATOM   1026 O O   . CYS A 1 141 ? 9.454   7.968   14.600  1.00 47.58 ? 141 CYS A O   1 
ATOM   1027 C CB  . CYS A 1 141 ? 11.089  5.932   12.795  1.00 44.87 ? 141 CYS A CB  1 
ATOM   1028 S SG  . CYS A 1 141 ? 11.238  4.589   11.590  1.00 46.88 ? 141 CYS A SG  1 
ATOM   1029 N N   . ASN A 1 142 ? 11.399  7.259   15.557  1.00 48.55 ? 142 ASN A N   1 
ATOM   1030 C CA  . ASN A 1 142 ? 11.581  8.554   16.216  1.00 50.56 ? 142 ASN A CA  1 
ATOM   1031 C C   . ASN A 1 142 ? 12.157  9.504   15.167  1.00 52.51 ? 142 ASN A C   1 
ATOM   1032 O O   . ASN A 1 142 ? 12.298  9.127   13.950  1.00 52.63 ? 142 ASN A O   1 
ATOM   1033 C CB  . ASN A 1 142 ? 12.530  8.458   17.417  1.00 50.30 ? 142 ASN A CB  1 
ATOM   1034 C CG  . ASN A 1 142 ? 13.842  7.765   17.087  1.00 49.10 ? 142 ASN A CG  1 
ATOM   1035 O OD1 . ASN A 1 142 ? 14.341  7.823   15.909  1.00 47.99 ? 142 ASN A OD1 1 
ATOM   1036 N ND2 . ASN A 1 142 ? 14.387  7.169   18.035  1.00 48.71 ? 142 ASN A ND2 1 
ATOM   1037 N N   . SER A 1 143 ? 12.504  10.717  15.585  1.00 55.99 ? 143 SER A N   1 
ATOM   1038 C CA  . SER A 1 143 ? 13.062  11.735  14.667  1.00 58.29 ? 143 SER A CA  1 
ATOM   1039 C C   . SER A 1 143 ? 14.262  11.300  13.807  1.00 59.73 ? 143 SER A C   1 
ATOM   1040 O O   . SER A 1 143 ? 14.250  11.457  12.530  1.00 60.45 ? 143 SER A O   1 
ATOM   1041 C CB  . SER A 1 143 ? 13.450  12.971  15.474  1.00 59.25 ? 143 SER A CB  1 
ATOM   1042 O OG  . SER A 1 143 ? 12.365  13.392  16.286  1.00 61.76 ? 143 SER A OG  1 
ATOM   1043 N N   . ASN A 1 144 ? 15.293  10.760  14.450  1.00 60.46 ? 144 ASN A N   1 
ATOM   1044 C CA  . ASN A 1 144 ? 16.515  10.341  13.743  1.00 61.03 ? 144 ASN A CA  1 
ATOM   1045 C C   . ASN A 1 144 ? 16.666  8.872   13.318  1.00 60.96 ? 144 ASN A C   1 
ATOM   1046 O O   . ASN A 1 144 ? 17.839  8.365   13.165  1.00 61.22 ? 144 ASN A O   1 
ATOM   1047 C CB  . ASN A 1 144 ? 17.722  10.737  14.588  1.00 63.11 ? 144 ASN A CB  1 
ATOM   1048 C CG  . ASN A 1 144 ? 17.530  10.414  16.055  1.00 65.03 ? 144 ASN A CG  1 
ATOM   1049 O OD1 . ASN A 1 144 ? 16.528  10.903  16.699  1.00 67.70 ? 144 ASN A OD1 1 
ATOM   1050 N ND2 . ASN A 1 144 ? 18.389  9.666   16.573  1.00 65.96 ? 144 ASN A ND2 1 
ATOM   1051 N N   . GLY A 1 145 ? 15.556  8.161   13.116  1.00 59.55 ? 145 GLY A N   1 
ATOM   1052 C CA  . GLY A 1 145 ? 15.655  6.768   12.703  1.00 56.97 ? 145 GLY A CA  1 
ATOM   1053 C C   . GLY A 1 145 ? 16.427  5.864   13.654  1.00 55.67 ? 145 GLY A C   1 
ATOM   1054 O O   . GLY A 1 145 ? 16.698  4.656   13.336  1.00 55.42 ? 145 GLY A O   1 
ATOM   1055 N N   . SER A 1 146 ? 16.797  6.389   14.817  1.00 54.82 ? 146 SER A N   1 
ATOM   1056 C CA  . SER A 1 146 ? 17.543  5.590   15.799  1.00 53.22 ? 146 SER A CA  1 
ATOM   1057 C C   . SER A 1 146 ? 16.658  4.516   16.427  1.00 51.82 ? 146 SER A C   1 
ATOM   1058 O O   . SER A 1 146 ? 17.160  3.488   17.001  1.00 52.27 ? 146 SER A O   1 
ATOM   1059 C CB  . SER A 1 146 ? 18.115  6.496   16.897  1.00 54.20 ? 146 SER A CB  1 
ATOM   1060 O OG  . SER A 1 146 ? 17.085  7.159   17.609  1.00 55.60 ? 146 SER A OG  1 
ATOM   1061 N N   . ASP A 1 147 ? 15.352  4.709   16.352  1.00 50.14 ? 147 ASP A N   1 
ATOM   1062 C CA  . ASP A 1 147 ? 14.431  3.737   16.930  1.00 48.05 ? 147 ASP A CA  1 
ATOM   1063 C C   . ASP A 1 147 ? 13.188  3.616   16.068  1.00 45.49 ? 147 ASP A C   1 
ATOM   1064 O O   . ASP A 1 147 ? 12.311  4.537   16.056  1.00 44.81 ? 147 ASP A O   1 
ATOM   1065 C CB  . ASP A 1 147 ? 14.034  4.154   18.345  1.00 49.68 ? 147 ASP A CB  1 
ATOM   1066 C CG  . ASP A 1 147 ? 13.123  3.141   19.023  1.00 52.30 ? 147 ASP A CG  1 
ATOM   1067 O OD1 . ASP A 1 147 ? 12.541  3.482   20.077  1.00 51.92 ? 147 ASP A OD1 1 
ATOM   1068 O OD2 . ASP A 1 147 ? 12.997  2.001   18.516  1.00 53.78 ? 147 ASP A OD2 1 
ATOM   1069 N N   . CYS A 1 148 ? 13.101  2.520   15.329  1.00 41.66 ? 148 CYS A N   1 
ATOM   1070 C CA  . CYS A 1 148 ? 11.950  2.264   14.487  1.00 39.60 ? 148 CYS A CA  1 
ATOM   1071 C C   . CYS A 1 148 ? 11.341  0.950   14.949  1.00 37.64 ? 148 CYS A C   1 
ATOM   1072 O O   . CYS A 1 148 ? 12.075  -0.053  15.190  1.00 37.14 ? 148 CYS A O   1 
ATOM   1073 C CB  . CYS A 1 148 ? 12.357  2.123   13.033  1.00 40.90 ? 148 CYS A CB  1 
ATOM   1074 S SG  . CYS A 1 148 ? 12.935  3.616   12.161  1.00 44.67 ? 148 CYS A SG  1 
ATOM   1075 N N   . GLU A 1 149 ? 10.026  0.909   15.072  1.00 35.17 ? 149 GLU A N   1 
ATOM   1076 C CA  . GLU A 1 149 ? 9.382   -0.316  15.510  1.00 34.09 ? 149 GLU A CA  1 
ATOM   1077 C C   . GLU A 1 149 ? 8.083   -0.514  14.783  1.00 29.43 ? 149 GLU A C   1 
ATOM   1078 O O   . GLU A 1 149 ? 7.442   0.479   14.333  1.00 27.86 ? 149 GLU A O   1 
ATOM   1079 C CB  . GLU A 1 149 ? 9.135   -0.255  17.004  1.00 37.40 ? 149 GLU A CB  1 
ATOM   1080 C CG  . GLU A 1 149 ? 10.376  0.130   17.727  1.00 46.19 ? 149 GLU A CG  1 
ATOM   1081 C CD  . GLU A 1 149 ? 10.444  -0.468  19.102  1.00 52.15 ? 149 GLU A CD  1 
ATOM   1082 O OE1 . GLU A 1 149 ? 9.896   -1.588  19.274  1.00 54.01 ? 149 GLU A OE1 1 
ATOM   1083 O OE2 . GLU A 1 149 ? 11.063  0.171   19.990  1.00 54.10 ? 149 GLU A OE2 1 
ATOM   1084 N N   . PHE A 1 150 ? 7.683   -1.768  14.632  1.00 25.06 ? 150 PHE A N   1 
ATOM   1085 C CA  . PHE A 1 150 ? 6.432   -2.065  13.950  1.00 23.82 ? 150 PHE A CA  1 
ATOM   1086 C C   . PHE A 1 150 ? 5.288   -1.748  14.892  1.00 22.42 ? 150 PHE A C   1 
ATOM   1087 O O   . PHE A 1 150 ? 5.342   -2.077  16.131  1.00 22.39 ? 150 PHE A O   1 
ATOM   1088 C CB  . PHE A 1 150 ? 6.370   -3.546  13.544  1.00 23.35 ? 150 PHE A CB  1 
ATOM   1089 C CG  . PHE A 1 150 ? 7.374   -3.916  12.502  1.00 23.31 ? 150 PHE A CG  1 
ATOM   1090 C CD1 . PHE A 1 150 ? 8.507   -4.665  12.830  1.00 21.92 ? 150 PHE A CD1 1 
ATOM   1091 C CD2 . PHE A 1 150 ? 7.219   -3.473  11.203  1.00 21.07 ? 150 PHE A CD2 1 
ATOM   1092 C CE1 . PHE A 1 150 ? 9.471   -4.956  11.870  1.00 22.05 ? 150 PHE A CE1 1 
ATOM   1093 C CE2 . PHE A 1 150 ? 8.185   -3.761  10.232  1.00 21.36 ? 150 PHE A CE2 1 
ATOM   1094 C CZ  . PHE A 1 150 ? 9.310   -4.501  10.566  1.00 21.26 ? 150 PHE A CZ  1 
ATOM   1095 N N   . VAL A 1 151 ? 4.258   -1.115  14.365  1.00 21.98 ? 151 VAL A N   1 
ATOM   1096 C CA  . VAL A 1 151 ? 3.105   -0.812  15.194  1.00 23.60 ? 151 VAL A CA  1 
ATOM   1097 C C   . VAL A 1 151 ? 2.393   -2.130  15.453  1.00 22.59 ? 151 VAL A C   1 
ATOM   1098 O O   . VAL A 1 151 ? 2.491   -3.098  14.618  1.00 22.14 ? 151 VAL A O   1 
ATOM   1099 C CB  . VAL A 1 151 ? 2.140   0.195   14.476  1.00 25.13 ? 151 VAL A CB  1 
ATOM   1100 C CG1 . VAL A 1 151 ? 2.899   1.485   14.175  1.00 28.14 ? 151 VAL A CG1 1 
ATOM   1101 C CG2 . VAL A 1 151 ? 1.563   -0.405  13.158  1.00 22.21 ? 151 VAL A CG2 1 
ATOM   1102 N N   . PRO A 1 152 ? 1.704   -2.248  16.595  1.00 23.26 ? 152 PRO A N   1 
ATOM   1103 C CA  . PRO A 1 152 ? 0.994   -3.510  16.855  1.00 21.00 ? 152 PRO A CA  1 
ATOM   1104 C C   . PRO A 1 152 ? -0.011  -3.607  15.713  1.00 20.15 ? 152 PRO A C   1 
ATOM   1105 O O   . PRO A 1 152 ? -0.650  -2.582  15.333  1.00 18.83 ? 152 PRO A O   1 
ATOM   1106 C CB  . PRO A 1 152 ? 0.332   -3.267  18.206  1.00 22.39 ? 152 PRO A CB  1 
ATOM   1107 C CG  . PRO A 1 152 ? 1.341   -2.341  18.895  1.00 22.80 ? 152 PRO A CG  1 
ATOM   1108 C CD  . PRO A 1 152 ? 1.682   -1.361  17.776  1.00 23.44 ? 152 PRO A CD  1 
ATOM   1109 N N   . PHE A 1 153 ? -0.174  -4.804  15.157  1.00 19.53 ? 153 PHE A N   1 
ATOM   1110 C CA  . PHE A 1 153 ? -1.042  -4.992  13.994  1.00 18.39 ? 153 PHE A CA  1 
ATOM   1111 C C   . PHE A 1 153 ? -2.511  -5.107  14.405  1.00 17.65 ? 153 PHE A C   1 
ATOM   1112 O O   . PHE A 1 153 ? -2.881  -6.033  15.168  1.00 19.17 ? 153 PHE A O   1 
ATOM   1113 C CB  . PHE A 1 153 ? -0.572  -6.252  13.245  1.00 15.35 ? 153 PHE A CB  1 
ATOM   1114 C CG  . PHE A 1 153 ? -1.100  -6.374  11.835  1.00 17.54 ? 153 PHE A CG  1 
ATOM   1115 C CD1 . PHE A 1 153 ? -1.781  -7.533  11.429  1.00 16.65 ? 153 PHE A CD1 1 
ATOM   1116 C CD2 . PHE A 1 153 ? -0.862  -5.361  10.900  1.00 13.35 ? 153 PHE A CD2 1 
ATOM   1117 C CE1 . PHE A 1 153 ? -2.226  -7.676  10.093  1.00 18.60 ? 153 PHE A CE1 1 
ATOM   1118 C CE2 . PHE A 1 153 ? -1.288  -5.497  9.577   1.00 18.93 ? 153 PHE A CE2 1 
ATOM   1119 C CZ  . PHE A 1 153 ? -1.975  -6.658  9.166   1.00 18.65 ? 153 PHE A CZ  1 
ATOM   1120 N N   . ALA A 1 154 ? -3.363  -4.210  13.918  1.00 16.51 ? 154 ALA A N   1 
ATOM   1121 C CA  . ALA A 1 154 ? -4.799  -4.246  14.300  1.00 17.78 ? 154 ALA A CA  1 
ATOM   1122 C C   . ALA A 1 154 ? -5.520  -5.402  13.645  1.00 18.93 ? 154 ALA A C   1 
ATOM   1123 O O   . ALA A 1 154 ? -5.103  -5.893  12.542  1.00 16.95 ? 154 ALA A O   1 
ATOM   1124 C CB  . ALA A 1 154 ? -5.513  -2.941  13.865  1.00 14.94 ? 154 ALA A CB  1 
ATOM   1125 N N   . SER A 1 155 ? -6.608  -5.838  14.262  1.00 18.81 ? 155 SER A N   1 
ATOM   1126 C CA  . SER A 1 155 ? -7.412  -6.874  13.652  1.00 19.27 ? 155 SER A CA  1 
ATOM   1127 C C   . SER A 1 155 ? -8.361  -6.075  12.777  1.00 18.37 ? 155 SER A C   1 
ATOM   1128 O O   . SER A 1 155 ? -8.654  -4.873  13.087  1.00 19.19 ? 155 SER A O   1 
ATOM   1129 C CB  . SER A 1 155 ? -8.187  -7.636  14.735  1.00 23.32 ? 155 SER A CB  1 
ATOM   1130 O OG  . SER A 1 155 ? -9.139  -6.782  15.313  1.00 27.33 ? 155 SER A OG  1 
ATOM   1131 N N   . PHE A 1 156 ? -8.834  -6.637  11.673  1.00 17.36 ? 156 PHE A N   1 
ATOM   1132 C CA  . PHE A 1 156 ? -9.759  -5.878  10.835  1.00 18.60 ? 156 PHE A CA  1 
ATOM   1133 C C   . PHE A 1 156 ? -10.795 -6.786  10.240  1.00 18.67 ? 156 PHE A C   1 
ATOM   1134 O O   . PHE A 1 156 ? -10.532 -8.010  10.024  1.00 19.02 ? 156 PHE A O   1 
ATOM   1135 C CB  . PHE A 1 156 ? -9.025  -5.102  9.711   1.00 17.28 ? 156 PHE A CB  1 
ATOM   1136 C CG  . PHE A 1 156 ? -8.150  -5.963  8.821   1.00 18.72 ? 156 PHE A CG  1 
ATOM   1137 C CD1 . PHE A 1 156 ? -8.674  -6.571  7.676   1.00 17.39 ? 156 PHE A CD1 1 
ATOM   1138 C CD2 . PHE A 1 156 ? -6.790  -6.117  9.101   1.00 17.64 ? 156 PHE A CD2 1 
ATOM   1139 C CE1 . PHE A 1 156 ? -7.853  -7.321  6.819   1.00 17.50 ? 156 PHE A CE1 1 
ATOM   1140 C CE2 . PHE A 1 156 ? -5.954  -6.862  8.258   1.00 18.76 ? 156 PHE A CE2 1 
ATOM   1141 C CZ  . PHE A 1 156 ? -6.486  -7.473  7.105   1.00 17.01 ? 156 PHE A CZ  1 
ATOM   1142 N N   . SER A 1 157 ? -11.940 -6.213  9.910   1.00 18.96 ? 157 SER A N   1 
ATOM   1143 C CA  . SER A 1 157 ? -13.032 -6.990  9.360   1.00 22.15 ? 157 SER A CA  1 
ATOM   1144 C C   . SER A 1 157 ? -13.964 -6.056  8.596   1.00 21.10 ? 157 SER A C   1 
ATOM   1145 O O   . SER A 1 157 ? -14.166 -4.886  9.024   1.00 22.57 ? 157 SER A O   1 
ATOM   1146 C CB  . SER A 1 157 ? -13.796 -7.625  10.541  1.00 24.27 ? 157 SER A CB  1 
ATOM   1147 O OG  . SER A 1 157 ? -14.940 -8.280  10.060  1.00 33.22 ? 157 SER A OG  1 
ATOM   1148 N N   . PRO A 1 158 ? -14.510 -6.488  7.451   1.00 20.81 ? 158 PRO A N   1 
ATOM   1149 C CA  . PRO A 1 158 ? -14.324 -7.782  6.788   1.00 20.17 ? 158 PRO A CA  1 
ATOM   1150 C C   . PRO A 1 158 ? -12.969 -7.709  6.086   1.00 20.18 ? 158 PRO A C   1 
ATOM   1151 O O   . PRO A 1 158 ? -12.141 -6.758  6.342   1.00 19.29 ? 158 PRO A O   1 
ATOM   1152 C CB  . PRO A 1 158 ? -15.467 -7.818  5.779   1.00 21.98 ? 158 PRO A CB  1 
ATOM   1153 C CG  . PRO A 1 158 ? -15.520 -6.328  5.343   1.00 22.73 ? 158 PRO A CG  1 
ATOM   1154 C CD  . PRO A 1 158 ? -15.444 -5.629  6.693   1.00 19.48 ? 158 PRO A CD  1 
ATOM   1155 N N   . ALA A 1 159 ? -12.725 -8.661  5.202   1.00 20.53 ? 159 ALA A N   1 
ATOM   1156 C CA  . ALA A 1 159 ? -11.477 -8.715  4.453   1.00 20.31 ? 159 ALA A CA  1 
ATOM   1157 C C   . ALA A 1 159 ? -11.296 -7.442  3.620   1.00 19.81 ? 159 ALA A C   1 
ATOM   1158 O O   . ALA A 1 159 ? -12.316 -6.830  3.146   1.00 18.73 ? 159 ALA A O   1 
ATOM   1159 C CB  . ALA A 1 159 ? -11.488 -9.941  3.518   1.00 17.48 ? 159 ALA A CB  1 
ATOM   1160 N N   . VAL A 1 160 ? -10.048 -7.011  3.452   1.00 18.19 ? 160 VAL A N   1 
ATOM   1161 C CA  . VAL A 1 160 ? -9.776  -5.862  2.611   1.00 18.63 ? 160 VAL A CA  1 
ATOM   1162 C C   . VAL A 1 160 ? -9.518  -6.430  1.229   1.00 20.99 ? 160 VAL A C   1 
ATOM   1163 O O   . VAL A 1 160 ? -8.562  -7.261  1.013   1.00 18.82 ? 160 VAL A O   1 
ATOM   1164 C CB  . VAL A 1 160 ? -8.544  -5.077  3.059   1.00 20.27 ? 160 VAL A CB  1 
ATOM   1165 C CG1 . VAL A 1 160 ? -8.274  -3.938  2.051   1.00 20.21 ? 160 VAL A CG1 1 
ATOM   1166 C CG2 . VAL A 1 160 ? -8.805  -4.489  4.418   1.00 20.34 ? 160 VAL A CG2 1 
ATOM   1167 N N   . GLU A 1 161 ? -10.362 -6.031  0.288   1.00 24.28 ? 161 GLU A N   1 
ATOM   1168 C CA  . GLU A 1 161 ? -10.266 -6.506  -1.084  1.00 24.98 ? 161 GLU A CA  1 
ATOM   1169 C C   . GLU A 1 161 ? -9.947  -5.426  -2.101  1.00 24.18 ? 161 GLU A C   1 
ATOM   1170 O O   . GLU A 1 161 ? -10.683 -4.390  -2.206  1.00 22.86 ? 161 GLU A O   1 
ATOM   1171 C CB  . GLU A 1 161 ? -11.581 -7.157  -1.473  1.00 28.42 ? 161 GLU A CB  1 
ATOM   1172 C CG  . GLU A 1 161 ? -11.961 -8.253  -0.540  1.00 36.22 ? 161 GLU A CG  1 
ATOM   1173 C CD  . GLU A 1 161 ? -13.059 -9.130  -1.096  1.00 42.72 ? 161 GLU A CD  1 
ATOM   1174 O OE1 . GLU A 1 161 ? -13.429 -10.088 -0.378  1.00 44.36 ? 161 GLU A OE1 1 
ATOM   1175 O OE2 . GLU A 1 161 ? -13.539 -8.859  -2.237  1.00 45.84 ? 161 GLU A OE2 1 
ATOM   1176 N N   . PHE A 1 162 ? -8.875  -5.650  -2.849  1.00 23.83 ? 162 PHE A N   1 
ATOM   1177 C CA  . PHE A 1 162 ? -8.464  -4.739  -3.912  1.00 22.82 ? 162 PHE A CA  1 
ATOM   1178 C C   . PHE A 1 162 ? -9.207  -5.320  -5.112  1.00 24.68 ? 162 PHE A C   1 
ATOM   1179 O O   . PHE A 1 162 ? -8.876  -6.467  -5.573  1.00 25.42 ? 162 PHE A O   1 
ATOM   1180 C CB  . PHE A 1 162 ? -6.962  -4.847  -4.147  1.00 20.36 ? 162 PHE A CB  1 
ATOM   1181 C CG  . PHE A 1 162 ? -6.110  -4.391  -2.987  1.00 20.68 ? 162 PHE A CG  1 
ATOM   1182 C CD1 . PHE A 1 162 ? -5.694  -3.064  -2.887  1.00 21.82 ? 162 PHE A CD1 1 
ATOM   1183 C CD2 . PHE A 1 162 ? -5.656  -5.305  -2.030  1.00 21.38 ? 162 PHE A CD2 1 
ATOM   1184 C CE1 . PHE A 1 162 ? -4.827  -2.647  -1.848  1.00 18.76 ? 162 PHE A CE1 1 
ATOM   1185 C CE2 . PHE A 1 162 ? -4.789  -4.907  -0.988  1.00 17.95 ? 162 PHE A CE2 1 
ATOM   1186 C CZ  . PHE A 1 162 ? -4.374  -3.571  -0.902  1.00 20.93 ? 162 PHE A CZ  1 
ATOM   1187 N N   . THR A 1 163 ? -10.214 -4.611  -5.615  1.00 24.67 ? 163 THR A N   1 
ATOM   1188 C CA  . THR A 1 163 ? -10.989 -5.106  -6.761  1.00 25.04 ? 163 THR A CA  1 
ATOM   1189 C C   . THR A 1 163 ? -10.635 -4.287  -7.996  1.00 25.93 ? 163 THR A C   1 
ATOM   1190 O O   . THR A 1 163 ? -10.109 -3.134  -7.868  1.00 24.23 ? 163 THR A O   1 
ATOM   1191 C CB  . THR A 1 163 ? -12.504 -5.024  -6.490  1.00 26.79 ? 163 THR A CB  1 
ATOM   1192 O OG1 . THR A 1 163 ? -12.846 -3.698  -6.064  1.00 27.50 ? 163 THR A OG1 1 
ATOM   1193 C CG2 . THR A 1 163 ? -12.898 -6.014  -5.380  1.00 25.14 ? 163 THR A CG2 1 
ATOM   1194 N N   . ASP A 1 164 ? -10.896 -4.847  -9.171  1.00 26.50 ? 164 ASP A N   1 
ATOM   1195 C CA  . ASP A 1 164 ? -10.561 -4.206  -10.440 1.00 29.19 ? 164 ASP A CA  1 
ATOM   1196 C C   . ASP A 1 164 ? -9.104  -3.798  -10.442 1.00 29.69 ? 164 ASP A C   1 
ATOM   1197 O O   . ASP A 1 164 ? -8.757  -2.627  -10.848 1.00 28.79 ? 164 ASP A O   1 
ATOM   1198 C CB  . ASP A 1 164 ? -11.433 -2.971  -10.682 1.00 33.75 ? 164 ASP A CB  1 
ATOM   1199 C CG  . ASP A 1 164 ? -12.869 -3.333  -10.964 1.00 37.38 ? 164 ASP A CG  1 
ATOM   1200 O OD1 . ASP A 1 164 ? -13.091 -4.396  -11.600 1.00 39.62 ? 164 ASP A OD1 1 
ATOM   1201 O OD2 . ASP A 1 164 ? -13.772 -2.563  -10.559 1.00 40.70 ? 164 ASP A OD2 1 
ATOM   1202 N N   . CYS A 1 165 ? -8.235  -4.699  -9.984  1.00 27.42 ? 165 CYS A N   1 
ATOM   1203 C CA  . CYS A 1 165 ? -6.804  -4.416  -9.969  1.00 26.80 ? 165 CYS A CA  1 
ATOM   1204 C C   . CYS A 1 165 ? -6.369  -4.245  -11.409 1.00 28.19 ? 165 CYS A C   1 
ATOM   1205 O O   . CYS A 1 165 ? -6.869  -4.986  -12.329 1.00 26.18 ? 165 CYS A O   1 
ATOM   1206 C CB  . CYS A 1 165 ? -6.018  -5.566  -9.332  1.00 25.85 ? 165 CYS A CB  1 
ATOM   1207 S SG  . CYS A 1 165 ? -6.392  -5.741  -7.564  1.00 25.34 ? 165 CYS A SG  1 
ATOM   1208 N N   . SER A 1 166 ? -5.463  -3.303  -11.643 1.00 26.44 ? 166 SER A N   1 
ATOM   1209 C CA  . SER A 1 166 ? -4.992  -3.057  -12.997 1.00 27.28 ? 166 SER A CA  1 
ATOM   1210 C C   . SER A 1 166 ? -3.541  -2.660  -12.941 1.00 26.42 ? 166 SER A C   1 
ATOM   1211 O O   . SER A 1 166 ? -3.146  -1.772  -12.128 1.00 28.14 ? 166 SER A O   1 
ATOM   1212 C CB  . SER A 1 166 ? -5.835  -1.950  -13.659 1.00 26.80 ? 166 SER A CB  1 
ATOM   1213 O OG  . SER A 1 166 ? -5.233  -1.516  -14.859 1.00 31.05 ? 166 SER A OG  1 
ATOM   1214 N N   . VAL A 1 167 ? -2.720  -3.333  -13.737 1.00 26.27 ? 167 VAL A N   1 
ATOM   1215 C CA  . VAL A 1 167 ? -1.292  -3.033  -13.810 1.00 28.58 ? 167 VAL A CA  1 
ATOM   1216 C C   . VAL A 1 167 ? -0.995  -2.960  -15.298 1.00 30.80 ? 167 VAL A C   1 
ATOM   1217 O O   . VAL A 1 167 ? -1.566  -3.777  -16.096 1.00 32.25 ? 167 VAL A O   1 
ATOM   1218 C CB  . VAL A 1 167 ? -0.392  -4.173  -13.194 1.00 28.02 ? 167 VAL A CB  1 
ATOM   1219 C CG1 . VAL A 1 167 ? 1.085   -3.842  -13.398 1.00 26.44 ? 167 VAL A CG1 1 
ATOM   1220 C CG2 . VAL A 1 167 ? -0.666  -4.328  -11.700 1.00 24.84 ? 167 VAL A CG2 1 
ATOM   1221 N N   . THR A 1 168 ? -0.174  -1.995  -15.710 1.00 32.62 ? 168 THR A N   1 
ATOM   1222 C CA  . THR A 1 168 ? 0.215   -1.886  -17.126 1.00 33.16 ? 168 THR A CA  1 
ATOM   1223 C C   . THR A 1 168 ? 1.717   -1.764  -17.193 1.00 34.78 ? 168 THR A C   1 
ATOM   1224 O O   . THR A 1 168 ? 2.383   -1.226  -16.240 1.00 33.42 ? 168 THR A O   1 
ATOM   1225 C CB  . THR A 1 168 ? -0.443  -0.658  -17.877 1.00 32.24 ? 168 THR A CB  1 
ATOM   1226 O OG1 . THR A 1 168 ? -0.124  0.570   -17.211 1.00 32.02 ? 168 THR A OG1 1 
ATOM   1227 C CG2 . THR A 1 168 ? -1.945  -0.821  -17.941 1.00 31.22 ? 168 THR A CG2 1 
ATOM   1228 N N   . SER A 1 169 ? 2.279   -2.300  -18.270 1.00 38.04 ? 169 SER A N   1 
ATOM   1229 C CA  . SER A 1 169 ? 3.717   -2.242  -18.517 1.00 41.83 ? 169 SER A CA  1 
ATOM   1230 C C   . SER A 1 169 ? 3.789   -1.817  -19.978 1.00 45.37 ? 169 SER A C   1 
ATOM   1231 O O   . SER A 1 169 ? 3.199   -2.509  -20.878 1.00 44.60 ? 169 SER A O   1 
ATOM   1232 C CB  . SER A 1 169 ? 4.339   -3.620  -18.327 1.00 42.37 ? 169 SER A CB  1 
ATOM   1233 O OG  . SER A 1 169 ? 5.740   -3.573  -18.508 1.00 44.35 ? 169 SER A OG  1 
ATOM   1234 N N   . ASP A 1 170 ? 4.456   -0.696  -20.247 1.00 49.16 ? 170 ASP A N   1 
ATOM   1235 C CA  . ASP A 1 170 ? 4.562   -0.173  -21.629 1.00 52.23 ? 170 ASP A CA  1 
ATOM   1236 C C   . ASP A 1 170 ? 3.168   -0.120  -22.225 1.00 52.87 ? 170 ASP A C   1 
ATOM   1237 O O   . ASP A 1 170 ? 2.926   -0.678  -23.352 1.00 54.65 ? 170 ASP A O   1 
ATOM   1238 C CB  . ASP A 1 170 ? 5.420   -1.088  -22.507 1.00 54.48 ? 170 ASP A CB  1 
ATOM   1239 C CG  . ASP A 1 170 ? 6.813   -1.294  -21.952 1.00 57.79 ? 170 ASP A CG  1 
ATOM   1240 O OD1 . ASP A 1 170 ? 7.498   -0.280  -21.686 1.00 58.92 ? 170 ASP A OD1 1 
ATOM   1241 O OD2 . ASP A 1 170 ? 7.226   -2.471  -21.791 1.00 59.36 ? 170 ASP A OD2 1 
ATOM   1242 N N   . GLY A 1 171 ? 2.235   0.492   -21.505 1.00 52.97 ? 171 GLY A N   1 
ATOM   1243 C CA  . GLY A 1 171 ? 0.878   0.600   -22.001 1.00 53.54 ? 171 GLY A CA  1 
ATOM   1244 C C   . GLY A 1 171 ? 0.086   -0.695  -22.070 1.00 53.92 ? 171 GLY A C   1 
ATOM   1245 O O   . GLY A 1 171 ? -1.181  -0.652  -22.198 1.00 54.57 ? 171 GLY A O   1 
ATOM   1246 N N   . GLU A 1 172 ? 0.758   -1.841  -21.996 1.00 53.84 ? 172 GLU A N   1 
ATOM   1247 C CA  . GLU A 1 172 ? 0.062   -3.141  -22.052 1.00 53.84 ? 172 GLU A CA  1 
ATOM   1248 C C   . GLU A 1 172 ? -0.348  -3.592  -20.657 1.00 51.73 ? 172 GLU A C   1 
ATOM   1249 O O   . GLU A 1 172 ? 0.470   -3.506  -19.674 1.00 51.51 ? 172 GLU A O   1 
ATOM   1250 C CB  . GLU A 1 172 ? 0.973   -4.202  -22.676 1.00 57.47 ? 172 GLU A CB  1 
ATOM   1251 C CG  . GLU A 1 172 ? 1.222   -3.998  -24.165 1.00 63.34 ? 172 GLU A CG  1 
ATOM   1252 C CD  . GLU A 1 172 ? -0.071  -4.021  -24.980 1.00 66.23 ? 172 GLU A CD  1 
ATOM   1253 O OE1 . GLU A 1 172 ? -0.669  -5.115  -25.122 1.00 67.99 ? 172 GLU A OE1 1 
ATOM   1254 O OE2 . GLU A 1 172 ? -0.494  -2.943  -25.467 1.00 67.73 ? 172 GLU A OE2 1 
ATOM   1255 N N   . SER A 1 173 ? -1.571  -4.075  -20.517 1.00 49.16 ? 173 SER A N   1 
ATOM   1256 C CA  . SER A 1 173 ? -2.016  -4.528  -19.203 1.00 48.23 ? 173 SER A CA  1 
ATOM   1257 C C   . SER A 1 173 ? -1.357  -5.865  -18.833 1.00 47.30 ? 173 SER A C   1 
ATOM   1258 O O   . SER A 1 173 ? -1.139  -6.762  -19.717 1.00 47.65 ? 173 SER A O   1 
ATOM   1259 C CB  . SER A 1 173 ? -3.537  -4.658  -19.175 1.00 47.60 ? 173 SER A CB  1 
ATOM   1260 O OG  . SER A 1 173 ? -3.940  -5.827  -19.844 1.00 48.29 ? 173 SER A OG  1 
ATOM   1261 N N   . VAL A 1 174 ? -1.014  -6.015  -17.559 1.00 45.16 ? 174 VAL A N   1 
ATOM   1262 C CA  . VAL A 1 174 ? -0.369  -7.236  -17.056 1.00 43.00 ? 174 VAL A CA  1 
ATOM   1263 C C   . VAL A 1 174 ? -1.326  -7.967  -16.118 1.00 41.90 ? 174 VAL A C   1 
ATOM   1264 O O   . VAL A 1 174 ? -1.997  -7.330  -15.243 1.00 41.79 ? 174 VAL A O   1 
ATOM   1265 C CB  . VAL A 1 174 ? 0.922   -6.894  -16.285 1.00 42.84 ? 174 VAL A CB  1 
ATOM   1266 C CG1 . VAL A 1 174 ? 1.603   -8.170  -15.789 1.00 42.68 ? 174 VAL A CG1 1 
ATOM   1267 C CG2 . VAL A 1 174 ? 1.860   -6.095  -17.181 1.00 43.80 ? 174 VAL A CG2 1 
ATOM   1268 N N   . SER A 1 175 ? -1.413  -9.280  -16.274 1.00 40.43 ? 175 SER A N   1 
ATOM   1269 C CA  . SER A 1 175 ? -2.293  -10.124 -15.453 1.00 38.87 ? 175 SER A CA  1 
ATOM   1270 C C   . SER A 1 175 ? -1.695  -10.364 -14.073 1.00 38.28 ? 175 SER A C   1 
ATOM   1271 O O   . SER A 1 175 ? -0.434  -10.307 -13.907 1.00 38.53 ? 175 SER A O   1 
ATOM   1272 C CB  . SER A 1 175 ? -2.485  -11.462 -16.160 1.00 39.70 ? 175 SER A CB  1 
ATOM   1273 O OG  . SER A 1 175 ? -2.788  -12.500 -15.253 1.00 39.05 ? 175 SER A OG  1 
ATOM   1274 N N   . LEU A 1 176 ? -2.553  -10.620 -13.088 1.00 37.11 ? 176 LEU A N   1 
ATOM   1275 C CA  . LEU A 1 176 ? -2.113  -10.918 -11.699 1.00 38.38 ? 176 LEU A CA  1 
ATOM   1276 C C   . LEU A 1 176 ? -1.774  -12.420 -11.565 1.00 38.61 ? 176 LEU A C   1 
ATOM   1277 O O   . LEU A 1 176 ? -1.314  -12.899 -10.484 1.00 36.99 ? 176 LEU A O   1 
ATOM   1278 C CB  . LEU A 1 176 ? -3.234  -10.565 -10.715 1.00 37.87 ? 176 LEU A CB  1 
ATOM   1279 C CG  . LEU A 1 176 ? -3.139  -9.276  -9.881  1.00 39.71 ? 176 LEU A CG  1 
ATOM   1280 C CD1 . LEU A 1 176 ? -2.549  -8.145  -10.706 1.00 40.45 ? 176 LEU A CD1 1 
ATOM   1281 C CD2 . LEU A 1 176 ? -4.531  -8.918  -9.368  1.00 39.05 ? 176 LEU A CD2 1 
ATOM   1282 N N   . ASP A 1 177 ? -2.002  -13.161 -12.644 1.00 40.93 ? 177 ASP A N   1 
ATOM   1283 C CA  . ASP A 1 177 ? -1.748  -14.631 -12.720 1.00 42.23 ? 177 ASP A CA  1 
ATOM   1284 C C   . ASP A 1 177 ? -0.472  -15.091 -12.050 1.00 40.22 ? 177 ASP A C   1 
ATOM   1285 O O   . ASP A 1 177 ? -0.490  -16.019 -11.186 1.00 41.30 ? 177 ASP A O   1 
ATOM   1286 C CB  . ASP A 1 177 ? -1.666  -15.087 -14.182 1.00 46.41 ? 177 ASP A CB  1 
ATOM   1287 C CG  . ASP A 1 177 ? -3.014  -15.111 -14.869 1.00 51.89 ? 177 ASP A CG  1 
ATOM   1288 O OD1 . ASP A 1 177 ? -3.045  -15.395 -16.094 1.00 54.52 ? 177 ASP A OD1 1 
ATOM   1289 O OD2 . ASP A 1 177 ? -4.037  -14.843 -14.190 1.00 55.60 ? 177 ASP A OD2 1 
ATOM   1290 N N   . ASP A 1 178 ? 0.641   -14.483 -12.428 1.00 38.50 ? 178 ASP A N   1 
ATOM   1291 C CA  . ASP A 1 178 ? 1.929   -14.892 -11.884 1.00 37.43 ? 178 ASP A CA  1 
ATOM   1292 C C   . ASP A 1 178 ? 2.476   -14.084 -10.719 1.00 34.48 ? 178 ASP A C   1 
ATOM   1293 O O   . ASP A 1 178 ? 3.702   -14.175 -10.431 1.00 34.79 ? 178 ASP A O   1 
ATOM   1294 C CB  . ASP A 1 178 ? 2.971   -14.926 -13.008 1.00 41.11 ? 178 ASP A CB  1 
ATOM   1295 C CG  . ASP A 1 178 ? 4.160   -15.816 -12.671 1.00 45.75 ? 178 ASP A CG  1 
ATOM   1296 O OD1 . ASP A 1 178 ? 3.926   -16.975 -12.249 1.00 47.62 ? 178 ASP A OD1 1 
ATOM   1297 O OD2 . ASP A 1 178 ? 5.322   -15.363 -12.819 1.00 48.13 ? 178 ASP A OD2 1 
ATOM   1298 N N   . ALA A 1 179 ? 1.641   -13.303 -10.036 1.00 31.21 ? 179 ALA A N   1 
ATOM   1299 C CA  . ALA A 1 179 ? 2.147   -12.509 -8.879  1.00 29.41 ? 179 ALA A CA  1 
ATOM   1300 C C   . ALA A 1 179 ? 2.617   -13.397 -7.723  1.00 27.65 ? 179 ALA A C   1 
ATOM   1301 O O   . ALA A 1 179 ? 2.032   -14.507 -7.484  1.00 26.45 ? 179 ALA A O   1 
ATOM   1302 C CB  . ALA A 1 179 ? 1.055   -11.553 -8.371  1.00 27.74 ? 179 ALA A CB  1 
ATOM   1303 N N   . GLN A 1 180 ? 3.657   -12.965 -7.019  1.00 26.45 ? 180 GLN A N   1 
ATOM   1304 C CA  . GLN A 1 180 ? 4.146   -13.691 -5.842  1.00 26.63 ? 180 GLN A CA  1 
ATOM   1305 C C   . GLN A 1 180 ? 3.204   -13.280 -4.716  1.00 25.77 ? 180 GLN A C   1 
ATOM   1306 O O   . GLN A 1 180 ? 2.712   -12.101 -4.690  1.00 25.04 ? 180 GLN A O   1 
ATOM   1307 C CB  . GLN A 1 180 ? 5.555   -13.250 -5.463  1.00 28.93 ? 180 GLN A CB  1 
ATOM   1308 C CG  . GLN A 1 180 ? 6.655   -13.775 -6.354  1.00 39.26 ? 180 GLN A CG  1 
ATOM   1309 C CD  . GLN A 1 180 ? 8.055   -13.340 -5.889  1.00 45.18 ? 180 GLN A CD  1 
ATOM   1310 O OE1 . GLN A 1 180 ? 9.083   -13.557 -6.647  1.00 49.50 ? 180 GLN A OE1 1 
ATOM   1311 N NE2 . GLN A 1 180 ? 8.128   -12.777 -4.755  1.00 46.56 ? 180 GLN A NE2 1 
ATOM   1312 N N   . ILE A 1 181 ? 2.945   -14.177 -3.778  1.00 23.81 ? 181 ILE A N   1 
ATOM   1313 C CA  . ILE A 1 181 ? 2.050   -13.857 -2.675  1.00 23.24 ? 181 ILE A CA  1 
ATOM   1314 C C   . ILE A 1 181 ? 2.865   -13.796 -1.404  1.00 22.75 ? 181 ILE A C   1 
ATOM   1315 O O   . ILE A 1 181 ? 3.790   -14.636 -1.195  1.00 23.45 ? 181 ILE A O   1 
ATOM   1316 C CB  . ILE A 1 181 ? 0.992   -14.944 -2.477  1.00 27.61 ? 181 ILE A CB  1 
ATOM   1317 C CG1 . ILE A 1 181 ? 0.190   -15.139 -3.761  1.00 29.09 ? 181 ILE A CG1 1 
ATOM   1318 C CG2 . ILE A 1 181 ? 0.049   -14.544 -1.350  1.00 28.71 ? 181 ILE A CG2 1 
ATOM   1319 C CD1 . ILE A 1 181 ? -0.674  -13.952 -4.096  1.00 32.54 ? 181 ILE A CD1 1 
ATOM   1320 N N   . THR A 1 182 ? 2.575   -12.831 -0.545  1.00 19.78 ? 182 THR A N   1 
ATOM   1321 C CA  . THR A 1 182 ? 3.296   -12.740 0.732   1.00 17.40 ? 182 THR A CA  1 
ATOM   1322 C C   . THR A 1 182 ? 2.213   -12.585 1.804   1.00 16.50 ? 182 THR A C   1 
ATOM   1323 O O   . THR A 1 182 ? 1.051   -12.219 1.466   1.00 17.09 ? 182 THR A O   1 
ATOM   1324 C CB  . THR A 1 182 ? 4.288   -11.532 0.744   1.00 19.27 ? 182 THR A CB  1 
ATOM   1325 O OG1 . THR A 1 182 ? 4.878   -11.402 2.048   1.00 21.96 ? 182 THR A OG1 1 
ATOM   1326 C CG2 . THR A 1 182 ? 3.571   -10.226 0.390   1.00 21.10 ? 182 THR A CG2 1 
ATOM   1327 N N   . GLN A 1 183 ? 2.533   -12.882 3.062   1.00 16.65 ? 183 GLN A N   1 
ATOM   1328 C CA  . GLN A 1 183 ? 1.558   -12.740 4.152   1.00 17.33 ? 183 GLN A CA  1 
ATOM   1329 C C   . GLN A 1 183 ? 2.282   -12.003 5.270   1.00 17.09 ? 183 GLN A C   1 
ATOM   1330 O O   . GLN A 1 183 ? 3.548   -12.088 5.359   1.00 15.96 ? 183 GLN A O   1 
ATOM   1331 C CB  . GLN A 1 183 ? 1.104   -14.120 4.699   1.00 18.47 ? 183 GLN A CB  1 
ATOM   1332 C CG  . GLN A 1 183 ? 0.586   -15.100 3.642   1.00 17.98 ? 183 GLN A CG  1 
ATOM   1333 C CD  . GLN A 1 183 ? -0.666  -14.610 2.913   1.00 19.34 ? 183 GLN A CD  1 
ATOM   1334 O OE1 . GLN A 1 183 ? -1.025  -15.175 1.788   1.00 21.60 ? 183 GLN A OE1 1 
ATOM   1335 N NE2 . GLN A 1 183 ? -1.311  -13.682 3.458   1.00 15.36 ? 183 GLN A NE2 1 
ATOM   1336 N N   . VAL A 1 184 ? 1.540   -11.259 6.096   1.00 16.48 ? 184 VAL A N   1 
ATOM   1337 C CA  . VAL A 1 184 ? 2.156   -10.590 7.270   1.00 14.98 ? 184 VAL A CA  1 
ATOM   1338 C C   . VAL A 1 184 ? 2.294   -11.759 8.265   1.00 15.70 ? 184 VAL A C   1 
ATOM   1339 O O   . VAL A 1 184 ? 1.308   -12.589 8.416   1.00 15.81 ? 184 VAL A O   1 
ATOM   1340 C CB  . VAL A 1 184 ? 1.195   -9.491  7.853   1.00 14.53 ? 184 VAL A CB  1 
ATOM   1341 C CG1 . VAL A 1 184 ? 1.785   -8.876  9.166   1.00 12.15 ? 184 VAL A CG1 1 
ATOM   1342 C CG2 . VAL A 1 184 ? 1.016   -8.370  6.781   1.00 13.69 ? 184 VAL A CG2 1 
ATOM   1343 N N   . ILE A 1 185 ? 3.444   -11.871 8.924   1.00 14.06 ? 185 ILE A N   1 
ATOM   1344 C CA  . ILE A 1 185 ? 3.715   -12.964 9.868   1.00 13.82 ? 185 ILE A CA  1 
ATOM   1345 C C   . ILE A 1 185 ? 4.314   -12.371 11.147  1.00 16.47 ? 185 ILE A C   1 
ATOM   1346 O O   . ILE A 1 185 ? 5.368   -11.635 11.112  1.00 13.50 ? 185 ILE A O   1 
ATOM   1347 C CB  . ILE A 1 185 ? 4.746   -13.978 9.249   1.00 14.82 ? 185 ILE A CB  1 
ATOM   1348 C CG1 . ILE A 1 185 ? 4.158   -14.598 7.980   1.00 12.16 ? 185 ILE A CG1 1 
ATOM   1349 C CG2 . ILE A 1 185 ? 5.117   -15.114 10.274  1.00 14.82 ? 185 ILE A CG2 1 
ATOM   1350 C CD1 . ILE A 1 185 ? 5.177   -15.463 7.225   1.00 13.72 ? 185 ILE A CD1 1 
ATOM   1351 N N   . ILE A 1 186 ? 3.701   -12.690 12.274  1.00 16.36 ? 186 ILE A N   1 
ATOM   1352 C CA  . ILE A 1 186 ? 4.135   -12.153 13.562  1.00 17.70 ? 186 ILE A CA  1 
ATOM   1353 C C   . ILE A 1 186 ? 4.182   -13.338 14.495  1.00 20.45 ? 186 ILE A C   1 
ATOM   1354 O O   . ILE A 1 186 ? 3.222   -14.178 14.497  1.00 21.90 ? 186 ILE A O   1 
ATOM   1355 C CB  . ILE A 1 186 ? 3.097   -11.094 14.045  1.00 17.54 ? 186 ILE A CB  1 
ATOM   1356 C CG1 . ILE A 1 186 ? 2.972   -10.002 12.974  1.00 16.88 ? 186 ILE A CG1 1 
ATOM   1357 C CG2 . ILE A 1 186 ? 3.513   -10.485 15.417  1.00 17.34 ? 186 ILE A CG2 1 
ATOM   1358 C CD1 . ILE A 1 186 ? 1.882   -8.946  13.309  1.00 20.37 ? 186 ILE A CD1 1 
ATOM   1359 N N   . ASN A 1 187 ? 5.265   -13.468 15.256  1.00 22.77 ? 187 ASN A N   1 
ATOM   1360 C CA  . ASN A 1 187 ? 5.398   -14.587 16.203  1.00 23.60 ? 187 ASN A CA  1 
ATOM   1361 C C   . ASN A 1 187 ? 5.199   -15.926 15.526  1.00 23.93 ? 187 ASN A C   1 
ATOM   1362 O O   . ASN A 1 187 ? 4.487   -16.845 16.052  1.00 23.31 ? 187 ASN A O   1 
ATOM   1363 C CB  . ASN A 1 187 ? 4.408   -14.387 17.346  1.00 23.86 ? 187 ASN A CB  1 
ATOM   1364 C CG  . ASN A 1 187 ? 4.813   -13.221 18.262  1.00 28.69 ? 187 ASN A CG  1 
ATOM   1365 O OD1 . ASN A 1 187 ? 3.929   -12.585 18.955  1.00 32.76 ? 187 ASN A OD1 1 
ATOM   1366 N ND2 . ASN A 1 187 ? 6.030   -12.943 18.295  1.00 25.97 ? 187 ASN A ND2 1 
ATOM   1367 N N   . ASN A 1 188 ? 5.839   -16.068 14.371  1.00 21.86 ? 188 ASN A N   1 
ATOM   1368 C CA  . ASN A 1 188 ? 5.773   -17.269 13.592  1.00 21.16 ? 188 ASN A CA  1 
ATOM   1369 C C   . ASN A 1 188 ? 4.348   -17.691 13.258  1.00 21.56 ? 188 ASN A C   1 
ATOM   1370 O O   . ASN A 1 188 ? 4.028   -18.929 13.160  1.00 20.29 ? 188 ASN A O   1 
ATOM   1371 C CB  . ASN A 1 188 ? 6.501   -18.406 14.305  1.00 24.02 ? 188 ASN A CB  1 
ATOM   1372 C CG  . ASN A 1 188 ? 7.109   -19.359 13.343  1.00 26.16 ? 188 ASN A CG  1 
ATOM   1373 O OD1 . ASN A 1 188 ? 7.894   -18.889 12.430  1.00 26.49 ? 188 ASN A OD1 1 
ATOM   1374 N ND2 . ASN A 1 188 ? 6.792   -20.595 13.472  1.00 25.59 ? 188 ASN A ND2 1 
ATOM   1375 N N   . GLN A 1 189 ? 3.473   -16.713 13.050  1.00 19.70 ? 189 GLN A N   1 
ATOM   1376 C CA  . GLN A 1 189 ? 2.094   -17.028 12.693  1.00 19.91 ? 189 GLN A CA  1 
ATOM   1377 C C   . GLN A 1 189 ? 1.574   -16.112 11.584  1.00 18.66 ? 189 GLN A C   1 
ATOM   1378 O O   . GLN A 1 189 ? 1.781   -14.859 11.650  1.00 19.38 ? 189 GLN A O   1 
ATOM   1379 C CB  . GLN A 1 189 ? 1.207   -16.886 13.948  1.00 17.35 ? 189 GLN A CB  1 
ATOM   1380 C CG  . GLN A 1 189 ? -0.228  -17.255 13.734  1.00 21.90 ? 189 GLN A CG  1 
ATOM   1381 C CD  . GLN A 1 189 ? -1.021  -17.283 15.056  1.00 25.57 ? 189 GLN A CD  1 
ATOM   1382 O OE1 . GLN A 1 189 ? -0.416  -17.130 16.181  1.00 26.35 ? 189 GLN A OE1 1 
ATOM   1383 N NE2 . GLN A 1 189 ? -2.247  -17.482 14.958  1.00 22.79 ? 189 GLN A NE2 1 
ATOM   1384 N N   . ASP A 1 190 ? 0.915   -16.678 10.575  1.00 18.32 ? 190 ASP A N   1 
ATOM   1385 C CA  . ASP A 1 190 ? 0.335   -15.840 9.520   1.00 19.66 ? 190 ASP A CA  1 
ATOM   1386 C C   . ASP A 1 190 ? -0.749  -15.005 10.168  1.00 19.35 ? 190 ASP A C   1 
ATOM   1387 O O   . ASP A 1 190 ? -1.616  -15.572 10.902  1.00 20.41 ? 190 ASP A O   1 
ATOM   1388 C CB  . ASP A 1 190 ? -0.367  -16.662 8.435   1.00 20.01 ? 190 ASP A CB  1 
ATOM   1389 C CG  . ASP A 1 190 ? 0.582   -17.477 7.596   1.00 25.70 ? 190 ASP A CG  1 
ATOM   1390 O OD1 . ASP A 1 190 ? 1.557   -16.908 7.041   1.00 26.09 ? 190 ASP A OD1 1 
ATOM   1391 O OD2 . ASP A 1 190 ? 0.340   -18.702 7.478   1.00 25.53 ? 190 ASP A OD2 1 
ATOM   1392 N N   . VAL A 1 191 ? -0.759  -13.692 9.939   1.00 18.41 ? 191 VAL A N   1 
ATOM   1393 C CA  . VAL A 1 191 ? -1.821  -12.860 10.505  1.00 16.84 ? 191 VAL A CA  1 
ATOM   1394 C C   . VAL A 1 191 ? -2.661  -12.283 9.365   1.00 17.01 ? 191 VAL A C   1 
ATOM   1395 O O   . VAL A 1 191 ? -3.588  -11.459 9.580   1.00 15.66 ? 191 VAL A O   1 
ATOM   1396 C CB  . VAL A 1 191 ? -1.270  -11.742 11.497  1.00 19.45 ? 191 VAL A CB  1 
ATOM   1397 C CG1 . VAL A 1 191 ? -0.632  -12.424 12.715  1.00 19.69 ? 191 VAL A CG1 1 
ATOM   1398 C CG2 . VAL A 1 191 ? -0.242  -10.835 10.820  1.00 16.97 ? 191 VAL A CG2 1 
ATOM   1399 N N   . THR A 1 192 ? -2.362  -12.709 8.141   1.00 17.38 ? 192 THR A N   1 
ATOM   1400 C CA  . THR A 1 192 ? -3.212  -12.341 6.996   1.00 17.32 ? 192 THR A CA  1 
ATOM   1401 C C   . THR A 1 192 ? -3.302  -13.594 6.126   1.00 17.29 ? 192 THR A C   1 
ATOM   1402 O O   . THR A 1 192 ? -2.450  -14.533 6.254   1.00 16.60 ? 192 THR A O   1 
ATOM   1403 C CB  . THR A 1 192 ? -2.625  -11.215 6.051   1.00 17.04 ? 192 THR A CB  1 
ATOM   1404 O OG1 . THR A 1 192 ? -1.343  -11.619 5.564   1.00 17.11 ? 192 THR A OG1 1 
ATOM   1405 C CG2 . THR A 1 192 ? -2.508  -9.836  6.775   1.00 17.77 ? 192 THR A CG2 1 
ATOM   1406 N N   . ASP A 1 193 ? -4.374  -13.663 5.345   1.00 17.31 ? 193 ASP A N   1 
ATOM   1407 C CA  . ASP A 1 193 ? -4.556  -14.681 4.311   1.00 16.99 ? 193 ASP A CA  1 
ATOM   1408 C C   . ASP A 1 193 ? -4.942  -13.849 3.074   1.00 16.33 ? 193 ASP A C   1 
ATOM   1409 O O   . ASP A 1 193 ? -6.161  -13.555 2.815   1.00 17.51 ? 193 ASP A O   1 
ATOM   1410 C CB  . ASP A 1 193 ? -5.678  -15.677 4.558   1.00 16.17 ? 193 ASP A CB  1 
ATOM   1411 C CG  . ASP A 1 193 ? -5.842  -16.629 3.380   1.00 19.44 ? 193 ASP A CG  1 
ATOM   1412 O OD1 . ASP A 1 193 ? -6.759  -17.486 3.357   1.00 19.65 ? 193 ASP A OD1 1 
ATOM   1413 O OD2 . ASP A 1 193 ? -5.027  -16.526 2.453   1.00 20.15 ? 193 ASP A OD2 1 
ATOM   1414 N N   . CYS A 1 194 ? -3.935  -13.416 2.339   1.00 16.91 ? 194 CYS A N   1 
ATOM   1415 C CA  . CYS A 1 194 ? -4.142  -12.678 1.097   1.00 18.97 ? 194 CYS A CA  1 
ATOM   1416 C C   . CYS A 1 194 ? -4.072  -13.696 -0.038  1.00 19.32 ? 194 CYS A C   1 
ATOM   1417 O O   . CYS A 1 194 ? -3.140  -14.563 -0.072  1.00 18.08 ? 194 CYS A O   1 
ATOM   1418 C CB  . CYS A 1 194 ? -3.013  -11.676 0.862   1.00 20.59 ? 194 CYS A CB  1 
ATOM   1419 S SG  . CYS A 1 194 ? -2.934  -10.262 1.990   1.00 21.13 ? 194 CYS A SG  1 
ATOM   1420 N N   . SER A 1 195 ? -5.023  -13.627 -0.957  1.00 21.40 ? 195 SER A N   1 
ATOM   1421 C CA  . SER A 1 195 ? -5.035  -14.529 -2.105  1.00 25.06 ? 195 SER A CA  1 
ATOM   1422 C C   . SER A 1 195 ? -5.437  -13.738 -3.369  1.00 26.38 ? 195 SER A C   1 
ATOM   1423 O O   . SER A 1 195 ? -6.060  -12.612 -3.277  1.00 27.52 ? 195 SER A O   1 
ATOM   1424 C CB  . SER A 1 195 ? -6.037  -15.656 -1.865  1.00 23.87 ? 195 SER A CB  1 
ATOM   1425 O OG  . SER A 1 195 ? -7.296  -15.105 -1.592  1.00 30.64 ? 195 SER A OG  1 
ATOM   1426 N N   . VAL A 1 196 ? -5.094  -14.270 -4.528  1.00 26.89 ? 196 VAL A N   1 
ATOM   1427 C CA  . VAL A 1 196 ? -5.449  -13.640 -5.804  1.00 28.88 ? 196 VAL A CA  1 
ATOM   1428 C C   . VAL A 1 196 ? -6.537  -14.448 -6.517  1.00 31.66 ? 196 VAL A C   1 
ATOM   1429 O O   . VAL A 1 196 ? -6.617  -15.716 -6.378  1.00 30.89 ? 196 VAL A O   1 
ATOM   1430 C CB  . VAL A 1 196 ? -4.248  -13.575 -6.730  1.00 30.43 ? 196 VAL A CB  1 
ATOM   1431 C CG1 . VAL A 1 196 ? -4.693  -13.137 -8.125  1.00 33.27 ? 196 VAL A CG1 1 
ATOM   1432 C CG2 . VAL A 1 196 ? -3.222  -12.607 -6.172  1.00 27.04 ? 196 VAL A CG2 1 
ATOM   1433 N N   . SER A 1 197 ? -7.395  -13.754 -7.257  1.00 32.80 ? 197 SER A N   1 
ATOM   1434 C CA  . SER A 1 197 ? -8.459  -14.385 -8.031  1.00 32.27 ? 197 SER A CA  1 
ATOM   1435 C C   . SER A 1 197 ? -8.887  -13.368 -9.085  1.00 32.01 ? 197 SER A C   1 
ATOM   1436 O O   . SER A 1 197 ? -9.473  -12.300 -8.725  1.00 31.58 ? 197 SER A O   1 
ATOM   1437 C CB  . SER A 1 197 ? -9.652  -14.712 -7.142  1.00 33.07 ? 197 SER A CB  1 
ATOM   1438 O OG  . SER A 1 197 ? -10.729 -15.201 -7.930  1.00 36.54 ? 197 SER A OG  1 
ATOM   1439 N N   . GLY A 1 198 ? -8.604  -13.651 -10.357 1.00 31.30 ? 198 GLY A N   1 
ATOM   1440 C CA  . GLY A 1 198 ? -8.994  -12.746 -11.433 1.00 29.19 ? 198 GLY A CA  1 
ATOM   1441 C C   . GLY A 1 198 ? -8.346  -11.372 -11.342 1.00 26.64 ? 198 GLY A C   1 
ATOM   1442 O O   . GLY A 1 198 ? -7.099  -11.230 -11.508 1.00 27.47 ? 198 GLY A O   1 
ATOM   1443 N N   . THR A 1 199 ? -9.142  -10.342 -11.082 1.00 25.11 ? 199 THR A N   1 
ATOM   1444 C CA  . THR A 1 199 ? -8.563  -8.984  -10.966 1.00 25.50 ? 199 THR A CA  1 
ATOM   1445 C C   . THR A 1 199 ? -8.751  -8.540  -9.512  1.00 25.22 ? 199 THR A C   1 
ATOM   1446 O O   . THR A 1 199 ? -8.778  -7.299  -9.196  1.00 26.15 ? 199 THR A O   1 
ATOM   1447 C CB  . THR A 1 199 ? -9.271  -7.972  -11.940 1.00 24.77 ? 199 THR A CB  1 
ATOM   1448 O OG1 . THR A 1 199 ? -10.689 -8.036  -11.744 1.00 27.77 ? 199 THR A OG1 1 
ATOM   1449 C CG2 . THR A 1 199 ? -8.978  -8.333  -13.412 1.00 26.12 ? 199 THR A CG2 1 
ATOM   1450 N N   . THR A 1 200 ? -8.850  -9.519  -8.609  1.00 22.55 ? 200 THR A N   1 
ATOM   1451 C CA  . THR A 1 200 ? -9.075  -9.226  -7.180  1.00 20.32 ? 200 THR A CA  1 
ATOM   1452 C C   . THR A 1 200 ? -7.967  -9.774  -6.278  1.00 21.15 ? 200 THR A C   1 
ATOM   1453 O O   . THR A 1 200 ? -7.520  -10.949 -6.448  1.00 20.31 ? 200 THR A O   1 
ATOM   1454 C CB  . THR A 1 200 ? -10.430 -9.831  -6.710  1.00 20.01 ? 200 THR A CB  1 
ATOM   1455 O OG1 . THR A 1 200 ? -11.488 -9.336  -7.530  0.50 10.35 ? 200 THR A OG1 1 
ATOM   1456 C CG2 . THR A 1 200 ? -10.726 -9.469  -5.239  0.50 12.13 ? 200 THR A CG2 1 
ATOM   1457 N N   . VAL A 1 201 ? -7.479  -8.952  -5.353  1.00 21.47 ? 201 VAL A N   1 
ATOM   1458 C CA  . VAL A 1 201 ? -6.478  -9.390  -4.355  1.00 19.57 ? 201 VAL A CA  1 
ATOM   1459 C C   . VAL A 1 201 ? -7.282  -9.232  -3.057  1.00 22.55 ? 201 VAL A C   1 
ATOM   1460 O O   . VAL A 1 201 ? -7.695  -8.080  -2.658  1.00 23.38 ? 201 VAL A O   1 
ATOM   1461 C CB  . VAL A 1 201 ? -5.217  -8.501  -4.318  1.00 19.44 ? 201 VAL A CB  1 
ATOM   1462 C CG1 . VAL A 1 201 ? -4.277  -8.960  -3.179  1.00 20.73 ? 201 VAL A CG1 1 
ATOM   1463 C CG2 . VAL A 1 201 ? -4.464  -8.616  -5.651  1.00 18.54 ? 201 VAL A CG2 1 
ATOM   1464 N N   . SER A 1 202 ? -7.545  -10.344 -2.389  1.00 22.63 ? 202 SER A N   1 
ATOM   1465 C CA  . SER A 1 202 ? -8.367  -10.320 -1.182  1.00 23.68 ? 202 SER A CA  1 
ATOM   1466 C C   . SER A 1 202 ? -7.553  -10.716 0.040   1.00 23.88 ? 202 SER A C   1 
ATOM   1467 O O   . SER A 1 202 ? -6.904  -11.819 0.068   1.00 22.34 ? 202 SER A O   1 
ATOM   1468 C CB  . SER A 1 202 ? -9.552  -11.261 -1.379  1.00 24.66 ? 202 SER A CB  1 
ATOM   1469 O OG  . SER A 1 202 ? -10.347 -11.296 -0.200  1.00 32.59 ? 202 SER A OG  1 
ATOM   1470 N N   . CYS A 1 203 ? -7.562  -9.866  1.058   1.00 22.00 ? 203 CYS A N   1 
ATOM   1471 C CA  . CYS A 1 203 ? -6.765  -10.139 2.230   1.00 21.10 ? 203 CYS A CA  1 
ATOM   1472 C C   . CYS A 1 203 ? -7.591  -10.197 3.501   1.00 20.54 ? 203 CYS A C   1 
ATOM   1473 O O   . CYS A 1 203 ? -8.134  -9.145  3.956   1.00 21.20 ? 203 CYS A O   1 
ATOM   1474 C CB  . CYS A 1 203 ? -5.709  -9.058  2.394   1.00 21.27 ? 203 CYS A CB  1 
ATOM   1475 S SG  . CYS A 1 203 ? -4.327  -8.993  1.204   1.00 25.11 ? 203 CYS A SG  1 
ATOM   1476 N N   . SER A 1 204 ? -7.676  -11.379 4.105   1.00 17.81 ? 204 SER A N   1 
ATOM   1477 C CA  . SER A 1 204 ? -8.414  -11.536 5.349   1.00 16.15 ? 204 SER A CA  1 
ATOM   1478 C C   . SER A 1 204 ? -7.476  -11.439 6.538   1.00 15.63 ? 204 SER A C   1 
ATOM   1479 O O   . SER A 1 204 ? -6.300  -11.924 6.480   1.00 17.26 ? 204 SER A O   1 
ATOM   1480 C CB  . SER A 1 204 ? -9.080  -12.915 5.420   1.00 16.26 ? 204 SER A CB  1 
ATOM   1481 O OG  . SER A 1 204 ? -10.156 -12.999 4.513   1.00 18.63 ? 204 SER A OG  1 
ATOM   1482 N N   . TYR A 1 205 ? -7.954  -10.842 7.622   1.00 18.02 ? 205 TYR A N   1 
ATOM   1483 C CA  . TYR A 1 205 ? -7.148  -10.795 8.846   1.00 15.23 ? 205 TYR A CA  1 
ATOM   1484 C C   . TYR A 1 205 ? -7.263  -12.179 9.475   1.00 15.83 ? 205 TYR A C   1 
ATOM   1485 O O   . TYR A 1 205 ? -8.348  -12.806 9.388   1.00 15.57 ? 205 TYR A O   1 
ATOM   1486 C CB  . TYR A 1 205 ? -7.704  -9.769  9.825   1.00 15.94 ? 205 TYR A CB  1 
ATOM   1487 C CG  . TYR A 1 205 ? -6.989  -9.809  11.158  1.00 16.85 ? 205 TYR A CG  1 
ATOM   1488 C CD1 . TYR A 1 205 ? -7.535  -10.496 12.257  1.00 17.88 ? 205 TYR A CD1 1 
ATOM   1489 C CD2 . TYR A 1 205 ? -5.756  -9.205  11.311  1.00 17.26 ? 205 TYR A CD2 1 
ATOM   1490 C CE1 . TYR A 1 205 ? -6.853  -10.571 13.477  1.00 18.49 ? 205 TYR A CE1 1 
ATOM   1491 C CE2 . TYR A 1 205 ? -5.056  -9.271  12.522  1.00 16.86 ? 205 TYR A CE2 1 
ATOM   1492 C CZ  . TYR A 1 205 ? -5.611  -9.950  13.600  1.00 20.69 ? 205 TYR A CZ  1 
ATOM   1493 O OH  . TYR A 1 205 ? -4.932  -9.985  14.797  1.00 19.97 ? 205 TYR A OH  1 
ATOM   1494 N N   . VAL A 1 206 ? -6.183  -12.675 10.080  1.00 15.69 ? 206 VAL A N   1 
ATOM   1495 C CA  . VAL A 1 206 ? -6.191  -13.980 10.746  1.00 17.26 ? 206 VAL A CA  1 
ATOM   1496 C C   . VAL A 1 206 ? -5.743  -13.745 12.193  1.00 17.46 ? 206 VAL A C   1 
ATOM   1497 O O   . VAL A 1 206 ? -6.537  -14.038 13.121  1.00 17.22 ? 206 VAL A O   1 
ATOM   1498 C CB  . VAL A 1 206 ? -5.212  -14.998 10.084  1.00 17.55 ? 206 VAL A CB  1 
ATOM   1499 C CG1 . VAL A 1 206 ? -5.251  -16.336 10.867  1.00 18.92 ? 206 VAL A CG1 1 
ATOM   1500 C CG2 . VAL A 1 206 ? -5.603  -15.250 8.624   1.00 15.89 ? 206 VAL A CG2 1 
ATOM   1501 O OXT . VAL A 1 206 ? -4.604  -13.260 12.379  1.00 18.25 ? 206 VAL A OXT 1 
HETATM 1502 C C   . ACE B 2 1   ? 7.965   10.899  14.217  1.00 73.40 ? 501 ACE B C   1 
HETATM 1503 O O   . ACE B 2 1   ? 7.522   12.029  13.797  1.00 73.47 ? 501 ACE B O   1 
HETATM 1504 C CH3 . ACE B 2 1   ? 8.756   10.900  15.555  1.00 73.26 ? 501 ACE B CH3 1 
ATOM   1505 N N   . PHE B 2 2   ? 7.788   9.741   13.582  1.00 72.60 ? 502 PHE B N   1 
ATOM   1506 C CA  . PHE B 2 2   ? 7.047   9.673   12.309  1.00 72.13 ? 502 PHE B CA  1 
ATOM   1507 C C   . PHE B 2 2   ? 6.729   8.241   11.864  1.00 70.89 ? 502 PHE B C   1 
ATOM   1508 O O   . PHE B 2 2   ? 7.327   7.236   12.391  1.00 70.42 ? 502 PHE B O   1 
ATOM   1509 C CB  . PHE B 2 2   ? 7.835   10.404  11.211  1.00 72.97 ? 502 PHE B CB  1 
ATOM   1510 C CG  . PHE B 2 2   ? 9.124   9.725   10.822  1.00 74.67 ? 502 PHE B CG  1 
ATOM   1511 C CD1 . PHE B 2 2   ? 9.139   8.748   9.824   1.00 75.32 ? 502 PHE B CD1 1 
ATOM   1512 C CD2 . PHE B 2 2   ? 10.326  10.068  11.445  1.00 75.32 ? 502 PHE B CD2 1 
ATOM   1513 C CE1 . PHE B 2 2   ? 10.333  8.120   9.445   1.00 75.53 ? 502 PHE B CE1 1 
ATOM   1514 C CE2 . PHE B 2 2   ? 11.529  9.448   11.077  1.00 75.94 ? 502 PHE B CE2 1 
ATOM   1515 C CZ  . PHE B 2 2   ? 11.531  8.472   10.073  1.00 76.11 ? 502 PHE B CZ  1 
ATOM   1516 N N   . LYS B 2 3   ? 5.804   8.116   10.916  1.00 69.07 ? 503 LYS B N   1 
ATOM   1517 C CA  . LYS B 2 3   ? 5.403   6.807   10.399  1.00 67.35 ? 503 LYS B CA  1 
ATOM   1518 C C   . LYS B 2 3   ? 6.230   6.379   9.189   1.00 66.42 ? 503 LYS B C   1 
ATOM   1519 O O   . LYS B 2 3   ? 6.263   7.078   8.117   1.00 66.28 ? 503 LYS B O   1 
ATOM   1520 C CB  . LYS B 2 3   ? 3.918   6.819   10.033  1.00 67.40 ? 503 LYS B CB  1 
ATOM   1521 C CG  . LYS B 2 3   ? 2.997   7.060   11.217  1.00 68.08 ? 503 LYS B CG  1 
ATOM   1522 C CD  . LYS B 2 3   ? 1.537   7.139   10.784  1.00 68.86 ? 503 LYS B CD  1 
ATOM   1523 C CE  . LYS B 2 3   ? 0.621   7.379   11.974  1.00 68.81 ? 503 LYS B CE  1 
ATOM   1524 N NZ  . LYS B 2 3   ? 0.972   8.618   12.725  1.00 69.16 ? 503 LYS B NZ  1 
ATOM   1525 N N   . PHE B 2 4   ? 6.904   5.248   9.342   1.00 65.11 ? 504 PHE B N   1 
ATOM   1526 C CA  . PHE B 2 4   ? 7.742   4.657   8.294   1.00 63.44 ? 504 PHE B CA  1 
ATOM   1527 C C   . PHE B 2 4   ? 6.845   3.574   7.665   1.00 61.22 ? 504 PHE B C   1 
ATOM   1528 O O   . PHE B 2 4   ? 6.801   2.383   8.145   1.00 60.16 ? 504 PHE B O   1 
ATOM   1529 C CB  . PHE B 2 4   ? 8.993   4.070   8.966   1.00 65.25 ? 504 PHE B CB  1 
ATOM   1530 C CG  . PHE B 2 4   ? 10.081  3.647   8.014   1.00 67.18 ? 504 PHE B CG  1 
ATOM   1531 C CD1 . PHE B 2 4   ? 10.219  4.248   6.760   1.00 68.48 ? 504 PHE B CD1 1 
ATOM   1532 C CD2 . PHE B 2 4   ? 11.008  2.671   8.402   1.00 68.41 ? 504 PHE B CD2 1 
ATOM   1533 C CE1 . PHE B 2 4   ? 11.269  3.885   5.898   1.00 69.27 ? 504 PHE B CE1 1 
ATOM   1534 C CE2 . PHE B 2 4   ? 12.064  2.299   7.555   1.00 68.85 ? 504 PHE B CE2 1 
ATOM   1535 C CZ  . PHE B 2 4   ? 12.193  2.909   6.298   1.00 69.52 ? 504 PHE B CZ  1 
HETATM 1536 O OH1 . TA2 B 2 5   ? 5.068   3.938   3.711   1.00 57.34 ? 505 TA2 B OH1 1 
HETATM 1537 C COH . TA2 B 2 5   ? 5.475   2.840   4.485   1.00 57.06 ? 505 TA2 B COH 1 
HETATM 1538 C C   . TA2 B 2 5   ? 6.973   2.560   4.331   1.00 57.03 ? 505 TA2 B C   1 
HETATM 1539 O O   . TA2 B 2 5   ? 7.801   3.521   4.094   1.00 57.27 ? 505 TA2 B O   1 
HETATM 1540 C CA  . TA2 B 2 5   ? 5.162   3.031   5.956   1.00 57.24 ? 505 TA2 B CA  1 
HETATM 1541 N N   . TA2 B 2 5   ? 6.113   3.955   6.621   1.00 58.72 ? 505 TA2 B N   1 
HETATM 1542 C CG  . TA2 B 2 5   ? 3.709   3.545   6.145   1.00 55.50 ? 505 TA2 B CG  1 
HETATM 1543 C CD2 . TA2 B 2 5   ? 3.590   4.669   6.993   1.00 55.02 ? 505 TA2 B CD2 1 
HETATM 1544 C CE2 . TA2 B 2 5   ? 2.317   5.173   7.335   1.00 54.18 ? 505 TA2 B CE2 1 
HETATM 1545 C CZ  . TA2 B 2 5   ? 1.158   4.539   6.813   1.00 52.70 ? 505 TA2 B CZ  1 
HETATM 1546 C CE1 . TA2 B 2 5   ? 1.289   3.413   5.963   1.00 52.55 ? 505 TA2 B CE1 1 
HETATM 1547 C CD1 . TA2 B 2 5   ? 2.565   2.908   5.621   1.00 54.55 ? 505 TA2 B CD1 1 
ATOM   1548 N N   . ALA B 2 6   ? 7.377   1.314   4.536   1.00 55.62 ? 506 ALA B N   1 
ATOM   1549 C CA  . ALA B 2 6   ? 8.786   0.960   4.444   1.00 55.52 ? 506 ALA B CA  1 
ATOM   1550 C C   . ALA B 2 6   ? 8.983   -0.111  3.391   1.00 54.60 ? 506 ALA B C   1 
ATOM   1551 O O   . ALA B 2 6   ? 7.971   -0.701  2.859   1.00 54.29 ? 506 ALA B O   1 
ATOM   1552 C CB  . ALA B 2 6   ? 9.291   0.464   5.815   1.00 55.51 ? 506 ALA B CB  1 
ATOM   1553 N N   . LEU B 2 7   ? 10.250  -0.366  3.065   1.00 53.54 ? 507 LEU B N   1 
ATOM   1554 C CA  . LEU B 2 7   ? 10.608  -1.391  2.085   1.00 51.85 ? 507 LEU B CA  1 
ATOM   1555 C C   . LEU B 2 7   ? 10.164  -2.729  2.668   1.00 51.29 ? 507 LEU B C   1 
ATOM   1556 O O   . LEU B 2 7   ? 10.019  -2.898  3.945   1.00 50.69 ? 507 LEU B O   1 
ATOM   1557 C CB  . LEU B 2 7   ? 12.125  -1.402  1.843   1.00 51.18 ? 507 LEU B CB  1 
ATOM   1558 C CG  . LEU B 2 7   ? 12.765  -0.158  1.215   1.00 50.46 ? 507 LEU B CG  1 
ATOM   1559 C CD1 . LEU B 2 7   ? 14.271  -0.209  1.431   1.00 50.14 ? 507 LEU B CD1 1 
ATOM   1560 C CD2 . LEU B 2 7   ? 12.428  -0.072  -0.266  1.00 49.07 ? 507 LEU B CD2 1 
ATOM   1561 N N   . ARG B 2 8   ? 9.932   -3.686  1.787   1.00 50.38 ? 508 ARG B N   1 
ATOM   1562 C CA  . ARG B 2 8   ? 9.501   -4.998  2.218   1.00 49.56 ? 508 ARG B CA  1 
ATOM   1563 C C   . ARG B 2 8   ? 10.611  -5.638  3.044   1.00 49.23 ? 508 ARG B C   1 
ATOM   1564 O O   . ARG B 2 8   ? 11.819  -5.558  2.634   1.00 48.22 ? 508 ARG B O   1 
ATOM   1565 C CB  . ARG B 2 8   ? 9.182   -5.842  1.009   1.00 50.96 ? 508 ARG B CB  1 
ATOM   1566 C CG  . ARG B 2 8   ? 8.713   -7.206  1.421   1.00 54.08 ? 508 ARG B CG  1 
ATOM   1567 C CD  . ARG B 2 8   ? 8.383   -8.044  0.246   1.00 56.94 ? 508 ARG B CD  1 
ATOM   1568 N NE  . ARG B 2 8   ? 7.956   -9.344  0.712   1.00 61.10 ? 508 ARG B NE  1 
ATOM   1569 C CZ  . ARG B 2 8   ? 8.584   -10.484 0.429   1.00 61.84 ? 508 ARG B CZ  1 
ATOM   1570 N NH1 . ARG B 2 8   ? 9.685   -10.488 -0.331  1.00 60.20 ? 508 ARG B NH1 1 
ATOM   1571 N NH2 . ARG B 2 8   ? 8.101   -11.621 0.912   1.00 64.15 ? 508 ARG B NH2 1 
HETATM 1572 N N   . NH2 B 2 9   ? 10.296  -6.212  4.110   1.00 46.86 ? 509 NH2 B N   1 
HETATM 1573 C C   . ACY C 3 .   ? 8.051   16.976  -5.376  1.00 55.42 ? 437 ACY A C   1 
HETATM 1574 O O   . ACY C 3 .   ? 7.301   17.013  -4.331  1.00 55.01 ? 437 ACY A O   1 
HETATM 1575 O OXT . ACY C 3 .   ? 7.689   16.745  -6.556  1.00 54.25 ? 437 ACY A OXT 1 
HETATM 1576 C CH3 . ACY C 3 .   ? 9.558   17.246  -5.122  1.00 55.64 ? 437 ACY A CH3 1 
HETATM 1577 O O   . HOH D 4 .   ? -5.341  7.219   16.556  1.00 56.40 ? 300 HOH A O   1 
HETATM 1578 O O   . HOH D 4 .   ? -2.407  -9.620  14.785  1.00 35.90 ? 301 HOH A O   1 
HETATM 1579 O O   . HOH D 4 .   ? 16.650  1.748   18.497  1.00 50.40 ? 302 HOH A O   1 
HETATM 1580 O O   . HOH D 4 .   ? -16.526 8.952   5.057   1.00 42.67 ? 303 HOH A O   1 
HETATM 1581 O O   . HOH D 4 .   ? -9.761  7.871   -8.859  1.00 42.28 ? 304 HOH A O   1 
HETATM 1582 O O   . HOH D 4 .   ? -5.189  -7.141  -13.250 1.00 44.66 ? 305 HOH A O   1 
HETATM 1583 O O   . HOH D 4 .   ? -16.320 -6.123  1.133   1.00 58.05 ? 306 HOH A O   1 
HETATM 1584 O O   . HOH D 4 .   ? -15.399 -2.800  4.544   1.00 26.20 ? 307 HOH A O   1 
HETATM 1585 O O   . HOH D 4 .   ? -8.383  -0.036  -11.129 1.00 33.09 ? 308 HOH A O   1 
HETATM 1586 O O   . HOH D 4 .   ? -16.218 -11.127 7.347   1.00 36.69 ? 309 HOH A O   1 
HETATM 1587 O O   . HOH D 4 .   ? -15.190 -9.410  -4.114  1.00 51.11 ? 310 HOH A O   1 
HETATM 1588 O O   . HOH D 4 .   ? -12.035 -10.824 -9.908  1.00 34.63 ? 311 HOH A O   1 
HETATM 1589 O O   . HOH D 4 .   ? -5.577  -19.208 -7.985  1.00 42.63 ? 312 HOH A O   1 
HETATM 1590 O O   . HOH D 4 .   ? -5.626  -10.143 -13.287 1.00 30.93 ? 313 HOH A O   1 
HETATM 1591 O O   . HOH D 4 .   ? 7.180   -9.353  3.767   1.00 28.65 ? 314 HOH A O   1 
HETATM 1592 O O   . HOH D 4 .   ? -14.469 -7.727  2.058   1.00 33.67 ? 315 HOH A O   1 
HETATM 1593 O O   . HOH D 4 .   ? -10.462 -9.608  7.782   1.00 16.40 ? 316 HOH A O   1 
HETATM 1594 O O   . HOH D 4 .   ? -10.773 -12.795 11.427  1.00 38.25 ? 317 HOH A O   1 
HETATM 1595 O O   . HOH D 4 .   ? 12.745  -6.869  -13.593 1.00 43.06 ? 318 HOH A O   1 
HETATM 1596 O O   . HOH D 4 .   ? -15.867 4.818   10.355  1.00 33.41 ? 319 HOH A O   1 
HETATM 1597 O O   . HOH D 4 .   ? 11.380  -1.074  -15.873 1.00 32.17 ? 320 HOH A O   1 
HETATM 1598 O O   . HOH D 4 .   ? -7.528  6.799   -7.787  1.00 34.66 ? 321 HOH A O   1 
HETATM 1599 O O   . HOH D 4 .   ? -1.820  -17.326 -6.237  1.00 48.66 ? 322 HOH A O   1 
HETATM 1600 O O   . HOH D 4 .   ? -11.826 -6.514  14.128  1.00 36.04 ? 323 HOH A O   1 
HETATM 1601 O O   . HOH D 4 .   ? -10.845 8.936   11.267  1.00 35.64 ? 324 HOH A O   1 
HETATM 1602 O O   . HOH D 4 .   ? -3.708  -16.651 -4.296  1.00 23.56 ? 325 HOH A O   1 
HETATM 1603 O O   . HOH D 4 .   ? -3.778  -5.585  -15.160 1.00 33.70 ? 326 HOH A O   1 
HETATM 1604 O O   . HOH D 4 .   ? -14.854 4.326   12.622  1.00 43.70 ? 327 HOH A O   1 
HETATM 1605 O O   . HOH D 4 .   ? 9.544   -7.129  15.594  1.00 34.98 ? 328 HOH A O   1 
HETATM 1606 O O   . HOH D 4 .   ? -2.810  -18.528 12.265  1.00 42.07 ? 329 HOH A O   1 
HETATM 1607 O O   . HOH D 4 .   ? -14.423 -11.168 4.912   1.00 27.90 ? 330 HOH A O   1 
HETATM 1608 O O   . HOH D 4 .   ? 3.179   -6.067  15.137  1.00 22.59 ? 331 HOH A O   1 
HETATM 1609 O O   . HOH D 4 .   ? 5.349   -8.748  18.989  1.00 50.91 ? 332 HOH A O   1 
HETATM 1610 O O   . HOH D 4 .   ? -5.097  -10.669 17.374  1.00 29.04 ? 333 HOH A O   1 
HETATM 1611 O O   . HOH D 4 .   ? -14.190 -2.324  -7.885  1.00 49.41 ? 334 HOH A O   1 
HETATM 1612 O O   . HOH D 4 .   ? -13.074 -3.440  -3.197  1.00 29.14 ? 335 HOH A O   1 
HETATM 1613 O O   . HOH D 4 .   ? -12.533 -11.232 8.157   1.00 36.49 ? 336 HOH A O   1 
HETATM 1614 O O   . HOH D 4 .   ? -19.179 3.775   4.171   1.00 38.93 ? 337 HOH A O   1 
HETATM 1615 O O   . HOH D 4 .   ? -9.119  -14.746 12.847  1.00 19.95 ? 339 HOH A O   1 
HETATM 1616 O O   . HOH D 4 .   ? -4.713  -18.120 0.234   1.00 28.66 ? 340 HOH A O   1 
HETATM 1617 O O   . HOH D 4 .   ? -12.584 -13.089 5.595   1.00 24.65 ? 341 HOH A O   1 
HETATM 1618 O O   . HOH D 4 .   ? -12.609 1.091   12.758  1.00 29.51 ? 342 HOH A O   1 
HETATM 1619 O O   . HOH D 4 .   ? 0.056   -19.323 10.779  1.00 28.84 ? 343 HOH A O   1 
HETATM 1620 O O   . HOH D 4 .   ? 5.503   -11.653 -11.144 1.00 30.71 ? 344 HOH A O   1 
HETATM 1621 O O   . HOH D 4 .   ? -14.746 -1.283  -2.402  1.00 35.44 ? 345 HOH A O   1 
HETATM 1622 O O   . HOH D 4 .   ? -5.898  -17.978 -5.479  1.00 25.79 ? 346 HOH A O   1 
HETATM 1623 O O   . HOH D 4 .   ? 1.860   -16.770 17.678  1.00 37.03 ? 347 HOH A O   1 
HETATM 1624 O O   . HOH D 4 .   ? -4.115  -4.279  10.684  1.00 17.28 ? 348 HOH A O   1 
HETATM 1625 O O   . HOH D 4 .   ? 6.171   -11.786 21.578  1.00 57.24 ? 349 HOH A O   1 
HETATM 1626 O O   . HOH D 4 .   ? -14.128 2.789   -12.810 1.00 65.95 ? 350 HOH A O   1 
HETATM 1627 O O   . HOH D 4 .   ? -2.264  8.419   -10.336 1.00 48.23 ? 351 HOH A O   1 
HETATM 1628 O O   . HOH D 4 .   ? -5.361  -13.605 -11.585 1.00 41.08 ? 352 HOH A O   1 
HETATM 1629 O O   . HOH D 4 .   ? -5.134  -6.743  17.274  1.00 32.73 ? 353 HOH A O   1 
HETATM 1630 O O   . HOH D 4 .   ? -17.180 -6.952  9.756   1.00 44.19 ? 354 HOH A O   1 
HETATM 1631 O O   . HOH D 4 .   ? -7.590  13.560  7.962   1.00 71.31 ? 355 HOH A O   1 
HETATM 1632 O O   . HOH D 4 .   ? -6.486  2.185   24.274  1.00 48.72 ? 356 HOH A O   1 
HETATM 1633 O O   . HOH D 4 .   ? 1.231   -12.473 -13.886 1.00 51.57 ? 358 HOH A O   1 
HETATM 1634 O O   . HOH D 4 .   ? -19.438 3.044   -1.671  1.00 46.45 ? 359 HOH A O   1 
HETATM 1635 O O   . HOH D 4 .   ? -13.292 -4.833  13.911  1.00 43.62 ? 360 HOH A O   1 
HETATM 1636 O O   . HOH D 4 .   ? -10.243 2.174   12.342  1.00 31.86 ? 361 HOH A O   1 
HETATM 1637 O O   . HOH D 4 .   ? 0.340   3.462   16.598  1.00 49.62 ? 362 HOH A O   1 
HETATM 1638 O O   . HOH D 4 .   ? 9.372   -3.700  16.326  1.00 34.94 ? 363 HOH A O   1 
HETATM 1639 O O   . HOH D 4 .   ? 14.551  -6.401  -11.811 1.00 49.07 ? 364 HOH A O   1 
HETATM 1640 O O   . HOH D 4 .   ? 6.948   -6.362  -16.997 1.00 51.33 ? 365 HOH A O   1 
HETATM 1641 O O   . HOH D 4 .   ? 6.712   -1.876  7.554   1.00 52.97 ? 366 HOH A O   1 
HETATM 1642 O O   . HOH D 4 .   ? 8.885   -11.047 20.844  1.00 47.33 ? 367 HOH A O   1 
HETATM 1643 O O   . HOH D 4 .   ? 10.505  -14.107 20.421  1.00 36.02 ? 368 HOH A O   1 
HETATM 1644 O O   . HOH D 4 .   ? 4.500   -17.433 0.034   1.00 53.16 ? 369 HOH A O   1 
HETATM 1645 O O   . HOH D 4 .   ? -2.702  -17.232 -1.364  1.00 38.31 ? 371 HOH A O   1 
HETATM 1646 O O   . HOH D 4 .   ? 14.749  -2.612  -15.656 1.00 53.13 ? 372 HOH A O   1 
HETATM 1647 O O   . HOH D 4 .   ? -3.485  0.513   -14.852 1.00 51.19 ? 373 HOH A O   1 
HETATM 1648 O O   . HOH D 4 .   ? -10.415 0.775   -9.451  1.00 35.90 ? 374 HOH A O   1 
HETATM 1649 O O   . HOH D 4 .   ? -18.106 -3.209  5.764   1.00 45.18 ? 375 HOH A O   1 
HETATM 1650 O O   . HOH D 4 .   ? -7.503  -10.080 17.562  1.00 25.31 ? 376 HOH A O   1 
HETATM 1651 O O   . HOH D 4 .   ? 1.054   -7.170  16.463  1.00 27.94 ? 377 HOH A O   1 
HETATM 1652 O O   . HOH D 4 .   ? -14.077 7.397   11.822  1.00 57.55 ? 378 HOH A O   1 
HETATM 1653 O O   . HOH D 4 .   ? -5.623  11.843  6.351   1.00 43.25 ? 379 HOH A O   1 
HETATM 1654 O O   . HOH D 4 .   ? -7.839  5.141   -11.979 1.00 62.60 ? 380 HOH A O   1 
HETATM 1655 O O   . HOH D 4 .   ? 11.462  14.478  -13.445 1.00 57.13 ? 381 HOH A O   1 
HETATM 1656 O O   . HOH D 4 .   ? -17.005 9.355   -6.608  1.00 46.64 ? 382 HOH A O   1 
HETATM 1657 O O   . HOH D 4 .   ? 4.744   -4.646  17.093  1.00 33.88 ? 383 HOH A O   1 
HETATM 1658 O O   . HOH D 4 .   ? 11.942  -2.442  13.464  1.00 41.31 ? 384 HOH A O   1 
HETATM 1659 O O   . HOH D 4 .   ? 9.240   5.644   17.612  1.00 62.20 ? 385 HOH A O   1 
HETATM 1660 O O   . HOH D 4 .   ? 5.725   -1.460  19.111  1.00 51.66 ? 386 HOH A O   1 
HETATM 1661 O O   . HOH D 4 .   ? -0.180  -9.414  15.854  1.00 36.48 ? 387 HOH A O   1 
HETATM 1662 O O   . HOH D 4 .   ? -3.901  -6.432  19.626  1.00 46.07 ? 388 HOH A O   1 
HETATM 1663 O O   . HOH D 4 .   ? -8.938  -4.834  -13.936 1.00 38.03 ? 389 HOH A O   1 
HETATM 1664 O O   . HOH D 4 .   ? -7.434  -6.875  -16.616 1.00 63.17 ? 390 HOH A O   1 
HETATM 1665 O O   . HOH D 4 .   ? -0.822  -15.415 -8.301  1.00 54.41 ? 391 HOH A O   1 
HETATM 1666 O O   . HOH D 4 .   ? -11.084 -10.109 11.951  1.00 33.78 ? 392 HOH A O   1 
HETATM 1667 O O   . HOH D 4 .   ? 9.509   9.985   2.576   1.00 57.41 ? 393 HOH A O   1 
HETATM 1668 O O   . HOH D 4 .   ? -13.209 0.184   16.149  1.00 60.82 ? 394 HOH A O   1 
HETATM 1669 O O   . HOH D 4 .   ? 3.478   8.738   4.678   1.00 57.42 ? 395 HOH A O   1 
HETATM 1670 O O   . HOH D 4 .   ? -11.924 -7.362  -9.410  1.00 28.45 ? 396 HOH A O   1 
HETATM 1671 O O   . HOH D 4 .   ? 7.737   -7.944  18.076  1.00 47.18 ? 397 HOH A O   1 
HETATM 1672 O O   . HOH D 4 .   ? -15.028 -5.422  -1.913  1.00 53.17 ? 398 HOH A O   1 
HETATM 1673 O O   . HOH D 4 .   ? -3.533  0.051   21.618  1.00 46.62 ? 399 HOH A O   1 
HETATM 1674 O O   . HOH D 4 .   ? -8.342  -1.455  22.973  1.00 47.40 ? 400 HOH A O   1 
HETATM 1675 O O   . HOH D 4 .   ? 13.126  -7.389  -0.612  1.00 51.40 ? 402 HOH A O   1 
HETATM 1676 O O   . HOH D 4 .   ? -19.086 7.358   4.404   1.00 47.44 ? 403 HOH A O   1 
HETATM 1677 O O   . HOH D 4 .   ? -20.397 6.398   6.807   1.00 52.00 ? 404 HOH A O   1 
HETATM 1678 O O   . HOH D 4 .   ? 12.979  7.025   -17.254 1.00 51.68 ? 405 HOH A O   1 
HETATM 1679 O O   . HOH D 4 .   ? 5.635   17.969  -10.582 1.00 65.03 ? 406 HOH A O   1 
HETATM 1680 O O   . HOH D 4 .   ? 5.570   18.395  -8.146  1.00 52.23 ? 407 HOH A O   1 
HETATM 1681 O O   . HOH D 4 .   ? 11.716  11.714  18.245  1.00 61.54 ? 408 HOH A O   1 
HETATM 1682 O O   . HOH D 4 .   ? 7.337   -12.861 -9.908  1.00 50.25 ? 409 HOH A O   1 
HETATM 1683 O O   . HOH D 4 .   ? -7.367  -16.100 -11.157 1.00 49.90 ? 410 HOH A O   1 
HETATM 1684 O O   . HOH D 4 .   ? -3.308  -20.079 10.497  0.33 24.89 ? 411 HOH A O   1 
HETATM 1685 O O   . HOH D 4 .   ? -9.409  -16.382 10.688  0.33 24.89 ? 412 HOH A O   1 
HETATM 1686 O O   . HOH D 4 .   ? -3.466  1.747   24.900  1.00 57.73 ? 413 HOH A O   1 
HETATM 1687 O O   . HOH D 4 .   ? -9.692  15.587  -10.639 1.00 63.56 ? 414 HOH A O   1 
HETATM 1688 O O   . HOH D 4 .   ? -7.516  14.828  -8.220  0.50 35.52 ? 415 HOH A O   1 
HETATM 1689 O O   . HOH D 4 .   ? 7.291   -5.390  17.284  1.00 48.82 ? 416 HOH A O   1 
HETATM 1690 O O   . HOH D 4 .   ? -5.646  8.098   13.588  1.00 50.55 ? 417 HOH A O   1 
HETATM 1691 O O   . HOH D 4 .   ? 1.082   5.092   14.540  1.00 54.54 ? 418 HOH A O   1 
HETATM 1692 O O   . HOH D 4 .   ? 9.852   -10.972 -3.949  1.00 48.17 ? 419 HOH A O   1 
HETATM 1693 O O   . HOH D 4 .   ? -13.529 6.716   16.626  1.00 55.29 ? 420 HOH A O   1 
HETATM 1694 O O   . HOH D 4 .   ? -19.374 4.055   8.335   1.00 44.87 ? 421 HOH A O   1 
HETATM 1695 O O   . HOH D 4 .   ? 9.916   -8.164  -17.912 1.00 59.37 ? 422 HOH A O   1 
HETATM 1696 O O   . HOH D 4 .   ? 16.617  -2.979  -13.049 1.00 62.23 ? 423 HOH A O   1 
HETATM 1697 O O   . HOH D 4 .   ? -13.801 1.045   -8.817  1.00 42.25 ? 424 HOH A O   1 
HETATM 1698 O O   . HOH D 4 .   ? -5.556  2.069   -13.979 1.00 46.80 ? 425 HOH A O   1 
HETATM 1699 O O   . HOH D 4 .   ? -0.865  3.088   -19.203 1.00 61.58 ? 426 HOH A O   1 
HETATM 1700 O O   . HOH D 4 .   ? -12.627 -0.972  18.456  1.00 62.40 ? 427 HOH A O   1 
HETATM 1701 O O   . HOH D 4 .   ? -3.218  7.766   15.468  1.00 59.13 ? 428 HOH A O   1 
HETATM 1702 O O   . HOH D 4 .   ? -2.693  -18.833 1.211   1.00 41.17 ? 429 HOH A O   1 
HETATM 1703 O O   . HOH D 4 .   ? -8.147  8.828   -11.404 1.00 55.06 ? 430 HOH A O   1 
HETATM 1704 O O   . HOH D 4 .   ? -14.941 8.407   -10.279 1.00 60.12 ? 431 HOH A O   1 
HETATM 1705 O O   . HOH D 4 .   ? -13.321 6.635   -10.623 1.00 64.45 ? 432 HOH A O   1 
HETATM 1706 O O   . HOH D 4 .   ? -20.915 2.659   2.573   1.00 54.09 ? 433 HOH A O   1 
HETATM 1707 O O   . HOH D 4 .   ? -17.661 -3.386  3.079   1.00 52.70 ? 434 HOH A O   1 
HETATM 1708 O O   . HOH E 4 .   ? 5.495   0.469   2.183   1.00 30.83 ? 338 HOH B O   1 
HETATM 1709 O O   . HOH E 4 .   ? 12.311  -9.877  3.949   1.00 47.57 ? 357 HOH B O   1 
HETATM 1710 O O   . HOH E 4 .   ? 9.715   -9.004  5.477   1.00 46.03 ? 370 HOH B O   1 
HETATM 1711 O O   . HOH E 4 .   ? 12.650  -4.826  0.236   1.00 42.52 ? 401 HOH B O   1 
HETATM 1712 O O   . HOH E 4 .   ? 11.978  -8.465  1.775   1.00 47.51 ? 435 HOH B O   1 
HETATM 1713 O O   . HOH E 4 .   ? 11.456  -3.317  6.557   1.00 56.50 ? 436 HOH B O   1 
# 
